data_2EDH
#
_entry.id   2EDH
#
_entity_poly.entity_id   1
_entity_poly.type   'polypeptide(L)'
_entity_poly.pdbx_seq_one_letter_code
;GSSGSSGRTSAMLTVRALPIKFTEGLRNEEATEGATAVLRCELSKMAPVEWWKGHETLRDGDRHSLRQDGARCELQIRGL
VAEDAGEYLCMCGKERTSAMLTVRAMPSGPSSG
;
_entity_poly.pdbx_strand_id   A
#
# COMPACT_ATOMS: atom_id res chain seq x y z
N GLY A 1 -3.18 -29.15 22.33
CA GLY A 1 -2.57 -29.39 21.03
C GLY A 1 -2.08 -28.10 20.39
N SER A 2 -2.97 -27.42 19.67
CA SER A 2 -2.62 -26.19 18.99
C SER A 2 -3.73 -25.15 19.14
N SER A 3 -3.73 -24.43 20.25
CA SER A 3 -4.74 -23.41 20.52
C SER A 3 -4.20 -22.35 21.46
N GLY A 4 -3.65 -21.28 20.88
CA GLY A 4 -3.11 -20.20 21.67
C GLY A 4 -4.17 -19.22 22.14
N SER A 5 -4.44 -19.21 23.43
CA SER A 5 -5.45 -18.32 23.99
C SER A 5 -4.88 -16.91 24.19
N SER A 6 -5.39 -15.95 23.42
CA SER A 6 -4.93 -14.58 23.51
C SER A 6 -5.80 -13.78 24.48
N GLY A 7 -7.06 -14.15 24.58
CA GLY A 7 -7.97 -13.46 25.49
C GLY A 7 -8.89 -12.50 24.76
N ARG A 8 -8.30 -11.62 23.96
CA ARG A 8 -9.07 -10.64 23.21
C ARG A 8 -10.14 -11.32 22.35
N THR A 9 -11.40 -11.10 22.71
CA THR A 9 -12.51 -11.70 21.98
C THR A 9 -13.36 -10.63 21.29
N SER A 10 -13.76 -10.91 20.06
CA SER A 10 -14.58 -9.97 19.29
C SER A 10 -15.07 -10.61 17.99
N ALA A 11 -16.31 -11.08 18.02
CA ALA A 11 -16.91 -11.72 16.85
C ALA A 11 -17.75 -10.72 16.05
N MET A 12 -17.52 -10.69 14.73
CA MET A 12 -18.26 -9.78 13.87
C MET A 12 -18.54 -10.44 12.52
N LEU A 13 -19.81 -10.65 12.21
CA LEU A 13 -20.22 -11.26 10.95
C LEU A 13 -19.80 -10.39 9.77
N THR A 14 -19.33 -11.04 8.71
CA THR A 14 -18.89 -10.34 7.51
C THR A 14 -20.01 -10.29 6.47
N VAL A 15 -20.54 -9.09 6.23
CA VAL A 15 -21.61 -8.92 5.25
C VAL A 15 -21.05 -8.50 3.90
N ARG A 16 -21.88 -8.62 2.86
CA ARG A 16 -21.47 -8.25 1.51
C ARG A 16 -22.43 -7.22 0.91
N ALA A 17 -22.64 -6.13 1.64
CA ALA A 17 -23.52 -5.07 1.17
C ALA A 17 -22.88 -3.69 1.35
N LEU A 18 -23.54 -2.67 0.83
CA LEU A 18 -23.03 -1.30 0.93
C LEU A 18 -21.69 -1.16 0.21
N PRO A 19 -21.32 0.08 -0.12
CA PRO A 19 -20.06 0.38 -0.80
C PRO A 19 -18.85 0.15 0.09
N ILE A 20 -17.66 0.27 -0.49
CA ILE A 20 -16.42 0.08 0.26
C ILE A 20 -15.56 1.33 0.23
N LYS A 21 -15.07 1.74 1.40
CA LYS A 21 -14.23 2.92 1.51
C LYS A 21 -12.86 2.57 2.08
N PHE A 22 -12.01 3.58 2.23
CA PHE A 22 -10.67 3.37 2.78
C PHE A 22 -10.61 3.75 4.25
N THR A 23 -10.04 2.87 5.06
CA THR A 23 -9.92 3.12 6.49
C THR A 23 -8.54 3.66 6.84
N GLU A 24 -7.53 3.25 6.08
CA GLU A 24 -6.16 3.69 6.31
C GLU A 24 -5.46 3.99 4.99
N GLY A 25 -5.72 5.16 4.43
CA GLY A 25 -5.11 5.53 3.17
C GLY A 25 -3.59 5.47 3.23
N LEU A 26 -2.97 5.32 2.06
CA LEU A 26 -1.51 5.25 1.99
C LEU A 26 -0.86 6.44 2.71
N ARG A 27 0.36 6.24 3.18
CA ARG A 27 1.09 7.29 3.88
C ARG A 27 2.46 7.51 3.25
N ASN A 28 2.94 8.75 3.31
CA ASN A 28 4.24 9.09 2.75
C ASN A 28 5.35 8.24 3.37
N GLU A 29 5.81 7.24 2.61
CA GLU A 29 6.86 6.35 3.08
C GLU A 29 8.20 6.72 2.45
N GLU A 30 9.22 6.89 3.28
CA GLU A 30 10.56 7.24 2.80
C GLU A 30 11.51 6.06 2.95
N ALA A 31 12.29 5.80 1.90
CA ALA A 31 13.25 4.70 1.92
C ALA A 31 14.64 5.18 1.51
N THR A 32 15.63 4.30 1.66
CA THR A 32 17.00 4.63 1.31
C THR A 32 17.45 3.89 0.06
N GLU A 33 18.34 4.51 -0.71
CA GLU A 33 18.85 3.92 -1.93
C GLU A 33 19.47 2.54 -1.65
N GLY A 34 19.30 1.62 -2.60
CA GLY A 34 19.85 0.29 -2.43
C GLY A 34 19.17 -0.49 -1.31
N ALA A 35 17.97 -0.06 -0.96
CA ALA A 35 17.21 -0.73 0.11
C ALA A 35 15.92 -1.33 -0.43
N THR A 36 15.06 -1.80 0.47
CA THR A 36 13.80 -2.40 0.09
C THR A 36 12.62 -1.60 0.65
N ALA A 37 11.82 -1.04 -0.25
CA ALA A 37 10.65 -0.26 0.15
C ALA A 37 9.36 -1.04 -0.06
N VAL A 38 8.44 -0.90 0.90
CA VAL A 38 7.16 -1.59 0.83
C VAL A 38 6.06 -0.79 1.51
N LEU A 39 4.98 -0.53 0.77
CA LEU A 39 3.85 0.23 1.31
C LEU A 39 2.74 -0.70 1.75
N ARG A 40 1.87 -0.19 2.63
CA ARG A 40 0.74 -0.99 3.13
C ARG A 40 -0.47 -0.10 3.40
N CYS A 41 -1.65 -0.64 3.17
CA CYS A 41 -2.88 0.10 3.38
C CYS A 41 -4.03 -0.84 3.74
N GLU A 42 -4.94 -0.36 4.59
CA GLU A 42 -6.08 -1.17 5.01
C GLU A 42 -7.38 -0.62 4.42
N LEU A 43 -8.23 -1.53 3.95
CA LEU A 43 -9.51 -1.14 3.36
C LEU A 43 -10.66 -1.45 4.31
N SER A 44 -11.87 -1.05 3.91
CA SER A 44 -13.05 -1.27 4.73
C SER A 44 -13.58 -2.70 4.55
N LYS A 45 -13.30 -3.27 3.39
CA LYS A 45 -13.74 -4.63 3.08
C LYS A 45 -12.88 -5.25 1.99
N MET A 46 -12.68 -6.56 2.06
CA MET A 46 -11.89 -7.27 1.07
C MET A 46 -12.38 -6.98 -0.35
N ALA A 47 -11.46 -6.59 -1.21
CA ALA A 47 -11.80 -6.27 -2.60
C ALA A 47 -10.54 -6.06 -3.44
N PRO A 48 -10.70 -6.18 -4.77
CA PRO A 48 -9.59 -6.00 -5.71
C PRO A 48 -9.13 -4.55 -5.79
N VAL A 49 -7.84 -4.36 -6.09
CA VAL A 49 -7.27 -3.02 -6.19
C VAL A 49 -6.33 -2.92 -7.39
N GLU A 50 -5.96 -1.70 -7.74
CA GLU A 50 -5.06 -1.47 -8.87
C GLU A 50 -4.05 -0.38 -8.53
N TRP A 51 -2.77 -0.74 -8.59
CA TRP A 51 -1.69 0.21 -8.30
C TRP A 51 -1.31 1.00 -9.54
N TRP A 52 -1.41 2.32 -9.45
CA TRP A 52 -1.08 3.19 -10.56
C TRP A 52 0.12 4.09 -10.22
N LYS A 53 0.79 4.58 -11.25
CA LYS A 53 1.94 5.46 -11.06
C LYS A 53 1.89 6.66 -11.99
N GLY A 54 1.36 7.77 -11.47
CA GLY A 54 1.26 8.97 -12.27
C GLY A 54 0.15 8.89 -13.31
N HIS A 55 0.41 8.17 -14.40
CA HIS A 55 -0.57 8.02 -15.46
C HIS A 55 -0.40 6.68 -16.16
N GLU A 56 0.05 5.67 -15.41
CA GLU A 56 0.26 4.34 -15.96
C GLU A 56 -0.01 3.26 -14.91
N THR A 57 -0.22 2.04 -15.37
CA THR A 57 -0.50 0.93 -14.47
C THR A 57 0.75 0.08 -14.24
N LEU A 58 0.89 -0.44 -13.03
CA LEU A 58 2.05 -1.27 -12.68
C LEU A 58 1.72 -2.75 -12.81
N ARG A 59 2.75 -3.58 -12.81
CA ARG A 59 2.57 -5.03 -12.93
C ARG A 59 3.32 -5.76 -11.82
N ASP A 60 3.01 -7.04 -11.65
CA ASP A 60 3.67 -7.86 -10.63
C ASP A 60 4.66 -8.82 -11.27
N GLY A 61 5.89 -8.82 -10.75
CA GLY A 61 6.91 -9.70 -11.27
C GLY A 61 8.01 -9.99 -10.25
N ASP A 62 9.25 -9.78 -10.66
CA ASP A 62 10.39 -10.03 -9.77
C ASP A 62 10.68 -8.80 -8.91
N ARG A 63 11.21 -7.76 -9.53
CA ARG A 63 11.54 -6.53 -8.82
C ARG A 63 10.33 -6.02 -8.03
N HIS A 64 9.15 -6.13 -8.63
CA HIS A 64 7.92 -5.68 -7.98
C HIS A 64 7.12 -6.87 -7.45
N SER A 65 6.92 -6.90 -6.14
CA SER A 65 6.17 -7.99 -5.51
C SER A 65 4.84 -7.49 -4.96
N LEU A 66 3.74 -7.91 -5.59
CA LEU A 66 2.41 -7.49 -5.16
C LEU A 66 1.76 -8.58 -4.32
N ARG A 67 1.31 -8.22 -3.12
CA ARG A 67 0.66 -9.17 -2.23
C ARG A 67 -0.61 -8.56 -1.63
N GLN A 68 -1.56 -9.41 -1.29
CA GLN A 68 -2.81 -8.97 -0.70
C GLN A 68 -3.39 -10.02 0.25
N ASP A 69 -3.88 -9.58 1.39
CA ASP A 69 -4.45 -10.48 2.38
C ASP A 69 -5.73 -9.90 2.98
N GLY A 70 -6.87 -10.26 2.42
CA GLY A 70 -8.14 -9.76 2.91
C GLY A 70 -8.29 -8.27 2.72
N ALA A 71 -8.21 -7.51 3.81
CA ALA A 71 -8.33 -6.06 3.74
C ALA A 71 -6.99 -5.38 4.02
N ARG A 72 -5.91 -6.09 3.71
CA ARG A 72 -4.57 -5.55 3.91
C ARG A 72 -3.70 -5.75 2.68
N CYS A 73 -3.57 -4.71 1.88
CA CYS A 73 -2.77 -4.77 0.65
C CYS A 73 -1.36 -4.24 0.90
N GLU A 74 -0.43 -4.60 0.01
CA GLU A 74 0.96 -4.17 0.14
C GLU A 74 1.69 -4.33 -1.18
N LEU A 75 2.72 -3.52 -1.39
CA LEU A 75 3.52 -3.57 -2.60
C LEU A 75 5.01 -3.44 -2.29
N GLN A 76 5.74 -4.54 -2.44
CA GLN A 76 7.17 -4.55 -2.18
C GLN A 76 7.95 -4.24 -3.44
N ILE A 77 9.07 -3.52 -3.29
CA ILE A 77 9.91 -3.16 -4.42
C ILE A 77 11.39 -3.35 -4.08
N ARG A 78 12.01 -4.35 -4.73
CA ARG A 78 13.42 -4.63 -4.50
C ARG A 78 14.28 -3.92 -5.53
N GLY A 79 15.49 -3.54 -5.12
CA GLY A 79 16.41 -2.86 -6.02
C GLY A 79 16.04 -1.40 -6.22
N LEU A 80 15.96 -0.66 -5.12
CA LEU A 80 15.61 0.76 -5.17
C LEU A 80 16.64 1.55 -5.97
N VAL A 81 16.35 2.81 -6.22
CA VAL A 81 17.26 3.68 -6.98
C VAL A 81 16.87 5.14 -6.83
N ALA A 82 15.82 5.55 -7.54
CA ALA A 82 15.35 6.93 -7.49
C ALA A 82 14.14 7.12 -8.40
N GLU A 83 14.13 6.41 -9.51
CA GLU A 83 13.02 6.51 -10.47
C GLU A 83 11.73 5.97 -9.87
N ASP A 84 11.86 4.95 -9.03
CA ASP A 84 10.70 4.33 -8.38
C ASP A 84 9.86 5.38 -7.68
N ALA A 85 10.51 6.44 -7.20
CA ALA A 85 9.81 7.51 -6.50
C ALA A 85 8.74 8.13 -7.38
N GLY A 86 7.68 8.65 -6.75
CA GLY A 86 6.60 9.26 -7.49
C GLY A 86 5.29 9.25 -6.73
N GLU A 87 4.18 9.11 -7.44
CA GLU A 87 2.87 9.08 -6.83
C GLU A 87 2.21 7.72 -7.01
N TYR A 88 2.19 6.93 -5.95
CA TYR A 88 1.59 5.60 -5.99
C TYR A 88 0.10 5.66 -5.68
N LEU A 89 -0.73 5.26 -6.65
CA LEU A 89 -2.17 5.28 -6.47
C LEU A 89 -2.69 3.87 -6.16
N CYS A 90 -3.93 3.79 -5.68
CA CYS A 90 -4.54 2.52 -5.34
C CYS A 90 -6.07 2.62 -5.39
N MET A 91 -6.65 2.25 -6.54
CA MET A 91 -8.09 2.31 -6.71
C MET A 91 -8.73 0.97 -6.34
N CYS A 92 -9.71 1.03 -5.44
CA CYS A 92 -10.41 -0.18 -4.99
C CYS A 92 -11.90 -0.09 -5.30
N GLY A 93 -12.30 -0.68 -6.41
CA GLY A 93 -13.70 -0.66 -6.80
C GLY A 93 -14.15 0.71 -7.28
N LYS A 94 -14.41 1.61 -6.34
CA LYS A 94 -14.85 2.95 -6.68
C LYS A 94 -13.90 3.99 -6.10
N GLU A 95 -13.70 3.93 -4.79
CA GLU A 95 -12.80 4.87 -4.11
C GLU A 95 -11.37 4.73 -4.63
N ARG A 96 -10.50 5.65 -4.20
CA ARG A 96 -9.11 5.63 -4.63
C ARG A 96 -8.24 6.44 -3.66
N THR A 97 -6.95 6.16 -3.67
CA THR A 97 -6.01 6.86 -2.80
C THR A 97 -4.67 7.06 -3.49
N SER A 98 -3.85 7.96 -2.94
CA SER A 98 -2.54 8.24 -3.50
C SER A 98 -1.57 8.70 -2.41
N ALA A 99 -0.30 8.33 -2.57
CA ALA A 99 0.73 8.69 -1.61
C ALA A 99 1.97 9.23 -2.30
N MET A 100 2.97 9.61 -1.51
CA MET A 100 4.21 10.15 -2.05
C MET A 100 5.42 9.37 -1.52
N LEU A 101 6.02 8.55 -2.37
CA LEU A 101 7.17 7.76 -1.98
C LEU A 101 8.47 8.51 -2.26
N THR A 102 9.34 8.59 -1.25
CA THR A 102 10.61 9.29 -1.39
C THR A 102 11.78 8.31 -1.30
N VAL A 103 12.79 8.52 -2.15
CA VAL A 103 13.96 7.65 -2.17
C VAL A 103 15.22 8.45 -1.88
N ARG A 104 15.85 8.18 -0.73
CA ARG A 104 17.07 8.86 -0.33
C ARG A 104 18.28 8.28 -1.07
N ALA A 105 19.43 8.91 -0.87
CA ALA A 105 20.67 8.46 -1.51
C ALA A 105 21.56 7.73 -0.52
N MET A 106 22.26 6.70 -1.00
CA MET A 106 23.15 5.93 -0.15
C MET A 106 24.22 6.82 0.48
N PRO A 107 24.83 6.31 1.57
CA PRO A 107 25.88 7.05 2.29
C PRO A 107 27.17 7.16 1.49
N SER A 108 27.61 8.39 1.26
CA SER A 108 28.84 8.64 0.51
C SER A 108 29.90 9.28 1.39
N GLY A 109 31.13 9.33 0.88
CA GLY A 109 32.22 9.92 1.63
C GLY A 109 32.72 9.01 2.74
N PRO A 110 33.56 9.55 3.62
CA PRO A 110 34.13 8.81 4.76
C PRO A 110 33.09 8.47 5.81
N SER A 111 32.78 7.18 5.95
CA SER A 111 31.79 6.73 6.91
C SER A 111 32.24 5.43 7.57
N SER A 112 31.80 5.22 8.81
CA SER A 112 32.15 4.02 9.55
C SER A 112 31.25 2.85 9.17
N GLY A 113 31.81 1.64 9.20
CA GLY A 113 31.04 0.46 8.85
C GLY A 113 31.82 -0.51 7.99
N GLY A 1 5.00 -22.53 21.09
CA GLY A 1 4.25 -21.36 21.52
C GLY A 1 4.97 -20.07 21.21
N SER A 2 4.42 -19.30 20.28
CA SER A 2 5.02 -18.02 19.88
C SER A 2 3.96 -16.94 19.77
N SER A 3 4.40 -15.70 19.60
CA SER A 3 3.50 -14.56 19.49
C SER A 3 2.64 -14.43 20.75
N GLY A 4 1.78 -13.40 20.77
CA GLY A 4 0.92 -13.18 21.91
C GLY A 4 0.01 -14.36 22.19
N SER A 5 0.27 -15.05 23.30
CA SER A 5 -0.54 -16.20 23.67
C SER A 5 -1.80 -15.77 24.40
N SER A 6 -2.92 -16.43 24.09
CA SER A 6 -4.20 -16.12 24.72
C SER A 6 -4.59 -14.67 24.45
N GLY A 7 -5.07 -14.39 23.24
CA GLY A 7 -5.47 -13.04 22.89
C GLY A 7 -6.36 -13.01 21.66
N ARG A 8 -7.46 -13.75 21.72
CA ARG A 8 -8.40 -13.80 20.60
C ARG A 8 -9.48 -12.74 20.75
N THR A 9 -9.96 -12.24 19.61
CA THR A 9 -11.00 -11.21 19.61
C THR A 9 -12.03 -11.45 18.51
N SER A 10 -11.57 -11.38 17.26
CA SER A 10 -12.44 -11.58 16.11
C SER A 10 -11.63 -11.82 14.85
N ALA A 11 -12.32 -12.21 13.78
CA ALA A 11 -11.66 -12.48 12.50
C ALA A 11 -12.66 -12.46 11.35
N MET A 12 -13.60 -13.40 11.37
CA MET A 12 -14.62 -13.49 10.34
C MET A 12 -15.85 -12.67 10.71
N LEU A 13 -16.13 -11.63 9.91
CA LEU A 13 -17.27 -10.77 10.17
C LEU A 13 -17.71 -10.06 8.88
N THR A 14 -17.69 -10.79 7.77
CA THR A 14 -18.08 -10.24 6.49
C THR A 14 -19.56 -9.89 6.47
N VAL A 15 -19.87 -8.60 6.41
CA VAL A 15 -21.25 -8.14 6.38
C VAL A 15 -21.78 -8.06 4.95
N ARG A 16 -20.87 -7.86 4.00
CA ARG A 16 -21.24 -7.77 2.59
C ARG A 16 -22.19 -6.59 2.36
N ALA A 17 -22.65 -6.46 1.12
CA ALA A 17 -23.57 -5.38 0.77
C ALA A 17 -22.91 -4.02 0.96
N LEU A 18 -23.55 -2.97 0.45
CA LEU A 18 -23.04 -1.63 0.57
C LEU A 18 -21.69 -1.49 -0.14
N PRO A 19 -21.30 -0.24 -0.45
CA PRO A 19 -20.04 0.06 -1.13
C PRO A 19 -18.83 -0.20 -0.23
N ILE A 20 -17.64 0.06 -0.77
CA ILE A 20 -16.41 -0.15 -0.02
C ILE A 20 -15.57 1.12 0.00
N LYS A 21 -15.02 1.45 1.17
CA LYS A 21 -14.19 2.64 1.33
C LYS A 21 -12.85 2.28 1.97
N PHE A 22 -11.89 3.19 1.87
CA PHE A 22 -10.57 2.97 2.45
C PHE A 22 -10.56 3.30 3.95
N THR A 23 -10.11 2.34 4.75
CA THR A 23 -10.06 2.52 6.20
C THR A 23 -8.76 3.18 6.63
N GLU A 24 -7.66 2.78 5.99
CA GLU A 24 -6.35 3.34 6.30
C GLU A 24 -5.57 3.66 5.02
N GLY A 25 -5.82 4.84 4.48
CA GLY A 25 -5.14 5.25 3.26
C GLY A 25 -3.63 5.13 3.37
N LEU A 26 -2.94 5.29 2.25
CA LEU A 26 -1.49 5.20 2.21
C LEU A 26 -0.85 6.32 3.02
N ARG A 27 0.42 6.15 3.36
CA ARG A 27 1.14 7.16 4.13
C ARG A 27 2.48 7.48 3.47
N ASN A 28 2.86 8.75 3.49
CA ASN A 28 4.11 9.20 2.89
C ASN A 28 5.29 8.39 3.45
N GLU A 29 5.95 7.64 2.58
CA GLU A 29 7.09 6.83 2.98
C GLU A 29 8.39 7.37 2.39
N GLU A 30 9.51 7.02 3.01
CA GLU A 30 10.81 7.48 2.53
C GLU A 30 11.89 6.44 2.84
N ALA A 31 12.64 6.04 1.82
CA ALA A 31 13.69 5.06 1.98
C ALA A 31 14.98 5.53 1.30
N THR A 32 16.08 4.83 1.58
CA THR A 32 17.37 5.18 1.00
C THR A 32 17.69 4.30 -0.21
N GLU A 33 18.52 4.81 -1.11
CA GLU A 33 18.89 4.07 -2.31
C GLU A 33 19.43 2.68 -1.94
N GLY A 34 18.83 1.66 -2.55
CA GLY A 34 19.26 0.30 -2.28
C GLY A 34 18.39 -0.38 -1.24
N ALA A 35 17.68 0.43 -0.45
CA ALA A 35 16.81 -0.10 0.60
C ALA A 35 15.59 -0.78 -0.01
N THR A 36 14.64 -1.14 0.85
CA THR A 36 13.41 -1.80 0.40
C THR A 36 12.17 -1.03 0.86
N ALA A 37 11.41 -0.51 -0.10
CA ALA A 37 10.20 0.24 0.21
C ALA A 37 8.96 -0.64 0.11
N VAL A 38 8.25 -0.76 1.22
CA VAL A 38 7.04 -1.58 1.26
C VAL A 38 5.87 -0.81 1.85
N LEU A 39 4.91 -0.45 1.00
CA LEU A 39 3.74 0.29 1.44
C LEU A 39 2.62 -0.65 1.86
N ARG A 40 1.78 -0.19 2.78
CA ARG A 40 0.67 -0.99 3.28
C ARG A 40 -0.59 -0.14 3.45
N CYS A 41 -1.75 -0.73 3.14
CA CYS A 41 -3.02 -0.02 3.26
C CYS A 41 -4.15 -0.99 3.56
N GLU A 42 -5.10 -0.54 4.37
CA GLU A 42 -6.24 -1.37 4.74
C GLU A 42 -7.52 -0.88 4.06
N LEU A 43 -8.45 -1.81 3.85
CA LEU A 43 -9.72 -1.47 3.20
C LEU A 43 -10.90 -1.84 4.09
N SER A 44 -12.09 -1.41 3.71
CA SER A 44 -13.30 -1.69 4.46
C SER A 44 -13.83 -3.09 4.14
N LYS A 45 -13.54 -3.56 2.94
CA LYS A 45 -13.99 -4.88 2.49
C LYS A 45 -13.07 -5.42 1.41
N MET A 46 -12.85 -6.73 1.44
CA MET A 46 -11.99 -7.39 0.46
C MET A 46 -12.44 -7.07 -0.96
N ALA A 47 -11.52 -6.59 -1.78
CA ALA A 47 -11.82 -6.25 -3.17
C ALA A 47 -10.56 -6.02 -3.97
N PRO A 48 -10.68 -6.11 -5.31
CA PRO A 48 -9.54 -5.92 -6.22
C PRO A 48 -9.07 -4.47 -6.25
N VAL A 49 -7.75 -4.28 -6.13
CA VAL A 49 -7.17 -2.95 -6.14
C VAL A 49 -6.23 -2.77 -7.34
N GLU A 50 -5.87 -1.53 -7.62
CA GLU A 50 -4.97 -1.22 -8.73
C GLU A 50 -3.91 -0.22 -8.32
N TRP A 51 -2.66 -0.60 -8.45
CA TRP A 51 -1.55 0.28 -8.09
C TRP A 51 -1.07 1.07 -9.29
N TRP A 52 -1.30 2.39 -9.26
CA TRP A 52 -0.90 3.26 -10.35
C TRP A 52 0.28 4.14 -9.95
N LYS A 53 1.11 4.49 -10.92
CA LYS A 53 2.28 5.32 -10.66
C LYS A 53 2.52 6.30 -11.80
N GLY A 54 2.08 7.54 -11.62
CA GLY A 54 2.26 8.55 -12.64
C GLY A 54 1.41 8.29 -13.87
N HIS A 55 0.09 8.24 -13.67
CA HIS A 55 -0.84 7.99 -14.78
C HIS A 55 -0.45 6.73 -15.53
N GLU A 56 0.09 5.76 -14.81
CA GLU A 56 0.51 4.50 -15.41
C GLU A 56 0.19 3.32 -14.50
N THR A 57 -0.03 2.15 -15.09
CA THR A 57 -0.35 0.95 -14.33
C THR A 57 0.87 0.06 -14.16
N LEU A 58 1.07 -0.44 -12.95
CA LEU A 58 2.21 -1.31 -12.66
C LEU A 58 1.86 -2.77 -12.89
N ARG A 59 2.79 -3.66 -12.57
CA ARG A 59 2.58 -5.09 -12.75
C ARG A 59 3.31 -5.89 -11.67
N ASP A 60 2.90 -7.14 -11.48
CA ASP A 60 3.52 -8.00 -10.49
C ASP A 60 4.58 -8.89 -11.13
N GLY A 61 5.79 -8.85 -10.58
CA GLY A 61 6.87 -9.66 -11.11
C GLY A 61 7.93 -9.95 -10.07
N ASP A 62 9.20 -9.82 -10.45
CA ASP A 62 10.32 -10.08 -9.55
C ASP A 62 10.60 -8.86 -8.67
N ARG A 63 11.01 -7.77 -9.30
CA ARG A 63 11.31 -6.53 -8.58
C ARG A 63 10.10 -6.06 -7.78
N HIS A 64 8.94 -6.08 -8.42
CA HIS A 64 7.71 -5.66 -7.76
C HIS A 64 6.90 -6.85 -7.27
N SER A 65 6.67 -6.90 -5.96
CA SER A 65 5.92 -8.00 -5.37
C SER A 65 4.57 -7.52 -4.83
N LEU A 66 3.50 -8.00 -5.44
CA LEU A 66 2.15 -7.61 -5.03
C LEU A 66 1.45 -8.76 -4.30
N ARG A 67 1.09 -8.53 -3.04
CA ARG A 67 0.42 -9.54 -2.24
C ARG A 67 -0.81 -8.96 -1.55
N GLN A 68 -1.90 -9.71 -1.56
CA GLN A 68 -3.15 -9.27 -0.95
C GLN A 68 -3.73 -10.36 -0.05
N ASP A 69 -4.29 -9.95 1.09
CA ASP A 69 -4.88 -10.90 2.02
C ASP A 69 -6.14 -10.31 2.67
N GLY A 70 -7.26 -10.44 1.96
CA GLY A 70 -8.51 -9.91 2.46
C GLY A 70 -8.64 -8.42 2.28
N ALA A 71 -8.57 -7.68 3.39
CA ALA A 71 -8.68 -6.23 3.35
C ALA A 71 -7.34 -5.57 3.69
N ARG A 72 -6.25 -6.28 3.42
CA ARG A 72 -4.91 -5.77 3.70
C ARG A 72 -3.98 -5.98 2.51
N CYS A 73 -3.63 -4.88 1.84
CA CYS A 73 -2.75 -4.95 0.69
C CYS A 73 -1.33 -4.52 1.05
N GLU A 74 -0.37 -4.93 0.24
CA GLU A 74 1.03 -4.59 0.49
C GLU A 74 1.85 -4.68 -0.80
N LEU A 75 2.59 -3.63 -1.11
CA LEU A 75 3.41 -3.59 -2.31
C LEU A 75 4.89 -3.45 -1.95
N GLN A 76 5.66 -4.50 -2.21
CA GLN A 76 7.09 -4.49 -1.92
C GLN A 76 7.91 -4.24 -3.19
N ILE A 77 9.02 -3.54 -3.04
CA ILE A 77 9.89 -3.25 -4.18
C ILE A 77 11.36 -3.41 -3.80
N ARG A 78 11.95 -4.52 -4.21
CA ARG A 78 13.36 -4.79 -3.92
C ARG A 78 14.26 -4.21 -5.01
N GLY A 79 15.33 -3.55 -4.58
CA GLY A 79 16.27 -2.96 -5.53
C GLY A 79 15.95 -1.51 -5.81
N LEU A 80 15.73 -0.73 -4.75
CA LEU A 80 15.41 0.68 -4.89
C LEU A 80 16.47 1.40 -5.73
N VAL A 81 16.16 2.62 -6.16
CA VAL A 81 17.08 3.41 -6.96
C VAL A 81 16.68 4.88 -6.97
N ALA A 82 15.65 5.20 -7.75
CA ALA A 82 15.18 6.58 -7.85
C ALA A 82 14.00 6.68 -8.81
N GLU A 83 14.02 5.85 -9.86
CA GLU A 83 12.95 5.86 -10.85
C GLU A 83 11.64 5.38 -10.23
N ASP A 84 11.74 4.53 -9.22
CA ASP A 84 10.56 4.00 -8.54
C ASP A 84 9.89 5.09 -7.70
N ALA A 85 10.69 6.05 -7.24
CA ALA A 85 10.18 7.14 -6.42
C ALA A 85 9.18 7.99 -7.19
N GLY A 86 8.21 8.55 -6.49
CA GLY A 86 7.21 9.38 -7.13
C GLY A 86 5.90 9.41 -6.37
N GLU A 87 4.79 9.20 -7.08
CA GLU A 87 3.47 9.20 -6.46
C GLU A 87 2.73 7.90 -6.77
N TYR A 88 2.50 7.10 -5.73
CA TYR A 88 1.81 5.83 -5.88
C TYR A 88 0.31 6.00 -5.65
N LEU A 89 -0.49 5.10 -6.24
CA LEU A 89 -1.93 5.16 -6.09
C LEU A 89 -2.49 3.77 -5.75
N CYS A 90 -3.75 3.74 -5.32
CA CYS A 90 -4.41 2.49 -4.97
C CYS A 90 -5.92 2.64 -4.98
N MET A 91 -6.53 2.31 -6.11
CA MET A 91 -7.99 2.41 -6.24
C MET A 91 -8.65 1.06 -5.99
N CYS A 92 -9.69 1.06 -5.18
CA CYS A 92 -10.42 -0.17 -4.85
C CYS A 92 -11.93 0.05 -4.99
N GLY A 93 -12.45 -0.30 -6.17
CA GLY A 93 -13.87 -0.15 -6.41
C GLY A 93 -14.24 1.26 -6.83
N LYS A 94 -14.29 2.17 -5.86
CA LYS A 94 -14.63 3.57 -6.14
C LYS A 94 -13.63 4.51 -5.49
N GLU A 95 -13.43 4.36 -4.19
CA GLU A 95 -12.49 5.20 -3.45
C GLU A 95 -11.09 5.09 -4.05
N ARG A 96 -10.21 6.00 -3.63
CA ARG A 96 -8.84 6.00 -4.12
C ARG A 96 -7.94 6.88 -3.23
N THR A 97 -6.69 6.46 -3.08
CA THR A 97 -5.74 7.19 -2.25
C THR A 97 -4.34 7.16 -2.86
N SER A 98 -3.72 8.33 -2.97
CA SER A 98 -2.38 8.43 -3.54
C SER A 98 -1.38 8.90 -2.49
N ALA A 99 -0.17 8.35 -2.55
CA ALA A 99 0.89 8.72 -1.61
C ALA A 99 2.17 9.10 -2.33
N MET A 100 3.09 9.73 -1.61
CA MET A 100 4.36 10.15 -2.19
C MET A 100 5.52 9.37 -1.58
N LEU A 101 6.27 8.67 -2.42
CA LEU A 101 7.40 7.88 -1.97
C LEU A 101 8.72 8.56 -2.34
N THR A 102 9.50 8.93 -1.31
CA THR A 102 10.78 9.58 -1.53
C THR A 102 11.93 8.59 -1.43
N VAL A 103 12.85 8.65 -2.38
CA VAL A 103 14.01 7.76 -2.39
C VAL A 103 15.31 8.54 -2.35
N ARG A 104 15.98 8.51 -1.20
CA ARG A 104 17.24 9.22 -1.04
C ARG A 104 18.35 8.54 -1.83
N ALA A 105 19.55 9.12 -1.77
CA ALA A 105 20.70 8.57 -2.48
C ALA A 105 21.69 7.94 -1.50
N MET A 106 22.36 6.88 -1.96
CA MET A 106 23.35 6.19 -1.13
C MET A 106 24.41 7.16 -0.64
N PRO A 107 25.11 6.75 0.44
CA PRO A 107 26.17 7.57 1.04
C PRO A 107 27.40 7.68 0.14
N SER A 108 28.03 8.85 0.15
CA SER A 108 29.22 9.09 -0.66
C SER A 108 30.49 8.73 0.11
N GLY A 109 30.78 9.51 1.15
CA GLY A 109 31.96 9.26 1.94
C GLY A 109 31.66 8.45 3.19
N PRO A 110 32.67 8.31 4.07
CA PRO A 110 32.52 7.55 5.31
C PRO A 110 31.61 8.25 6.32
N SER A 111 30.96 7.45 7.16
CA SER A 111 30.05 7.99 8.17
C SER A 111 29.67 6.92 9.19
N SER A 112 30.64 6.08 9.54
CA SER A 112 30.42 5.01 10.51
C SER A 112 30.05 5.58 11.87
N GLY A 113 29.12 4.92 12.54
CA GLY A 113 28.68 5.37 13.85
C GLY A 113 27.80 4.36 14.56
N GLY A 1 5.80 -19.54 21.15
CA GLY A 1 6.19 -18.68 20.03
C GLY A 1 6.21 -17.21 20.41
N SER A 2 5.41 -16.41 19.71
CA SER A 2 5.35 -14.99 19.96
C SER A 2 4.23 -14.66 20.97
N SER A 3 4.60 -14.00 22.05
CA SER A 3 3.65 -13.64 23.09
C SER A 3 3.54 -12.12 23.22
N GLY A 4 4.64 -11.43 22.93
CA GLY A 4 4.65 -9.98 23.01
C GLY A 4 4.77 -9.32 21.65
N SER A 5 3.62 -8.91 21.10
CA SER A 5 3.60 -8.27 19.80
C SER A 5 2.38 -7.36 19.65
N SER A 6 2.20 -6.80 18.47
CA SER A 6 1.07 -5.92 18.20
C SER A 6 -0.21 -6.71 17.99
N GLY A 7 -1.31 -6.00 17.72
CA GLY A 7 -2.58 -6.66 17.51
C GLY A 7 -3.72 -5.68 17.30
N ARG A 8 -4.65 -5.64 18.25
CA ARG A 8 -5.80 -4.74 18.17
C ARG A 8 -6.64 -5.04 16.95
N THR A 9 -6.84 -6.33 16.67
CA THR A 9 -7.63 -6.76 15.53
C THR A 9 -8.67 -7.79 15.93
N SER A 10 -9.84 -7.72 15.31
CA SER A 10 -10.92 -8.65 15.60
C SER A 10 -12.14 -8.39 14.71
N ALA A 11 -12.27 -9.19 13.65
CA ALA A 11 -13.39 -9.04 12.73
C ALA A 11 -13.40 -10.17 11.70
N MET A 12 -14.60 -10.62 11.35
CA MET A 12 -14.76 -11.70 10.38
C MET A 12 -15.42 -11.19 9.09
N LEU A 13 -15.04 -11.77 7.97
CA LEU A 13 -15.61 -11.38 6.68
C LEU A 13 -16.72 -12.33 6.27
N THR A 14 -17.94 -11.81 6.20
CA THR A 14 -19.10 -12.62 5.81
C THR A 14 -20.04 -11.82 4.92
N VAL A 15 -20.38 -12.38 3.76
CA VAL A 15 -21.28 -11.73 2.82
C VAL A 15 -20.67 -10.45 2.27
N ARG A 16 -21.07 -10.08 1.06
CA ARG A 16 -20.56 -8.88 0.41
C ARG A 16 -21.69 -7.93 0.04
N ALA A 17 -21.56 -6.68 0.45
CA ALA A 17 -22.58 -5.68 0.16
C ALA A 17 -22.11 -4.28 0.58
N LEU A 18 -22.87 -3.26 0.18
CA LEU A 18 -22.54 -1.88 0.50
C LEU A 18 -21.21 -1.48 -0.14
N PRO A 19 -20.99 -0.16 -0.26
CA PRO A 19 -19.77 0.38 -0.86
C PRO A 19 -18.55 0.16 0.03
N ILE A 20 -17.37 0.17 -0.59
CA ILE A 20 -16.12 -0.03 0.13
C ILE A 20 -15.30 1.25 0.19
N LYS A 21 -14.76 1.56 1.36
CA LYS A 21 -13.95 2.76 1.55
C LYS A 21 -12.56 2.40 2.07
N PHE A 22 -11.76 3.42 2.33
CA PHE A 22 -10.40 3.22 2.82
C PHE A 22 -10.30 3.58 4.30
N THR A 23 -9.84 2.63 5.11
CA THR A 23 -9.70 2.85 6.55
C THR A 23 -8.33 3.42 6.89
N GLU A 24 -7.33 3.04 6.11
CA GLU A 24 -5.97 3.51 6.32
C GLU A 24 -5.28 3.82 4.99
N GLY A 25 -5.59 4.98 4.42
CA GLY A 25 -5.00 5.37 3.16
C GLY A 25 -3.48 5.32 3.20
N LEU A 26 -2.87 5.11 2.04
CA LEU A 26 -1.42 5.04 1.94
C LEU A 26 -0.77 6.27 2.57
N ARG A 27 0.49 6.12 2.98
CA ARG A 27 1.22 7.22 3.60
C ARG A 27 2.56 7.43 2.92
N ASN A 28 2.99 8.68 2.82
CA ASN A 28 4.26 9.01 2.18
C ASN A 28 5.42 8.27 2.87
N GLU A 29 6.08 7.41 2.11
CA GLU A 29 7.20 6.64 2.63
C GLU A 29 8.52 7.16 2.07
N GLU A 30 9.58 7.04 2.88
CA GLU A 30 10.90 7.50 2.46
C GLU A 30 11.98 6.48 2.84
N ALA A 31 12.72 6.02 1.85
CA ALA A 31 13.78 5.04 2.08
C ALA A 31 15.06 5.46 1.37
N THR A 32 16.17 4.82 1.75
CA THR A 32 17.47 5.12 1.14
C THR A 32 17.71 4.27 -0.10
N GLU A 33 18.51 4.78 -1.02
CA GLU A 33 18.82 4.07 -2.25
C GLU A 33 19.32 2.66 -1.95
N GLY A 34 18.72 1.68 -2.60
CA GLY A 34 19.11 0.29 -2.39
C GLY A 34 18.27 -0.40 -1.34
N ALA A 35 17.65 0.39 -0.46
CA ALA A 35 16.81 -0.16 0.59
C ALA A 35 15.56 -0.81 0.01
N THR A 36 14.66 -1.22 0.90
CA THR A 36 13.42 -1.88 0.48
C THR A 36 12.20 -1.08 0.93
N ALA A 37 11.35 -0.71 -0.02
CA ALA A 37 10.14 0.04 0.28
C ALA A 37 8.90 -0.83 0.17
N VAL A 38 8.05 -0.77 1.20
CA VAL A 38 6.83 -1.57 1.22
C VAL A 38 5.62 -0.68 1.50
N LEU A 39 4.75 -0.55 0.51
CA LEU A 39 3.54 0.27 0.65
C LEU A 39 2.31 -0.61 0.81
N ARG A 40 1.73 -0.58 2.01
CA ARG A 40 0.54 -1.38 2.29
C ARG A 40 -0.55 -0.53 2.96
N CYS A 41 -1.78 -1.00 2.88
CA CYS A 41 -2.91 -0.27 3.47
C CYS A 41 -3.99 -1.24 3.94
N GLU A 42 -5.11 -0.69 4.42
CA GLU A 42 -6.21 -1.50 4.90
C GLU A 42 -7.54 -0.99 4.35
N LEU A 43 -8.29 -1.88 3.72
CA LEU A 43 -9.59 -1.52 3.16
C LEU A 43 -10.73 -1.93 4.09
N SER A 44 -11.87 -1.25 3.96
CA SER A 44 -13.03 -1.54 4.79
C SER A 44 -13.55 -2.95 4.52
N LYS A 45 -13.40 -3.40 3.28
CA LYS A 45 -13.85 -4.74 2.89
C LYS A 45 -13.01 -5.29 1.76
N MET A 46 -12.88 -6.60 1.70
CA MET A 46 -12.10 -7.27 0.66
C MET A 46 -12.57 -6.84 -0.72
N ALA A 47 -11.62 -6.50 -1.59
CA ALA A 47 -11.95 -6.08 -2.95
C ALA A 47 -10.68 -5.89 -3.77
N PRO A 48 -10.83 -5.91 -5.11
CA PRO A 48 -9.72 -5.74 -6.04
C PRO A 48 -9.16 -4.33 -6.03
N VAL A 49 -7.85 -4.20 -6.28
CA VAL A 49 -7.20 -2.91 -6.29
C VAL A 49 -6.26 -2.78 -7.49
N GLU A 50 -5.80 -1.55 -7.76
CA GLU A 50 -4.90 -1.30 -8.87
C GLU A 50 -3.84 -0.27 -8.49
N TRP A 51 -2.58 -0.68 -8.54
CA TRP A 51 -1.47 0.21 -8.20
C TRP A 51 -1.06 1.05 -9.40
N TRP A 52 -1.37 2.34 -9.36
CA TRP A 52 -1.03 3.25 -10.44
C TRP A 52 0.13 4.15 -10.04
N LYS A 53 1.01 4.43 -10.99
CA LYS A 53 2.16 5.29 -10.75
C LYS A 53 2.46 6.16 -11.96
N GLY A 54 1.92 7.38 -11.96
CA GLY A 54 2.14 8.29 -13.06
C GLY A 54 1.32 7.93 -14.29
N HIS A 55 0.01 7.84 -14.13
CA HIS A 55 -0.87 7.50 -15.22
C HIS A 55 -0.44 6.18 -15.88
N GLU A 56 0.10 5.28 -15.08
CA GLU A 56 0.57 3.99 -15.58
C GLU A 56 0.22 2.87 -14.60
N THR A 57 -0.09 1.70 -15.14
CA THR A 57 -0.44 0.55 -14.31
C THR A 57 0.80 -0.27 -13.98
N LEU A 58 0.94 -0.63 -12.70
CA LEU A 58 2.07 -1.41 -12.24
C LEU A 58 1.77 -2.91 -12.32
N ARG A 59 2.77 -3.70 -12.69
CA ARG A 59 2.60 -5.15 -12.79
C ARG A 59 3.42 -5.86 -11.72
N ASP A 60 3.20 -7.18 -11.60
CA ASP A 60 3.91 -7.98 -10.61
C ASP A 60 5.11 -8.68 -11.25
N GLY A 61 6.25 -8.62 -10.55
CA GLY A 61 7.45 -9.26 -11.07
C GLY A 61 8.42 -9.63 -9.96
N ASP A 62 9.65 -9.96 -10.35
CA ASP A 62 10.68 -10.33 -9.39
C ASP A 62 11.03 -9.15 -8.48
N ARG A 63 11.08 -7.96 -9.07
CA ARG A 63 11.41 -6.75 -8.32
C ARG A 63 10.20 -6.26 -7.53
N HIS A 64 9.06 -6.14 -8.20
CA HIS A 64 7.84 -5.68 -7.56
C HIS A 64 7.01 -6.86 -7.06
N SER A 65 6.81 -6.94 -5.75
CA SER A 65 6.04 -8.02 -5.15
C SER A 65 4.66 -7.52 -4.70
N LEU A 66 3.62 -8.00 -5.37
CA LEU A 66 2.26 -7.61 -5.04
C LEU A 66 1.53 -8.73 -4.29
N ARG A 67 1.11 -8.44 -3.07
CA ARG A 67 0.40 -9.42 -2.25
C ARG A 67 -0.93 -8.87 -1.77
N GLN A 68 -1.87 -9.77 -1.50
CA GLN A 68 -3.20 -9.37 -1.04
C GLN A 68 -3.80 -10.43 -0.11
N ASP A 69 -4.18 -10.00 1.07
CA ASP A 69 -4.77 -10.91 2.06
C ASP A 69 -6.08 -10.35 2.60
N GLY A 70 -7.16 -10.57 1.86
CA GLY A 70 -8.46 -10.09 2.29
C GLY A 70 -8.63 -8.59 2.05
N ALA A 71 -8.51 -7.80 3.12
CA ALA A 71 -8.65 -6.36 3.02
C ALA A 71 -7.33 -5.66 3.36
N ARG A 72 -6.22 -6.35 3.14
CA ARG A 72 -4.90 -5.80 3.43
C ARG A 72 -3.96 -5.99 2.24
N CYS A 73 -3.79 -4.94 1.46
CA CYS A 73 -2.90 -5.00 0.29
C CYS A 73 -1.51 -4.49 0.63
N GLU A 74 -0.50 -5.07 -0.01
CA GLU A 74 0.89 -4.67 0.24
C GLU A 74 1.70 -4.75 -1.05
N LEU A 75 2.53 -3.74 -1.28
CA LEU A 75 3.37 -3.70 -2.47
C LEU A 75 4.84 -3.48 -2.10
N GLN A 76 5.65 -4.52 -2.27
CA GLN A 76 7.07 -4.43 -1.96
C GLN A 76 7.89 -4.20 -3.21
N ILE A 77 8.99 -3.47 -3.06
CA ILE A 77 9.87 -3.17 -4.19
C ILE A 77 11.34 -3.30 -3.79
N ARG A 78 11.94 -4.43 -4.15
CA ARG A 78 13.34 -4.69 -3.84
C ARG A 78 14.25 -4.08 -4.89
N GLY A 79 15.29 -3.38 -4.43
CA GLY A 79 16.22 -2.76 -5.35
C GLY A 79 15.87 -1.31 -5.65
N LEU A 80 15.72 -0.52 -4.59
CA LEU A 80 15.38 0.89 -4.74
C LEU A 80 16.46 1.64 -5.51
N VAL A 81 16.08 2.74 -6.17
CA VAL A 81 17.01 3.54 -6.94
C VAL A 81 16.61 5.01 -6.92
N ALA A 82 15.60 5.35 -7.71
CA ALA A 82 15.13 6.73 -7.78
C ALA A 82 13.95 6.86 -8.74
N GLU A 83 13.98 6.06 -9.81
CA GLU A 83 12.92 6.08 -10.81
C GLU A 83 11.60 5.61 -10.21
N ASP A 84 11.69 4.78 -9.19
CA ASP A 84 10.49 4.26 -8.51
C ASP A 84 9.79 5.35 -7.73
N ALA A 85 10.55 6.33 -7.26
CA ALA A 85 9.99 7.43 -6.49
C ALA A 85 8.93 8.17 -7.29
N GLY A 86 7.89 8.64 -6.61
CA GLY A 86 6.82 9.36 -7.26
C GLY A 86 5.51 9.28 -6.51
N GLU A 87 4.42 9.58 -7.19
CA GLU A 87 3.09 9.54 -6.58
C GLU A 87 2.38 8.23 -6.90
N TYR A 88 2.16 7.42 -5.87
CA TYR A 88 1.49 6.14 -6.05
C TYR A 88 -0.02 6.28 -5.89
N LEU A 89 -0.75 5.25 -6.28
CA LEU A 89 -2.22 5.25 -6.18
C LEU A 89 -2.74 3.88 -5.80
N CYS A 90 -4.04 3.81 -5.52
CA CYS A 90 -4.67 2.55 -5.14
C CYS A 90 -6.19 2.68 -5.12
N MET A 91 -6.80 2.48 -6.28
CA MET A 91 -8.25 2.58 -6.41
C MET A 91 -8.92 1.25 -6.06
N CYS A 92 -9.86 1.29 -5.12
CA CYS A 92 -10.57 0.09 -4.70
C CYS A 92 -12.09 0.29 -4.83
N GLY A 93 -12.65 -0.21 -5.93
CA GLY A 93 -14.07 -0.08 -6.15
C GLY A 93 -14.47 1.32 -6.59
N LYS A 94 -14.47 2.25 -5.65
CA LYS A 94 -14.83 3.64 -5.95
C LYS A 94 -13.79 4.60 -5.39
N GLU A 95 -13.53 4.49 -4.08
CA GLU A 95 -12.56 5.36 -3.43
C GLU A 95 -11.18 5.18 -4.03
N ARG A 96 -10.29 6.13 -3.75
CA ARG A 96 -8.93 6.08 -4.27
C ARG A 96 -7.99 6.88 -3.39
N THR A 97 -6.86 6.27 -3.01
CA THR A 97 -5.87 6.92 -2.16
C THR A 97 -4.51 6.94 -2.84
N SER A 98 -3.83 8.08 -2.76
CA SER A 98 -2.51 8.23 -3.36
C SER A 98 -1.49 8.69 -2.32
N ALA A 99 -0.24 8.27 -2.49
CA ALA A 99 0.83 8.63 -1.57
C ALA A 99 2.05 9.15 -2.33
N MET A 100 3.06 9.59 -1.59
CA MET A 100 4.28 10.10 -2.19
C MET A 100 5.50 9.38 -1.64
N LEU A 101 6.16 8.60 -2.49
CA LEU A 101 7.34 7.86 -2.08
C LEU A 101 8.62 8.65 -2.39
N THR A 102 9.56 8.63 -1.46
CA THR A 102 10.82 9.34 -1.64
C THR A 102 12.01 8.39 -1.53
N VAL A 103 12.98 8.55 -2.42
CA VAL A 103 14.17 7.70 -2.42
C VAL A 103 15.44 8.55 -2.33
N ARG A 104 16.10 8.47 -1.18
CA ARG A 104 17.33 9.23 -0.97
C ARG A 104 18.50 8.59 -1.71
N ALA A 105 19.70 9.12 -1.48
CA ALA A 105 20.90 8.60 -2.13
C ALA A 105 21.77 7.84 -1.13
N MET A 106 22.49 6.84 -1.63
CA MET A 106 23.37 6.03 -0.78
C MET A 106 24.36 6.93 -0.03
N PRO A 107 24.93 6.38 1.06
CA PRO A 107 25.90 7.11 1.89
C PRO A 107 27.23 7.32 1.17
N SER A 108 28.20 7.91 1.87
CA SER A 108 29.51 8.17 1.31
C SER A 108 30.61 7.71 2.25
N GLY A 109 31.35 6.67 1.85
CA GLY A 109 32.43 6.16 2.66
C GLY A 109 31.93 5.24 3.76
N PRO A 110 32.87 4.61 4.49
CA PRO A 110 32.53 3.69 5.58
C PRO A 110 31.94 4.41 6.78
N SER A 111 30.62 4.38 6.90
CA SER A 111 29.93 5.03 7.99
C SER A 111 28.78 4.15 8.51
N SER A 112 28.80 3.89 9.81
CA SER A 112 27.78 3.06 10.44
C SER A 112 26.42 3.75 10.40
N GLY A 113 26.42 5.05 10.67
CA GLY A 113 25.18 5.80 10.66
C GLY A 113 25.42 7.30 10.62
N GLY A 1 -24.50 7.23 -2.91
CA GLY A 1 -23.70 6.74 -1.80
C GLY A 1 -23.34 7.84 -0.82
N SER A 2 -24.33 8.33 -0.09
CA SER A 2 -24.12 9.40 0.88
C SER A 2 -24.19 8.85 2.31
N SER A 3 -23.74 9.66 3.27
CA SER A 3 -23.74 9.26 4.66
C SER A 3 -24.34 10.36 5.55
N GLY A 4 -23.71 11.53 5.52
CA GLY A 4 -24.19 12.63 6.33
C GLY A 4 -23.79 12.52 7.78
N SER A 5 -24.71 12.05 8.61
CA SER A 5 -24.44 11.90 10.04
C SER A 5 -25.46 10.97 10.69
N SER A 6 -25.04 9.74 10.96
CA SER A 6 -25.92 8.75 11.58
C SER A 6 -25.16 7.46 11.88
N GLY A 7 -24.55 7.40 13.05
CA GLY A 7 -23.81 6.22 13.44
C GLY A 7 -24.67 5.19 14.15
N ARG A 8 -25.71 4.73 13.46
CA ARG A 8 -26.62 3.74 14.04
C ARG A 8 -26.40 2.37 13.40
N THR A 9 -26.49 1.32 14.21
CA THR A 9 -26.32 -0.04 13.72
C THR A 9 -27.55 -0.89 14.00
N SER A 10 -27.84 -1.12 15.27
CA SER A 10 -28.99 -1.92 15.66
C SER A 10 -28.88 -3.34 15.11
N ALA A 11 -29.94 -4.11 15.27
CA ALA A 11 -29.96 -5.49 14.79
C ALA A 11 -30.87 -5.63 13.56
N MET A 12 -30.32 -6.18 12.49
CA MET A 12 -31.08 -6.37 11.26
C MET A 12 -30.71 -7.69 10.59
N LEU A 13 -31.62 -8.21 9.77
CA LEU A 13 -31.39 -9.47 9.08
C LEU A 13 -31.56 -9.30 7.57
N THR A 14 -30.65 -8.53 6.96
CA THR A 14 -30.69 -8.28 5.53
C THR A 14 -29.30 -8.07 4.97
N VAL A 15 -29.14 -8.26 3.66
CA VAL A 15 -27.87 -8.08 3.00
C VAL A 15 -27.94 -7.00 1.93
N ARG A 16 -26.91 -6.17 1.86
CA ARG A 16 -26.85 -5.08 0.88
C ARG A 16 -25.43 -4.85 0.41
N ALA A 17 -25.29 -4.12 -0.70
CA ALA A 17 -23.98 -3.81 -1.25
C ALA A 17 -23.55 -2.40 -0.90
N LEU A 18 -22.97 -2.25 0.29
CA LEU A 18 -22.50 -0.94 0.75
C LEU A 18 -21.19 -0.56 0.08
N PRO A 19 -20.88 0.74 0.08
CA PRO A 19 -19.65 1.27 -0.53
C PRO A 19 -18.41 0.88 0.27
N ILE A 20 -17.29 0.74 -0.43
CA ILE A 20 -16.03 0.37 0.21
C ILE A 20 -15.07 1.55 0.25
N LYS A 21 -14.53 1.83 1.43
CA LYS A 21 -13.60 2.93 1.60
C LYS A 21 -12.22 2.42 2.02
N PHE A 22 -11.32 3.35 2.32
CA PHE A 22 -9.97 2.98 2.73
C PHE A 22 -9.75 3.31 4.20
N THR A 23 -9.69 2.28 5.04
CA THR A 23 -9.49 2.45 6.46
C THR A 23 -8.11 3.03 6.76
N GLU A 24 -7.16 2.77 5.87
CA GLU A 24 -5.80 3.27 6.03
C GLU A 24 -5.09 3.37 4.68
N GLY A 25 -5.46 4.38 3.90
CA GLY A 25 -4.85 4.56 2.59
C GLY A 25 -3.35 4.77 2.68
N LEU A 26 -2.69 4.80 1.52
CA LEU A 26 -1.24 4.99 1.47
C LEU A 26 -0.86 6.33 2.08
N ARG A 27 0.37 6.41 2.60
CA ARG A 27 0.87 7.64 3.20
C ARG A 27 2.27 7.97 2.68
N ASN A 28 2.75 9.15 3.04
CA ASN A 28 4.07 9.59 2.60
C ASN A 28 5.16 8.74 3.25
N GLU A 29 5.76 7.86 2.45
CA GLU A 29 6.82 6.99 2.94
C GLU A 29 8.20 7.49 2.50
N GLU A 30 9.24 6.94 3.10
CA GLU A 30 10.61 7.35 2.77
C GLU A 30 11.56 6.16 2.88
N ALA A 31 12.37 5.95 1.85
CA ALA A 31 13.32 4.85 1.84
C ALA A 31 14.69 5.33 1.35
N THR A 32 15.71 4.50 1.56
CA THR A 32 17.07 4.84 1.14
C THR A 32 17.48 4.01 -0.09
N GLU A 33 18.35 4.59 -0.91
CA GLU A 33 18.83 3.92 -2.10
C GLU A 33 19.46 2.57 -1.76
N GLY A 34 19.17 1.57 -2.58
CA GLY A 34 19.71 0.24 -2.34
C GLY A 34 19.06 -0.46 -1.16
N ALA A 35 17.87 0.01 -0.79
CA ALA A 35 17.14 -0.58 0.33
C ALA A 35 15.86 -1.26 -0.14
N THR A 36 15.05 -1.72 0.81
CA THR A 36 13.80 -2.39 0.48
C THR A 36 12.61 -1.61 1.02
N ALA A 37 11.85 -1.00 0.12
CA ALA A 37 10.68 -0.22 0.50
C ALA A 37 9.40 -1.05 0.35
N VAL A 38 8.53 -0.97 1.35
CA VAL A 38 7.27 -1.71 1.33
C VAL A 38 6.12 -0.86 1.85
N LEU A 39 5.10 -0.68 1.02
CA LEU A 39 3.94 0.12 1.41
C LEU A 39 2.84 -0.76 1.99
N ARG A 40 2.00 -0.17 2.85
CA ARG A 40 0.91 -0.91 3.48
C ARG A 40 -0.37 -0.08 3.46
N CYS A 41 -1.50 -0.76 3.28
CA CYS A 41 -2.79 -0.11 3.23
C CYS A 41 -3.92 -1.12 3.38
N GLU A 42 -4.88 -0.80 4.24
CA GLU A 42 -6.03 -1.69 4.47
C GLU A 42 -7.30 -1.10 3.87
N LEU A 43 -8.33 -1.94 3.75
CA LEU A 43 -9.60 -1.51 3.20
C LEU A 43 -10.75 -1.82 4.16
N SER A 44 -11.93 -1.31 3.83
CA SER A 44 -13.11 -1.53 4.66
C SER A 44 -13.70 -2.91 4.42
N LYS A 45 -13.51 -3.42 3.21
CA LYS A 45 -14.02 -4.74 2.84
C LYS A 45 -13.19 -5.35 1.72
N MET A 46 -13.06 -6.67 1.73
CA MET A 46 -12.30 -7.38 0.70
C MET A 46 -12.78 -6.99 -0.69
N ALA A 47 -11.85 -6.56 -1.54
CA ALA A 47 -12.18 -6.17 -2.90
C ALA A 47 -10.92 -6.00 -3.74
N PRO A 48 -11.09 -6.04 -5.07
CA PRO A 48 -9.97 -5.90 -6.02
C PRO A 48 -9.41 -4.48 -6.04
N VAL A 49 -8.11 -4.37 -6.27
CA VAL A 49 -7.45 -3.08 -6.31
C VAL A 49 -6.43 -3.01 -7.45
N GLU A 50 -5.99 -1.81 -7.78
CA GLU A 50 -5.02 -1.61 -8.85
C GLU A 50 -4.01 -0.53 -8.48
N TRP A 51 -2.73 -0.84 -8.61
CA TRP A 51 -1.68 0.11 -8.29
C TRP A 51 -1.32 0.96 -9.51
N TRP A 52 -1.52 2.26 -9.39
CA TRP A 52 -1.23 3.18 -10.48
C TRP A 52 -0.10 4.13 -10.10
N LYS A 53 0.83 4.35 -11.03
CA LYS A 53 1.96 5.23 -10.79
C LYS A 53 1.93 6.43 -11.74
N GLY A 54 1.34 7.53 -11.28
CA GLY A 54 1.26 8.72 -12.10
C GLY A 54 0.20 8.60 -13.18
N HIS A 55 0.60 8.07 -14.34
CA HIS A 55 -0.32 7.91 -15.45
C HIS A 55 -0.11 6.56 -16.13
N GLU A 56 0.24 5.55 -15.35
CA GLU A 56 0.49 4.22 -15.88
C GLU A 56 0.22 3.15 -14.81
N THR A 57 -0.23 1.97 -15.26
CA THR A 57 -0.52 0.88 -14.35
C THR A 57 0.73 0.05 -14.06
N LEU A 58 0.86 -0.42 -12.83
CA LEU A 58 2.01 -1.22 -12.43
C LEU A 58 1.67 -2.71 -12.49
N ARG A 59 2.70 -3.53 -12.71
CA ARG A 59 2.52 -4.97 -12.79
C ARG A 59 3.23 -5.68 -11.64
N ASP A 60 3.02 -6.98 -11.53
CA ASP A 60 3.64 -7.77 -10.47
C ASP A 60 4.70 -8.71 -11.05
N GLY A 61 5.90 -8.65 -10.48
CA GLY A 61 6.98 -9.49 -10.95
C GLY A 61 8.05 -9.70 -9.90
N ASP A 62 9.31 -9.61 -10.31
CA ASP A 62 10.44 -9.79 -9.40
C ASP A 62 10.78 -8.48 -8.69
N ARG A 63 11.17 -7.48 -9.47
CA ARG A 63 11.53 -6.17 -8.92
C ARG A 63 10.40 -5.61 -8.06
N HIS A 64 9.16 -5.96 -8.42
CA HIS A 64 8.00 -5.50 -7.68
C HIS A 64 7.13 -6.67 -7.23
N SER A 65 6.92 -6.78 -5.93
CA SER A 65 6.11 -7.86 -5.37
C SER A 65 4.78 -7.33 -4.86
N LEU A 66 3.70 -7.80 -5.46
CA LEU A 66 2.36 -7.37 -5.07
C LEU A 66 1.62 -8.49 -4.34
N ARG A 67 1.31 -8.27 -3.07
CA ARG A 67 0.60 -9.26 -2.27
C ARG A 67 -0.65 -8.66 -1.62
N GLN A 68 -1.68 -9.46 -1.48
CA GLN A 68 -2.93 -9.01 -0.86
C GLN A 68 -3.52 -10.08 0.04
N ASP A 69 -4.06 -9.65 1.18
CA ASP A 69 -4.66 -10.58 2.14
C ASP A 69 -6.02 -10.06 2.60
N GLY A 70 -7.06 -10.40 1.85
CA GLY A 70 -8.39 -9.97 2.20
C GLY A 70 -8.59 -8.48 2.00
N ALA A 71 -8.40 -7.70 3.06
CA ALA A 71 -8.56 -6.26 2.99
C ALA A 71 -7.21 -5.55 3.10
N ARG A 72 -6.24 -6.21 3.73
CA ARG A 72 -4.91 -5.64 3.90
C ARG A 72 -4.05 -5.92 2.68
N CYS A 73 -3.52 -4.86 2.07
CA CYS A 73 -2.68 -4.99 0.89
C CYS A 73 -1.24 -4.61 1.20
N GLU A 74 -0.32 -5.02 0.33
CA GLU A 74 1.10 -4.73 0.53
C GLU A 74 1.83 -4.70 -0.81
N LEU A 75 2.77 -3.78 -0.95
CA LEU A 75 3.55 -3.65 -2.17
C LEU A 75 5.04 -3.50 -1.86
N GLN A 76 5.80 -4.53 -2.18
CA GLN A 76 7.24 -4.52 -1.94
C GLN A 76 8.01 -4.21 -3.23
N ILE A 77 9.15 -3.56 -3.09
CA ILE A 77 9.99 -3.21 -4.23
C ILE A 77 11.46 -3.43 -3.94
N ARG A 78 12.03 -4.47 -4.53
CA ARG A 78 13.43 -4.80 -4.34
C ARG A 78 14.30 -4.17 -5.43
N GLY A 79 15.38 -3.51 -5.02
CA GLY A 79 16.27 -2.88 -5.98
C GLY A 79 15.96 -1.41 -6.16
N LEU A 80 15.85 -0.68 -5.05
CA LEU A 80 15.55 0.75 -5.10
C LEU A 80 16.59 1.48 -5.94
N VAL A 81 16.27 2.73 -6.30
CA VAL A 81 17.17 3.55 -7.11
C VAL A 81 16.80 5.02 -7.02
N ALA A 82 15.74 5.40 -7.73
CA ALA A 82 15.29 6.78 -7.74
C ALA A 82 14.06 6.95 -8.64
N GLU A 83 14.01 6.19 -9.72
CA GLU A 83 12.91 6.25 -10.66
C GLU A 83 11.61 5.81 -10.00
N ASP A 84 11.72 4.84 -9.09
CA ASP A 84 10.56 4.32 -8.39
C ASP A 84 9.84 5.44 -7.62
N ALA A 85 10.62 6.40 -7.13
CA ALA A 85 10.05 7.52 -6.38
C ALA A 85 9.04 8.29 -7.22
N GLY A 86 7.88 8.56 -6.64
CA GLY A 86 6.85 9.29 -7.35
C GLY A 86 5.53 9.32 -6.60
N GLU A 87 4.43 9.24 -7.33
CA GLU A 87 3.11 9.26 -6.73
C GLU A 87 2.37 7.95 -7.00
N TYR A 88 2.20 7.15 -5.96
CA TYR A 88 1.51 5.87 -6.08
C TYR A 88 0.00 6.03 -5.89
N LEU A 89 -0.76 5.04 -6.32
CA LEU A 89 -2.21 5.07 -6.20
C LEU A 89 -2.76 3.68 -5.88
N CYS A 90 -4.04 3.62 -5.56
CA CYS A 90 -4.69 2.36 -5.24
C CYS A 90 -6.21 2.51 -5.22
N MET A 91 -6.84 2.25 -6.38
CA MET A 91 -8.29 2.35 -6.50
C MET A 91 -8.96 1.04 -6.14
N CYS A 92 -10.01 1.12 -5.33
CA CYS A 92 -10.74 -0.06 -4.90
C CYS A 92 -12.23 0.09 -5.18
N GLY A 93 -12.67 -0.37 -6.35
CA GLY A 93 -14.06 -0.27 -6.72
C GLY A 93 -14.47 1.15 -7.08
N LYS A 94 -14.65 1.99 -6.06
CA LYS A 94 -15.04 3.38 -6.28
C LYS A 94 -14.02 4.33 -5.66
N GLU A 95 -13.68 4.09 -4.40
CA GLU A 95 -12.72 4.92 -3.69
C GLU A 95 -11.31 4.70 -4.23
N ARG A 96 -10.39 5.58 -3.84
CA ARG A 96 -9.01 5.48 -4.28
C ARG A 96 -8.08 6.27 -3.36
N THR A 97 -6.87 5.75 -3.16
CA THR A 97 -5.89 6.40 -2.30
C THR A 97 -4.55 6.56 -3.01
N SER A 98 -3.95 7.74 -2.87
CA SER A 98 -2.67 8.02 -3.50
C SER A 98 -1.66 8.55 -2.49
N ALA A 99 -0.40 8.19 -2.66
CA ALA A 99 0.66 8.62 -1.76
C ALA A 99 1.91 9.02 -2.53
N MET A 100 2.89 9.57 -1.82
CA MET A 100 4.13 9.99 -2.44
C MET A 100 5.33 9.30 -1.80
N LEU A 101 5.97 8.41 -2.56
CA LEU A 101 7.13 7.67 -2.07
C LEU A 101 8.42 8.46 -2.31
N THR A 102 9.30 8.44 -1.32
CA THR A 102 10.57 9.14 -1.43
C THR A 102 11.74 8.18 -1.42
N VAL A 103 12.77 8.48 -2.21
CA VAL A 103 13.95 7.63 -2.29
C VAL A 103 15.23 8.44 -2.12
N ARG A 104 15.91 8.25 -0.99
CA ARG A 104 17.14 8.97 -0.70
C ARG A 104 18.33 8.30 -1.39
N ALA A 105 19.49 8.93 -1.29
CA ALA A 105 20.70 8.40 -1.90
C ALA A 105 21.63 7.81 -0.84
N MET A 106 22.41 6.81 -1.24
CA MET A 106 23.35 6.16 -0.32
C MET A 106 24.29 7.18 0.31
N PRO A 107 24.90 6.80 1.44
CA PRO A 107 25.84 7.67 2.17
C PRO A 107 27.13 7.88 1.41
N SER A 108 27.82 8.97 1.73
CA SER A 108 29.09 9.30 1.07
C SER A 108 30.18 8.33 1.48
N GLY A 109 30.16 7.92 2.75
CA GLY A 109 31.15 6.99 3.25
C GLY A 109 30.71 6.30 4.53
N PRO A 110 31.58 5.46 5.09
CA PRO A 110 31.30 4.72 6.33
C PRO A 110 31.24 5.63 7.54
N SER A 111 30.02 5.87 8.03
CA SER A 111 29.83 6.73 9.20
C SER A 111 29.71 5.90 10.47
N SER A 112 30.40 4.76 10.49
CA SER A 112 30.38 3.88 11.64
C SER A 112 31.74 3.84 12.33
N GLY A 113 32.80 3.87 11.53
CA GLY A 113 34.14 3.85 12.08
C GLY A 113 34.82 5.19 12.01
N GLY A 1 -10.72 -15.85 31.84
CA GLY A 1 -11.15 -15.93 30.45
C GLY A 1 -10.87 -14.64 29.70
N SER A 2 -9.67 -14.10 29.86
CA SER A 2 -9.29 -12.86 29.19
C SER A 2 -9.21 -13.07 27.68
N SER A 3 -10.06 -12.36 26.95
CA SER A 3 -10.08 -12.46 25.49
C SER A 3 -10.60 -11.17 24.86
N GLY A 4 -9.80 -10.61 23.95
CA GLY A 4 -10.20 -9.37 23.29
C GLY A 4 -10.56 -9.58 21.84
N SER A 5 -11.38 -8.69 21.29
CA SER A 5 -11.81 -8.79 19.90
C SER A 5 -12.55 -10.10 19.66
N SER A 6 -13.71 -10.25 20.27
CA SER A 6 -14.51 -11.47 20.12
C SER A 6 -15.24 -11.47 18.79
N GLY A 7 -15.63 -12.66 18.34
CA GLY A 7 -16.33 -12.78 17.07
C GLY A 7 -15.41 -12.66 15.87
N ARG A 8 -15.78 -13.31 14.77
CA ARG A 8 -14.98 -13.27 13.56
C ARG A 8 -15.87 -13.18 12.32
N THR A 9 -16.89 -12.34 12.40
CA THR A 9 -17.82 -12.16 11.28
C THR A 9 -18.55 -13.45 10.96
N SER A 10 -19.60 -13.74 11.72
CA SER A 10 -20.38 -14.95 11.53
C SER A 10 -21.36 -14.78 10.37
N ALA A 11 -22.23 -13.77 10.48
CA ALA A 11 -23.21 -13.50 9.45
C ALA A 11 -22.63 -12.61 8.35
N MET A 12 -22.53 -13.15 7.14
CA MET A 12 -21.99 -12.41 6.01
C MET A 12 -22.86 -12.60 4.77
N LEU A 13 -24.16 -12.65 4.97
CA LEU A 13 -25.11 -12.82 3.87
C LEU A 13 -26.36 -11.99 4.07
N THR A 14 -26.17 -10.74 4.47
CA THR A 14 -27.28 -9.83 4.71
C THR A 14 -27.60 -9.01 3.46
N VAL A 15 -28.88 -8.88 3.15
CA VAL A 15 -29.32 -8.12 1.98
C VAL A 15 -28.86 -6.66 2.07
N ARG A 16 -29.06 -5.91 0.99
CA ARG A 16 -28.68 -4.51 0.96
C ARG A 16 -27.18 -4.35 1.22
N ALA A 17 -26.39 -4.36 0.14
CA ALA A 17 -24.95 -4.21 0.25
C ALA A 17 -24.56 -2.77 0.54
N LEU A 18 -23.26 -2.48 0.45
CA LEU A 18 -22.76 -1.14 0.71
C LEU A 18 -21.42 -0.91 0.02
N PRO A 19 -21.08 0.37 -0.19
CA PRO A 19 -19.81 0.75 -0.85
C PRO A 19 -18.60 0.46 0.03
N ILE A 20 -17.42 0.51 -0.57
CA ILE A 20 -16.18 0.25 0.15
C ILE A 20 -15.29 1.48 0.16
N LYS A 21 -14.76 1.81 1.33
CA LYS A 21 -13.88 2.98 1.48
C LYS A 21 -12.50 2.55 1.97
N PHE A 22 -11.67 3.54 2.31
CA PHE A 22 -10.32 3.27 2.80
C PHE A 22 -10.20 3.63 4.29
N THR A 23 -10.04 2.60 5.12
CA THR A 23 -9.92 2.80 6.55
C THR A 23 -8.57 3.41 6.90
N GLU A 24 -7.56 3.10 6.10
CA GLU A 24 -6.21 3.62 6.32
C GLU A 24 -5.47 3.84 5.00
N GLY A 25 -5.74 4.97 4.38
CA GLY A 25 -5.09 5.28 3.10
C GLY A 25 -3.58 5.20 3.19
N LEU A 26 -2.93 5.22 2.03
CA LEU A 26 -1.47 5.15 1.98
C LEU A 26 -0.84 6.33 2.72
N ARG A 27 0.38 6.13 3.21
CA ARG A 27 1.09 7.17 3.94
C ARG A 27 2.44 7.46 3.29
N ASN A 28 2.88 8.71 3.39
CA ASN A 28 4.15 9.12 2.80
C ASN A 28 5.31 8.36 3.44
N GLU A 29 5.82 7.36 2.73
CA GLU A 29 6.93 6.56 3.23
C GLU A 29 8.23 6.95 2.55
N GLU A 30 9.33 6.93 3.32
CA GLU A 30 10.64 7.29 2.78
C GLU A 30 11.62 6.12 2.92
N ALA A 31 12.40 5.89 1.86
CA ALA A 31 13.37 4.81 1.86
C ALA A 31 14.74 5.30 1.42
N THR A 32 15.75 4.46 1.59
CA THR A 32 17.11 4.81 1.22
C THR A 32 17.55 4.07 -0.05
N GLU A 33 18.37 4.73 -0.86
CA GLU A 33 18.85 4.13 -2.10
C GLU A 33 19.51 2.77 -1.84
N GLY A 34 19.23 1.81 -2.71
CA GLY A 34 19.79 0.48 -2.56
C GLY A 34 19.12 -0.31 -1.45
N ALA A 35 17.92 0.11 -1.07
CA ALA A 35 17.17 -0.56 -0.02
C ALA A 35 15.88 -1.17 -0.57
N THR A 36 15.02 -1.63 0.34
CA THR A 36 13.75 -2.24 -0.06
C THR A 36 12.57 -1.46 0.51
N ALA A 37 11.81 -0.83 -0.37
CA ALA A 37 10.65 -0.05 0.04
C ALA A 37 9.36 -0.85 -0.12
N VAL A 38 8.48 -0.76 0.86
CA VAL A 38 7.21 -1.48 0.82
C VAL A 38 6.10 -0.66 1.48
N LEU A 39 5.02 -0.43 0.74
CA LEU A 39 3.89 0.34 1.25
C LEU A 39 2.75 -0.59 1.67
N ARG A 40 2.02 -0.19 2.71
CA ARG A 40 0.91 -0.99 3.20
C ARG A 40 -0.34 -0.12 3.39
N CYS A 41 -1.50 -0.72 3.18
CA CYS A 41 -2.77 -0.01 3.33
C CYS A 41 -3.90 -0.97 3.69
N GLU A 42 -4.91 -0.45 4.37
CA GLU A 42 -6.04 -1.25 4.79
C GLU A 42 -7.34 -0.76 4.14
N LEU A 43 -8.25 -1.68 3.84
CA LEU A 43 -9.51 -1.33 3.23
C LEU A 43 -10.68 -1.65 4.16
N SER A 44 -11.87 -1.16 3.81
CA SER A 44 -13.05 -1.39 4.61
C SER A 44 -13.58 -2.81 4.42
N LYS A 45 -13.31 -3.38 3.25
CA LYS A 45 -13.75 -4.73 2.93
C LYS A 45 -12.88 -5.35 1.83
N MET A 46 -12.91 -6.67 1.72
CA MET A 46 -12.14 -7.37 0.72
C MET A 46 -12.62 -7.02 -0.69
N ALA A 47 -11.69 -6.61 -1.55
CA ALA A 47 -12.03 -6.24 -2.92
C ALA A 47 -10.76 -6.06 -3.75
N PRO A 48 -10.92 -6.13 -5.09
CA PRO A 48 -9.81 -5.98 -6.03
C PRO A 48 -9.27 -4.55 -6.07
N VAL A 49 -7.95 -4.43 -5.96
CA VAL A 49 -7.31 -3.12 -5.99
C VAL A 49 -6.39 -2.97 -7.21
N GLU A 50 -6.01 -1.73 -7.51
CA GLU A 50 -5.15 -1.47 -8.65
C GLU A 50 -4.12 -0.40 -8.30
N TRP A 51 -2.84 -0.73 -8.47
CA TRP A 51 -1.76 0.21 -8.17
C TRP A 51 -1.35 0.98 -9.42
N TRP A 52 -1.33 2.31 -9.31
CA TRP A 52 -0.96 3.16 -10.43
C TRP A 52 0.22 4.05 -10.07
N LYS A 53 1.08 4.31 -11.04
CA LYS A 53 2.25 5.16 -10.83
C LYS A 53 2.46 6.11 -12.00
N GLY A 54 1.94 7.33 -11.88
CA GLY A 54 2.08 8.31 -12.95
C GLY A 54 1.29 7.95 -14.18
N HIS A 55 -0.03 7.85 -14.02
CA HIS A 55 -0.91 7.52 -15.13
C HIS A 55 -0.46 6.22 -15.81
N GLU A 56 0.05 5.29 -15.01
CA GLU A 56 0.52 4.01 -15.53
C GLU A 56 0.18 2.88 -14.57
N THR A 57 -0.24 1.75 -15.13
CA THR A 57 -0.60 0.59 -14.32
C THR A 57 0.62 -0.29 -14.04
N LEU A 58 0.68 -0.85 -12.84
CA LEU A 58 1.79 -1.71 -12.45
C LEU A 58 1.39 -3.18 -12.52
N ARG A 59 2.40 -4.05 -12.59
CA ARG A 59 2.15 -5.49 -12.67
C ARG A 59 2.92 -6.23 -11.57
N ASP A 60 2.57 -7.49 -11.37
CA ASP A 60 3.22 -8.31 -10.35
C ASP A 60 4.30 -9.19 -10.97
N GLY A 61 5.54 -9.01 -10.51
CA GLY A 61 6.65 -9.79 -11.03
C GLY A 61 7.74 -10.00 -10.00
N ASP A 62 8.99 -9.98 -10.45
CA ASP A 62 10.12 -10.17 -9.56
C ASP A 62 10.52 -8.85 -8.88
N ARG A 63 10.93 -7.88 -9.68
CA ARG A 63 11.33 -6.58 -9.16
C ARG A 63 10.25 -6.00 -8.26
N HIS A 64 8.98 -6.24 -8.62
CA HIS A 64 7.85 -5.74 -7.85
C HIS A 64 7.05 -6.90 -7.24
N SER A 65 6.88 -6.86 -5.93
CA SER A 65 6.13 -7.91 -5.24
C SER A 65 4.77 -7.39 -4.77
N LEU A 66 3.71 -7.86 -5.43
CA LEU A 66 2.36 -7.44 -5.07
C LEU A 66 1.67 -8.49 -4.20
N ARG A 67 1.42 -8.15 -2.95
CA ARG A 67 0.77 -9.06 -2.01
C ARG A 67 -0.56 -8.48 -1.52
N GLN A 68 -1.53 -9.35 -1.28
CA GLN A 68 -2.84 -8.93 -0.82
C GLN A 68 -3.40 -9.91 0.22
N ASP A 69 -3.77 -9.39 1.38
CA ASP A 69 -4.31 -10.21 2.44
C ASP A 69 -5.73 -9.78 2.81
N GLY A 70 -6.71 -10.29 2.07
CA GLY A 70 -8.10 -9.94 2.33
C GLY A 70 -8.41 -8.52 1.94
N ALA A 71 -8.27 -7.61 2.91
CA ALA A 71 -8.54 -6.19 2.66
C ALA A 71 -7.25 -5.38 2.66
N ARG A 72 -6.28 -5.81 3.45
CA ARG A 72 -5.00 -5.12 3.54
C ARG A 72 -4.09 -5.50 2.38
N CYS A 73 -3.59 -4.51 1.66
CA CYS A 73 -2.71 -4.75 0.53
C CYS A 73 -1.27 -4.35 0.85
N GLU A 74 -0.33 -4.93 0.14
CA GLU A 74 1.08 -4.65 0.35
C GLU A 74 1.87 -4.72 -0.95
N LEU A 75 2.65 -3.70 -1.23
CA LEU A 75 3.45 -3.64 -2.45
C LEU A 75 4.93 -3.45 -2.12
N GLN A 76 5.72 -4.50 -2.33
CA GLN A 76 7.15 -4.45 -2.05
C GLN A 76 7.94 -4.19 -3.34
N ILE A 77 9.03 -3.44 -3.21
CA ILE A 77 9.88 -3.12 -4.35
C ILE A 77 11.36 -3.29 -4.02
N ARG A 78 11.98 -4.30 -4.62
CA ARG A 78 13.38 -4.57 -4.39
C ARG A 78 14.26 -3.90 -5.46
N GLY A 79 15.47 -3.52 -5.07
CA GLY A 79 16.38 -2.87 -6.00
C GLY A 79 16.00 -1.44 -6.27
N LEU A 80 15.93 -0.63 -5.22
CA LEU A 80 15.57 0.78 -5.35
C LEU A 80 16.59 1.53 -6.21
N VAL A 81 16.31 2.79 -6.49
CA VAL A 81 17.20 3.61 -7.30
C VAL A 81 16.89 5.10 -7.13
N ALA A 82 15.81 5.54 -7.78
CA ALA A 82 15.40 6.94 -7.70
C ALA A 82 14.15 7.19 -8.52
N GLU A 83 14.03 6.47 -9.64
CA GLU A 83 12.88 6.62 -10.53
C GLU A 83 11.61 6.08 -9.87
N ASP A 84 11.79 5.11 -8.98
CA ASP A 84 10.67 4.50 -8.28
C ASP A 84 9.93 5.53 -7.43
N ALA A 85 10.68 6.51 -6.93
CA ALA A 85 10.09 7.56 -6.10
C ALA A 85 9.14 8.43 -6.92
N GLY A 86 7.99 8.75 -6.33
CA GLY A 86 7.01 9.58 -7.01
C GLY A 86 5.67 9.58 -6.32
N GLU A 87 4.61 9.42 -7.10
CA GLU A 87 3.25 9.40 -6.55
C GLU A 87 2.55 8.08 -6.87
N TYR A 88 2.38 7.24 -5.85
CA TYR A 88 1.73 5.95 -6.03
C TYR A 88 0.22 6.08 -5.88
N LEU A 89 -0.50 5.03 -6.27
CA LEU A 89 -1.95 5.03 -6.19
C LEU A 89 -2.47 3.65 -5.74
N CYS A 90 -3.76 3.57 -5.48
CA CYS A 90 -4.37 2.32 -5.04
C CYS A 90 -5.89 2.42 -5.09
N MET A 91 -6.47 2.21 -6.27
CA MET A 91 -7.92 2.28 -6.44
C MET A 91 -8.57 0.94 -6.13
N CYS A 92 -9.68 0.97 -5.42
CA CYS A 92 -10.40 -0.26 -5.06
C CYS A 92 -11.88 -0.12 -5.36
N GLY A 93 -12.28 -0.57 -6.55
CA GLY A 93 -13.68 -0.48 -6.94
C GLY A 93 -14.09 0.93 -7.31
N LYS A 94 -14.40 1.74 -6.30
CA LYS A 94 -14.82 3.12 -6.53
C LYS A 94 -13.87 4.09 -5.85
N GLU A 95 -13.59 3.85 -4.57
CA GLU A 95 -12.70 4.71 -3.81
C GLU A 95 -11.26 4.58 -4.32
N ARG A 96 -10.49 5.65 -4.20
CA ARG A 96 -9.11 5.67 -4.65
C ARG A 96 -8.25 6.55 -3.74
N THR A 97 -6.97 6.20 -3.61
CA THR A 97 -6.05 6.95 -2.78
C THR A 97 -4.68 7.07 -3.44
N SER A 98 -3.84 7.94 -2.90
CA SER A 98 -2.50 8.15 -3.43
C SER A 98 -1.54 8.59 -2.34
N ALA A 99 -0.27 8.20 -2.48
CA ALA A 99 0.75 8.56 -1.51
C ALA A 99 2.01 9.06 -2.19
N MET A 100 2.99 9.48 -1.39
CA MET A 100 4.25 9.99 -1.92
C MET A 100 5.43 9.21 -1.38
N LEU A 101 6.06 8.42 -2.25
CA LEU A 101 7.21 7.61 -1.85
C LEU A 101 8.51 8.33 -2.13
N THR A 102 9.20 8.77 -1.08
CA THR A 102 10.46 9.47 -1.22
C THR A 102 11.64 8.51 -1.16
N VAL A 103 12.59 8.66 -2.09
CA VAL A 103 13.76 7.81 -2.13
C VAL A 103 15.05 8.63 -1.98
N ARG A 104 15.71 8.47 -0.84
CA ARG A 104 16.94 9.18 -0.56
C ARG A 104 18.11 8.59 -1.35
N ALA A 105 19.31 9.11 -1.10
CA ALA A 105 20.50 8.63 -1.79
C ALA A 105 21.37 7.80 -0.86
N MET A 106 22.14 6.88 -1.43
CA MET A 106 23.02 6.03 -0.65
C MET A 106 23.92 6.85 0.26
N PRO A 107 24.47 6.20 1.30
CA PRO A 107 25.36 6.86 2.26
C PRO A 107 26.70 7.23 1.65
N SER A 108 27.16 8.45 1.93
CA SER A 108 28.44 8.93 1.41
C SER A 108 29.04 9.98 2.32
N GLY A 109 30.25 10.43 1.99
CA GLY A 109 30.91 11.44 2.79
C GLY A 109 32.04 10.87 3.62
N PRO A 110 32.84 11.76 4.23
CA PRO A 110 33.97 11.36 5.07
C PRO A 110 33.53 10.71 6.39
N SER A 111 33.32 9.41 6.35
CA SER A 111 32.88 8.67 7.53
C SER A 111 34.07 8.33 8.43
N SER A 112 34.37 9.23 9.35
CA SER A 112 35.49 9.05 10.28
C SER A 112 35.07 9.33 11.72
N GLY A 113 35.12 8.30 12.56
CA GLY A 113 34.74 8.47 13.94
C GLY A 113 34.03 7.25 14.50
N GLY A 1 -7.16 5.22 29.38
CA GLY A 1 -6.64 4.98 30.72
C GLY A 1 -5.33 4.21 30.71
N SER A 2 -5.42 2.92 30.37
CA SER A 2 -4.24 2.07 30.33
C SER A 2 -4.56 0.73 29.66
N SER A 3 -5.69 0.14 30.06
CA SER A 3 -6.10 -1.14 29.49
C SER A 3 -6.47 -1.01 28.02
N GLY A 4 -6.34 -2.09 27.27
CA GLY A 4 -6.66 -2.06 25.86
C GLY A 4 -8.16 -2.02 25.61
N SER A 5 -8.57 -2.43 24.41
CA SER A 5 -9.98 -2.42 24.04
C SER A 5 -10.52 -3.84 23.96
N SER A 6 -9.70 -4.75 23.43
CA SER A 6 -10.10 -6.15 23.28
C SER A 6 -11.40 -6.26 22.48
N GLY A 7 -11.93 -7.48 22.42
CA GLY A 7 -13.16 -7.70 21.68
C GLY A 7 -14.38 -7.70 22.59
N ARG A 8 -14.63 -6.56 23.23
CA ARG A 8 -15.77 -6.43 24.13
C ARG A 8 -17.08 -6.63 23.38
N THR A 9 -17.83 -7.67 23.76
CA THR A 9 -19.09 -7.98 23.12
C THR A 9 -18.91 -8.30 21.65
N SER A 10 -19.94 -8.87 21.03
CA SER A 10 -19.89 -9.24 19.62
C SER A 10 -21.18 -8.85 18.91
N ALA A 11 -21.05 -8.42 17.67
CA ALA A 11 -22.21 -8.02 16.87
C ALA A 11 -22.43 -8.97 15.69
N MET A 12 -23.48 -8.72 14.93
CA MET A 12 -23.81 -9.55 13.78
C MET A 12 -22.68 -9.52 12.76
N LEU A 13 -22.70 -10.46 11.82
CA LEU A 13 -21.67 -10.54 10.78
C LEU A 13 -22.19 -9.93 9.48
N THR A 14 -22.06 -8.62 9.35
CA THR A 14 -22.50 -7.91 8.16
C THR A 14 -23.99 -8.13 7.91
N VAL A 15 -24.79 -7.15 8.32
CA VAL A 15 -26.24 -7.22 8.14
C VAL A 15 -26.61 -7.26 6.66
N ARG A 16 -26.44 -6.14 5.99
CA ARG A 16 -26.76 -6.04 4.56
C ARG A 16 -25.57 -5.50 3.78
N ALA A 17 -25.72 -5.45 2.45
CA ALA A 17 -24.66 -4.95 1.58
C ALA A 17 -24.25 -3.54 1.97
N LEU A 18 -23.05 -3.14 1.56
CA LEU A 18 -22.54 -1.81 1.87
C LEU A 18 -21.39 -1.45 0.95
N PRO A 19 -21.18 -0.14 0.74
CA PRO A 19 -20.09 0.38 -0.12
C PRO A 19 -18.72 0.15 0.49
N ILE A 20 -17.70 0.11 -0.36
CA ILE A 20 -16.33 -0.10 0.09
C ILE A 20 -15.51 1.19 -0.01
N LYS A 21 -14.86 1.56 1.09
CA LYS A 21 -14.04 2.76 1.12
C LYS A 21 -12.66 2.47 1.72
N PHE A 22 -11.86 3.51 1.87
CA PHE A 22 -10.52 3.37 2.42
C PHE A 22 -10.49 3.80 3.89
N THR A 23 -10.07 2.90 4.76
CA THR A 23 -9.99 3.18 6.19
C THR A 23 -8.65 3.79 6.56
N GLU A 24 -7.59 3.31 5.91
CA GLU A 24 -6.25 3.81 6.17
C GLU A 24 -5.46 3.94 4.87
N GLY A 25 -5.80 4.97 4.09
CA GLY A 25 -5.11 5.20 2.83
C GLY A 25 -3.61 5.26 2.99
N LEU A 26 -2.89 5.14 1.88
CA LEU A 26 -1.43 5.18 1.90
C LEU A 26 -0.93 6.42 2.63
N ARG A 27 0.33 6.39 3.03
CA ARG A 27 0.94 7.52 3.74
C ARG A 27 2.34 7.80 3.22
N ASN A 28 2.78 9.04 3.38
CA ASN A 28 4.11 9.44 2.93
C ASN A 28 5.18 8.50 3.48
N GLU A 29 5.76 7.69 2.58
CA GLU A 29 6.80 6.75 2.98
C GLU A 29 8.16 7.19 2.46
N GLU A 30 9.22 6.84 3.19
CA GLU A 30 10.57 7.19 2.78
C GLU A 30 11.50 5.98 2.86
N ALA A 31 12.37 5.85 1.87
CA ALA A 31 13.30 4.74 1.82
C ALA A 31 14.69 5.21 1.40
N THR A 32 15.67 4.31 1.50
CA THR A 32 17.05 4.64 1.14
C THR A 32 17.50 3.84 -0.09
N GLU A 33 18.38 4.45 -0.89
CA GLU A 33 18.89 3.81 -2.08
C GLU A 33 19.51 2.45 -1.75
N GLY A 34 19.26 1.47 -2.60
CA GLY A 34 19.80 0.13 -2.38
C GLY A 34 19.11 -0.60 -1.25
N ALA A 35 17.89 -0.16 -0.91
CA ALA A 35 17.13 -0.77 0.16
C ALA A 35 15.85 -1.40 -0.38
N THR A 36 14.96 -1.81 0.53
CA THR A 36 13.70 -2.43 0.15
C THR A 36 12.52 -1.65 0.71
N ALA A 37 11.79 -0.96 -0.18
CA ALA A 37 10.64 -0.19 0.23
C ALA A 37 9.34 -0.96 0.03
N VAL A 38 8.45 -0.88 1.00
CA VAL A 38 7.17 -1.58 0.93
C VAL A 38 6.07 -0.78 1.62
N LEU A 39 5.00 -0.49 0.88
CA LEU A 39 3.88 0.26 1.43
C LEU A 39 2.80 -0.68 1.97
N ARG A 40 1.98 -0.16 2.87
CA ARG A 40 0.91 -0.95 3.47
C ARG A 40 -0.33 -0.09 3.72
N CYS A 41 -1.50 -0.63 3.39
CA CYS A 41 -2.75 0.08 3.58
C CYS A 41 -3.88 -0.88 3.92
N GLU A 42 -4.89 -0.37 4.62
CA GLU A 42 -6.04 -1.20 5.02
C GLU A 42 -7.30 -0.74 4.30
N LEU A 43 -8.19 -1.68 4.02
CA LEU A 43 -9.45 -1.38 3.34
C LEU A 43 -10.64 -1.69 4.24
N SER A 44 -11.84 -1.34 3.76
CA SER A 44 -13.05 -1.57 4.53
C SER A 44 -13.58 -2.98 4.29
N LYS A 45 -13.36 -3.50 3.08
CA LYS A 45 -13.81 -4.83 2.72
C LYS A 45 -12.94 -5.41 1.60
N MET A 46 -12.79 -6.73 1.61
CA MET A 46 -11.99 -7.42 0.60
C MET A 46 -12.44 -7.03 -0.80
N ALA A 47 -11.50 -6.63 -1.65
CA ALA A 47 -11.81 -6.25 -3.02
C ALA A 47 -10.54 -6.04 -3.83
N PRO A 48 -10.67 -6.09 -5.16
CA PRO A 48 -9.53 -5.89 -6.07
C PRO A 48 -9.02 -4.46 -6.07
N VAL A 49 -7.70 -4.31 -6.16
CA VAL A 49 -7.08 -2.98 -6.17
C VAL A 49 -6.16 -2.83 -7.37
N GLU A 50 -5.79 -1.58 -7.67
CA GLU A 50 -4.91 -1.28 -8.79
C GLU A 50 -3.88 -0.23 -8.41
N TRP A 51 -2.61 -0.60 -8.50
CA TRP A 51 -1.52 0.31 -8.17
C TRP A 51 -1.08 1.10 -9.39
N TRP A 52 -1.28 2.42 -9.34
CA TRP A 52 -0.91 3.29 -10.44
C TRP A 52 0.22 4.23 -10.05
N LYS A 53 1.13 4.50 -10.98
CA LYS A 53 2.25 5.38 -10.72
C LYS A 53 2.50 6.32 -11.91
N GLY A 54 1.95 7.53 -11.83
CA GLY A 54 2.12 8.49 -12.89
C GLY A 54 1.35 8.11 -14.15
N HIS A 55 0.04 7.97 -14.02
CA HIS A 55 -0.81 7.60 -15.15
C HIS A 55 -0.34 6.29 -15.77
N GLU A 56 0.28 5.44 -14.97
CA GLU A 56 0.78 4.17 -15.45
C GLU A 56 0.37 3.03 -14.52
N THR A 57 -0.06 1.91 -15.10
CA THR A 57 -0.48 0.76 -14.32
C THR A 57 0.71 -0.14 -13.96
N LEU A 58 0.73 -0.62 -12.73
CA LEU A 58 1.81 -1.49 -12.28
C LEU A 58 1.37 -2.95 -12.29
N ARG A 59 2.33 -3.85 -12.50
CA ARG A 59 2.05 -5.28 -12.54
C ARG A 59 2.99 -6.05 -11.62
N ASP A 60 2.75 -7.35 -11.49
CA ASP A 60 3.57 -8.19 -10.64
C ASP A 60 4.82 -8.68 -11.39
N GLY A 61 5.99 -8.43 -10.82
CA GLY A 61 7.22 -8.85 -11.46
C GLY A 61 8.26 -9.31 -10.45
N ASP A 62 9.42 -9.74 -10.95
CA ASP A 62 10.49 -10.22 -10.09
C ASP A 62 10.99 -9.11 -9.17
N ARG A 63 10.83 -7.87 -9.62
CA ARG A 63 11.26 -6.70 -8.84
C ARG A 63 10.14 -6.21 -7.93
N HIS A 64 8.96 -6.00 -8.51
CA HIS A 64 7.81 -5.54 -7.76
C HIS A 64 6.98 -6.71 -7.24
N SER A 65 6.83 -6.78 -5.91
CA SER A 65 6.07 -7.85 -5.30
C SER A 65 4.75 -7.33 -4.73
N LEU A 66 3.65 -7.70 -5.37
CA LEU A 66 2.33 -7.28 -4.93
C LEU A 66 1.66 -8.34 -4.06
N ARG A 67 1.39 -7.98 -2.81
CA ARG A 67 0.77 -8.90 -1.86
C ARG A 67 -0.56 -8.33 -1.36
N GLN A 68 -1.57 -9.19 -1.29
CA GLN A 68 -2.89 -8.77 -0.82
C GLN A 68 -3.47 -9.80 0.16
N ASP A 69 -3.72 -9.35 1.38
CA ASP A 69 -4.27 -10.22 2.41
C ASP A 69 -5.68 -9.79 2.81
N GLY A 70 -6.68 -10.26 2.07
CA GLY A 70 -8.06 -9.90 2.37
C GLY A 70 -8.35 -8.45 2.02
N ALA A 71 -8.22 -7.57 3.01
CA ALA A 71 -8.48 -6.16 2.81
C ALA A 71 -7.18 -5.35 2.81
N ARG A 72 -6.23 -5.79 3.62
CA ARG A 72 -4.94 -5.12 3.71
C ARG A 72 -4.06 -5.43 2.49
N CYS A 73 -3.54 -4.38 1.86
CA CYS A 73 -2.70 -4.55 0.68
C CYS A 73 -1.27 -4.10 0.97
N GLU A 74 -0.31 -4.70 0.28
CA GLU A 74 1.09 -4.36 0.46
C GLU A 74 1.87 -4.51 -0.84
N LEU A 75 2.61 -3.47 -1.20
CA LEU A 75 3.40 -3.49 -2.43
C LEU A 75 4.88 -3.35 -2.12
N GLN A 76 5.62 -4.44 -2.27
CA GLN A 76 7.06 -4.44 -2.00
C GLN A 76 7.84 -4.13 -3.27
N ILE A 77 8.95 -3.41 -3.12
CA ILE A 77 9.78 -3.05 -4.26
C ILE A 77 11.27 -3.21 -3.93
N ARG A 78 11.85 -4.32 -4.39
CA ARG A 78 13.26 -4.61 -4.15
C ARG A 78 14.13 -3.96 -5.22
N GLY A 79 15.37 -3.66 -4.85
CA GLY A 79 16.29 -3.04 -5.79
C GLY A 79 15.92 -1.60 -6.10
N LEU A 80 15.79 -0.79 -5.06
CA LEU A 80 15.43 0.62 -5.23
C LEU A 80 16.46 1.34 -6.10
N VAL A 81 16.22 2.62 -6.35
CA VAL A 81 17.13 3.43 -7.16
C VAL A 81 16.85 4.91 -7.00
N ALA A 82 15.78 5.37 -7.65
CA ALA A 82 15.40 6.78 -7.57
C ALA A 82 14.15 7.05 -8.41
N GLU A 83 14.02 6.33 -9.53
CA GLU A 83 12.87 6.49 -10.41
C GLU A 83 11.59 6.03 -9.73
N ASP A 84 11.73 5.05 -8.84
CA ASP A 84 10.58 4.51 -8.12
C ASP A 84 9.87 5.61 -7.32
N ALA A 85 10.63 6.62 -6.92
CA ALA A 85 10.09 7.72 -6.15
C ALA A 85 9.10 8.54 -6.98
N GLY A 86 7.90 8.75 -6.43
CA GLY A 86 6.89 9.51 -7.14
C GLY A 86 5.56 9.52 -6.42
N GLU A 87 4.48 9.32 -7.17
CA GLU A 87 3.14 9.31 -6.59
C GLU A 87 2.43 8.00 -6.89
N TYR A 88 2.22 7.19 -5.86
CA TYR A 88 1.55 5.90 -6.01
C TYR A 88 0.04 6.06 -5.91
N LEU A 89 -0.69 5.03 -6.30
CA LEU A 89 -2.14 5.04 -6.25
C LEU A 89 -2.70 3.68 -5.84
N CYS A 90 -3.99 3.63 -5.56
CA CYS A 90 -4.64 2.39 -5.16
C CYS A 90 -6.16 2.49 -5.33
N MET A 91 -6.63 2.22 -6.54
CA MET A 91 -8.06 2.27 -6.83
C MET A 91 -8.73 0.96 -6.47
N CYS A 92 -9.71 1.03 -5.57
CA CYS A 92 -10.44 -0.16 -5.14
C CYS A 92 -11.94 0.01 -5.39
N GLY A 93 -12.43 -0.66 -6.43
CA GLY A 93 -13.84 -0.58 -6.76
C GLY A 93 -14.23 0.79 -7.29
N LYS A 94 -14.51 1.72 -6.39
CA LYS A 94 -14.90 3.07 -6.78
C LYS A 94 -13.96 4.11 -6.17
N GLU A 95 -13.61 3.91 -4.89
CA GLU A 95 -12.71 4.82 -4.21
C GLU A 95 -11.28 4.68 -4.72
N ARG A 96 -10.40 5.56 -4.26
CA ARG A 96 -9.00 5.54 -4.68
C ARG A 96 -8.16 6.43 -3.78
N THR A 97 -6.92 6.01 -3.54
CA THR A 97 -6.01 6.77 -2.68
C THR A 97 -4.62 6.84 -3.31
N SER A 98 -3.89 7.92 -3.01
CA SER A 98 -2.55 8.11 -3.54
C SER A 98 -1.61 8.61 -2.46
N ALA A 99 -0.32 8.31 -2.60
CA ALA A 99 0.68 8.74 -1.64
C ALA A 99 1.97 9.17 -2.34
N MET A 100 2.84 9.84 -1.61
CA MET A 100 4.11 10.31 -2.16
C MET A 100 5.28 9.53 -1.57
N LEU A 101 5.93 8.71 -2.40
CA LEU A 101 7.07 7.92 -1.96
C LEU A 101 8.38 8.64 -2.24
N THR A 102 9.29 8.61 -1.27
CA THR A 102 10.58 9.26 -1.41
C THR A 102 11.71 8.24 -1.33
N VAL A 103 12.72 8.41 -2.19
CA VAL A 103 13.87 7.51 -2.21
C VAL A 103 15.18 8.28 -2.07
N ARG A 104 15.80 8.17 -0.91
CA ARG A 104 17.05 8.87 -0.65
C ARG A 104 18.20 8.20 -1.39
N ALA A 105 19.37 8.83 -1.37
CA ALA A 105 20.54 8.29 -2.04
C ALA A 105 21.44 7.54 -1.07
N MET A 106 22.15 6.53 -1.57
CA MET A 106 23.05 5.74 -0.75
C MET A 106 24.02 6.63 0.02
N PRO A 107 24.62 6.08 1.09
CA PRO A 107 25.57 6.80 1.92
C PRO A 107 26.90 7.05 1.20
N SER A 108 27.10 8.29 0.75
CA SER A 108 28.32 8.65 0.05
C SER A 108 29.55 8.47 0.94
N GLY A 109 29.34 8.65 2.25
CA GLY A 109 30.44 8.51 3.19
C GLY A 109 30.01 8.79 4.62
N PRO A 110 30.95 8.62 5.56
CA PRO A 110 30.69 8.85 6.99
C PRO A 110 30.49 10.33 7.31
N SER A 111 29.40 10.65 8.00
CA SER A 111 29.09 12.02 8.36
C SER A 111 28.55 12.10 9.78
N SER A 112 29.26 12.81 10.65
CA SER A 112 28.86 12.96 12.03
C SER A 112 27.89 14.13 12.20
N GLY A 113 26.88 13.95 13.04
CA GLY A 113 25.90 14.98 13.26
C GLY A 113 24.63 14.47 13.90
N GLY A 1 -43.20 4.23 -0.80
CA GLY A 1 -42.25 5.24 -1.26
C GLY A 1 -41.05 5.36 -0.33
N SER A 2 -40.92 6.52 0.31
CA SER A 2 -39.81 6.78 1.22
C SER A 2 -40.30 6.83 2.66
N SER A 3 -40.94 5.74 3.11
CA SER A 3 -41.45 5.66 4.47
C SER A 3 -40.42 5.05 5.42
N GLY A 4 -40.66 5.20 6.71
CA GLY A 4 -39.75 4.65 7.70
C GLY A 4 -40.43 4.34 9.02
N SER A 5 -41.68 3.91 8.95
CA SER A 5 -42.44 3.59 10.14
C SER A 5 -42.40 2.09 10.43
N SER A 6 -42.74 1.30 9.43
CA SER A 6 -42.75 -0.16 9.57
C SER A 6 -43.66 -0.59 10.71
N GLY A 7 -44.95 -0.37 10.54
CA GLY A 7 -45.91 -0.73 11.57
C GLY A 7 -46.12 -2.24 11.65
N ARG A 8 -46.68 -2.82 10.59
CA ARG A 8 -46.93 -4.25 10.55
C ARG A 8 -46.66 -4.81 9.16
N THR A 9 -47.50 -4.45 8.20
CA THR A 9 -47.34 -4.91 6.84
C THR A 9 -47.48 -3.77 5.84
N SER A 10 -46.37 -3.32 5.29
CA SER A 10 -46.37 -2.23 4.32
C SER A 10 -45.01 -2.11 3.62
N ALA A 11 -44.76 -3.02 2.69
CA ALA A 11 -43.50 -3.02 1.96
C ALA A 11 -42.31 -3.24 2.88
N MET A 12 -41.13 -3.35 2.30
CA MET A 12 -39.91 -3.54 3.08
C MET A 12 -38.67 -3.32 2.22
N LEU A 13 -37.68 -2.64 2.80
CA LEU A 13 -36.44 -2.36 2.08
C LEU A 13 -35.29 -3.22 2.60
N THR A 14 -34.62 -3.92 1.70
CA THR A 14 -33.50 -4.78 2.06
C THR A 14 -32.32 -4.60 1.11
N VAL A 15 -31.19 -4.17 1.66
CA VAL A 15 -29.99 -3.97 0.85
C VAL A 15 -29.23 -5.27 0.63
N ARG A 16 -28.66 -5.44 -0.56
CA ARG A 16 -27.92 -6.64 -0.89
C ARG A 16 -26.47 -6.52 -0.45
N ALA A 17 -25.76 -5.56 -1.03
CA ALA A 17 -24.35 -5.33 -0.69
C ALA A 17 -24.10 -3.87 -0.36
N LEU A 18 -23.16 -3.62 0.55
CA LEU A 18 -22.82 -2.27 0.95
C LEU A 18 -21.59 -1.77 0.20
N PRO A 19 -21.41 -0.43 0.17
CA PRO A 19 -20.28 0.19 -0.51
C PRO A 19 -18.95 -0.06 0.20
N ILE A 20 -17.85 0.19 -0.50
CA ILE A 20 -16.52 -0.01 0.07
C ILE A 20 -15.74 1.30 0.10
N LYS A 21 -14.98 1.49 1.17
CA LYS A 21 -14.17 2.70 1.33
C LYS A 21 -12.78 2.36 1.86
N PHE A 22 -11.98 3.38 2.12
CA PHE A 22 -10.64 3.19 2.64
C PHE A 22 -10.55 3.58 4.12
N THR A 23 -10.19 2.60 4.95
CA THR A 23 -10.08 2.82 6.39
C THR A 23 -8.75 3.48 6.74
N GLU A 24 -7.72 3.19 5.94
CA GLU A 24 -6.39 3.76 6.17
C GLU A 24 -5.60 3.81 4.88
N GLY A 25 -5.83 4.85 4.08
CA GLY A 25 -5.13 5.00 2.82
C GLY A 25 -3.62 5.02 3.00
N LEU A 26 -2.90 5.02 1.89
CA LEU A 26 -1.44 5.04 1.92
C LEU A 26 -0.93 6.26 2.68
N ARG A 27 0.28 6.17 3.20
CA ARG A 27 0.88 7.26 3.96
C ARG A 27 2.28 7.58 3.41
N ASN A 28 2.72 8.82 3.65
CA ASN A 28 4.03 9.26 3.19
C ASN A 28 5.12 8.30 3.65
N GLU A 29 5.80 7.68 2.68
CA GLU A 29 6.87 6.74 3.00
C GLU A 29 8.21 7.23 2.42
N GLU A 30 9.29 6.94 3.14
CA GLU A 30 10.62 7.35 2.70
C GLU A 30 11.63 6.23 2.93
N ALA A 31 12.41 5.94 1.89
CA ALA A 31 13.43 4.89 1.98
C ALA A 31 14.78 5.38 1.47
N THR A 32 15.82 4.59 1.68
CA THR A 32 17.16 4.94 1.25
C THR A 32 17.57 4.13 0.02
N GLU A 33 18.43 4.72 -0.80
CA GLU A 33 18.92 4.05 -2.01
C GLU A 33 19.50 2.68 -1.68
N GLY A 34 19.07 1.67 -2.43
CA GLY A 34 19.57 0.33 -2.21
C GLY A 34 18.66 -0.46 -1.28
N ALA A 35 17.85 0.24 -0.51
CA ALA A 35 16.93 -0.40 0.43
C ALA A 35 15.68 -0.90 -0.29
N THR A 36 14.75 -1.47 0.48
CA THR A 36 13.50 -1.98 -0.08
C THR A 36 12.30 -1.24 0.49
N ALA A 37 11.50 -0.66 -0.40
CA ALA A 37 10.31 0.06 0.01
C ALA A 37 9.06 -0.80 -0.10
N VAL A 38 8.17 -0.67 0.89
CA VAL A 38 6.93 -1.44 0.90
C VAL A 38 5.76 -0.60 1.38
N LEU A 39 4.77 -0.42 0.51
CA LEU A 39 3.59 0.38 0.84
C LEU A 39 2.41 -0.53 1.18
N ARG A 40 1.87 -0.36 2.39
CA ARG A 40 0.74 -1.17 2.83
C ARG A 40 -0.43 -0.27 3.24
N CYS A 41 -1.63 -0.66 2.84
CA CYS A 41 -2.83 0.11 3.16
C CYS A 41 -3.94 -0.79 3.69
N GLU A 42 -5.07 -0.20 4.05
CA GLU A 42 -6.19 -0.96 4.59
C GLU A 42 -7.50 -0.52 3.92
N LEU A 43 -8.42 -1.45 3.77
CA LEU A 43 -9.72 -1.17 3.15
C LEU A 43 -10.86 -1.46 4.11
N SER A 44 -12.08 -1.24 3.66
CA SER A 44 -13.27 -1.49 4.48
C SER A 44 -13.80 -2.90 4.26
N LYS A 45 -13.59 -3.42 3.05
CA LYS A 45 -14.05 -4.75 2.69
C LYS A 45 -13.14 -5.38 1.64
N MET A 46 -13.01 -6.70 1.69
CA MET A 46 -12.18 -7.42 0.73
C MET A 46 -12.64 -7.16 -0.69
N ALA A 47 -11.76 -6.56 -1.49
CA ALA A 47 -12.09 -6.26 -2.88
C ALA A 47 -10.82 -6.06 -3.71
N PRO A 48 -10.95 -6.18 -5.03
CA PRO A 48 -9.83 -6.03 -5.96
C PRO A 48 -9.35 -4.58 -6.05
N VAL A 49 -8.02 -4.42 -6.06
CA VAL A 49 -7.43 -3.08 -6.14
C VAL A 49 -6.55 -2.95 -7.38
N GLU A 50 -6.09 -1.73 -7.64
CA GLU A 50 -5.24 -1.46 -8.79
C GLU A 50 -4.19 -0.41 -8.47
N TRP A 51 -2.92 -0.77 -8.64
CA TRP A 51 -1.82 0.15 -8.37
C TRP A 51 -1.49 0.99 -9.60
N TRP A 52 -1.33 2.29 -9.39
CA TRP A 52 -1.00 3.20 -10.48
C TRP A 52 0.19 4.09 -10.12
N LYS A 53 1.02 4.38 -11.11
CA LYS A 53 2.20 5.22 -10.90
C LYS A 53 2.26 6.33 -11.94
N GLY A 54 1.77 7.51 -11.58
CA GLY A 54 1.78 8.64 -12.50
C GLY A 54 0.78 8.48 -13.63
N HIS A 55 1.17 7.73 -14.65
CA HIS A 55 0.30 7.49 -15.80
C HIS A 55 0.49 6.09 -16.35
N GLU A 56 0.80 5.15 -15.47
CA GLU A 56 1.01 3.75 -15.87
C GLU A 56 0.59 2.80 -14.75
N THR A 57 0.15 1.60 -15.14
CA THR A 57 -0.27 0.60 -14.17
C THR A 57 0.88 -0.30 -13.77
N LEU A 58 1.04 -0.49 -12.47
CA LEU A 58 2.11 -1.34 -11.94
C LEU A 58 1.76 -2.82 -12.10
N ARG A 59 2.70 -3.59 -12.65
CA ARG A 59 2.49 -5.01 -12.85
C ARG A 59 3.14 -5.82 -11.73
N ASP A 60 2.85 -7.12 -11.70
CA ASP A 60 3.40 -8.00 -10.68
C ASP A 60 4.46 -8.91 -11.28
N GLY A 61 5.63 -8.96 -10.64
CA GLY A 61 6.71 -9.79 -11.12
C GLY A 61 7.82 -9.94 -10.10
N ASP A 62 9.07 -9.91 -10.56
CA ASP A 62 10.22 -10.05 -9.68
C ASP A 62 10.58 -8.71 -9.04
N ARG A 63 10.89 -7.73 -9.89
CA ARG A 63 11.27 -6.40 -9.40
C ARG A 63 10.20 -5.85 -8.45
N HIS A 64 8.93 -6.09 -8.79
CA HIS A 64 7.82 -5.62 -7.97
C HIS A 64 7.03 -6.80 -7.41
N SER A 65 6.70 -6.72 -6.12
CA SER A 65 5.94 -7.79 -5.47
C SER A 65 4.60 -7.26 -4.96
N LEU A 66 3.52 -7.93 -5.36
CA LEU A 66 2.18 -7.54 -4.94
C LEU A 66 1.55 -8.61 -4.06
N ARG A 67 1.15 -8.23 -2.85
CA ARG A 67 0.53 -9.16 -1.92
C ARG A 67 -0.73 -8.55 -1.31
N GLN A 68 -1.79 -9.35 -1.22
CA GLN A 68 -3.05 -8.88 -0.65
C GLN A 68 -3.58 -9.88 0.38
N ASP A 69 -3.90 -9.39 1.57
CA ASP A 69 -4.41 -10.22 2.64
C ASP A 69 -5.80 -9.75 3.08
N GLY A 70 -6.82 -10.19 2.36
CA GLY A 70 -8.18 -9.80 2.69
C GLY A 70 -8.48 -8.36 2.32
N ALA A 71 -8.29 -7.45 3.26
CA ALA A 71 -8.54 -6.04 3.03
C ALA A 71 -7.24 -5.25 2.99
N ARG A 72 -6.25 -5.71 3.75
CA ARG A 72 -4.96 -5.05 3.81
C ARG A 72 -4.09 -5.42 2.61
N CYS A 73 -3.68 -4.42 1.84
CA CYS A 73 -2.86 -4.65 0.65
C CYS A 73 -1.40 -4.31 0.94
N GLU A 74 -0.49 -4.81 0.10
CA GLU A 74 0.93 -4.55 0.27
C GLU A 74 1.65 -4.67 -1.07
N LEU A 75 2.63 -3.80 -1.28
CA LEU A 75 3.41 -3.79 -2.52
C LEU A 75 4.89 -3.53 -2.23
N GLN A 76 5.71 -4.56 -2.41
CA GLN A 76 7.14 -4.44 -2.18
C GLN A 76 7.87 -4.03 -3.45
N ILE A 77 8.91 -3.24 -3.31
CA ILE A 77 9.70 -2.77 -4.45
C ILE A 77 11.19 -2.99 -4.22
N ARG A 78 11.82 -3.75 -5.12
CA ARG A 78 13.24 -4.03 -5.00
C ARG A 78 14.02 -3.31 -6.10
N GLY A 79 15.05 -2.58 -5.69
CA GLY A 79 15.87 -1.84 -6.64
C GLY A 79 15.69 -0.34 -6.52
N LEU A 80 15.61 0.15 -5.29
CA LEU A 80 15.44 1.57 -5.04
C LEU A 80 16.69 2.35 -5.46
N VAL A 81 16.62 3.00 -6.61
CA VAL A 81 17.74 3.78 -7.11
C VAL A 81 17.33 5.23 -7.38
N ALA A 82 16.13 5.41 -7.92
CA ALA A 82 15.62 6.75 -8.21
C ALA A 82 14.29 6.67 -8.97
N GLU A 83 14.13 5.61 -9.75
CA GLU A 83 12.91 5.43 -10.53
C GLU A 83 11.75 5.00 -9.62
N ASP A 84 12.05 4.17 -8.64
CA ASP A 84 11.05 3.69 -7.70
C ASP A 84 10.34 4.85 -7.01
N ALA A 85 11.05 5.95 -6.84
CA ALA A 85 10.50 7.13 -6.19
C ALA A 85 9.44 7.78 -7.06
N GLY A 86 8.30 8.11 -6.46
CA GLY A 86 7.22 8.74 -7.21
C GLY A 86 5.91 8.72 -6.45
N GLU A 87 4.81 8.88 -7.18
CA GLU A 87 3.49 8.88 -6.56
C GLU A 87 2.73 7.61 -6.91
N TYR A 88 2.36 6.84 -5.89
CA TYR A 88 1.63 5.59 -6.10
C TYR A 88 0.14 5.80 -5.88
N LEU A 89 -0.65 4.81 -6.32
CA LEU A 89 -2.10 4.89 -6.18
C LEU A 89 -2.68 3.51 -5.84
N CYS A 90 -3.93 3.49 -5.41
CA CYS A 90 -4.60 2.25 -5.05
C CYS A 90 -6.12 2.42 -5.11
N MET A 91 -6.69 2.16 -6.28
CA MET A 91 -8.14 2.28 -6.46
C MET A 91 -8.84 0.97 -6.17
N CYS A 92 -9.88 1.03 -5.34
CA CYS A 92 -10.64 -0.17 -4.97
C CYS A 92 -12.13 0.06 -5.15
N GLY A 93 -12.65 -0.33 -6.32
CA GLY A 93 -14.06 -0.15 -6.60
C GLY A 93 -14.41 1.28 -6.95
N LYS A 94 -14.59 2.11 -5.94
CA LYS A 94 -14.93 3.51 -6.16
C LYS A 94 -13.89 4.43 -5.52
N GLU A 95 -13.64 4.21 -4.23
CA GLU A 95 -12.67 5.03 -3.51
C GLU A 95 -11.25 4.76 -4.00
N ARG A 96 -10.32 5.64 -3.64
CA ARG A 96 -8.93 5.50 -4.05
C ARG A 96 -8.02 6.39 -3.22
N THR A 97 -6.73 6.06 -3.19
CA THR A 97 -5.75 6.82 -2.43
C THR A 97 -4.41 6.88 -3.14
N SER A 98 -3.58 7.84 -2.77
CA SER A 98 -2.27 8.00 -3.37
C SER A 98 -1.26 8.54 -2.37
N ALA A 99 -0.03 8.05 -2.44
CA ALA A 99 1.03 8.48 -1.54
C ALA A 99 2.31 8.79 -2.29
N MET A 100 3.20 9.55 -1.66
CA MET A 100 4.47 9.92 -2.28
C MET A 100 5.62 9.13 -1.66
N LEU A 101 6.46 8.55 -2.51
CA LEU A 101 7.60 7.77 -2.04
C LEU A 101 8.91 8.50 -2.29
N THR A 102 9.71 8.69 -1.25
CA THR A 102 10.98 9.38 -1.36
C THR A 102 12.15 8.40 -1.31
N VAL A 103 13.18 8.66 -2.10
CA VAL A 103 14.35 7.79 -2.14
C VAL A 103 15.63 8.60 -1.92
N ARG A 104 16.19 8.49 -0.72
CA ARG A 104 17.42 9.22 -0.38
C ARG A 104 18.59 8.67 -1.18
N ALA A 105 19.79 9.17 -0.87
CA ALA A 105 21.00 8.73 -1.55
C ALA A 105 21.93 7.99 -0.61
N MET A 106 22.50 6.89 -1.09
CA MET A 106 23.41 6.08 -0.29
C MET A 106 24.54 6.94 0.29
N PRO A 107 25.19 6.44 1.34
CA PRO A 107 26.30 7.14 2.00
C PRO A 107 27.55 7.21 1.13
N SER A 108 27.79 8.37 0.53
CA SER A 108 28.95 8.56 -0.33
C SER A 108 29.95 9.50 0.32
N GLY A 109 31.00 8.93 0.91
CA GLY A 109 32.01 9.74 1.56
C GLY A 109 31.84 9.80 3.07
N PRO A 110 32.82 10.38 3.76
CA PRO A 110 32.80 10.51 5.22
C PRO A 110 31.74 11.50 5.70
N SER A 111 30.56 10.99 6.03
CA SER A 111 29.47 11.83 6.49
C SER A 111 28.91 11.31 7.81
N SER A 112 28.15 12.16 8.50
CA SER A 112 27.56 11.79 9.78
C SER A 112 26.28 11.00 9.58
N GLY A 113 26.24 9.79 10.12
CA GLY A 113 25.07 8.95 9.99
C GLY A 113 25.22 7.90 8.90
N GLY A 1 2.40 -21.43 35.08
CA GLY A 1 2.15 -22.09 33.82
C GLY A 1 2.26 -21.15 32.64
N SER A 2 1.78 -19.92 32.82
CA SER A 2 1.82 -18.92 31.76
C SER A 2 1.07 -19.41 30.52
N SER A 3 0.04 -20.23 30.75
CA SER A 3 -0.75 -20.77 29.66
C SER A 3 -2.23 -20.40 29.83
N GLY A 4 -2.99 -20.52 28.74
CA GLY A 4 -4.40 -20.19 28.79
C GLY A 4 -5.17 -20.81 27.65
N SER A 5 -6.11 -21.70 27.98
CA SER A 5 -6.92 -22.38 26.97
C SER A 5 -8.38 -21.97 27.09
N SER A 6 -8.63 -20.67 26.99
CA SER A 6 -9.99 -20.15 27.09
C SER A 6 -10.52 -19.73 25.72
N GLY A 7 -11.84 -19.84 25.54
CA GLY A 7 -12.44 -19.47 24.28
C GLY A 7 -13.77 -20.17 24.04
N ARG A 8 -14.84 -19.40 24.01
CA ARG A 8 -16.18 -19.95 23.81
C ARG A 8 -17.10 -18.91 23.18
N THR A 9 -18.35 -19.32 22.92
CA THR A 9 -19.34 -18.42 22.32
C THR A 9 -18.86 -17.92 20.96
N SER A 10 -19.72 -17.16 20.30
CA SER A 10 -19.40 -16.62 18.98
C SER A 10 -18.98 -15.16 19.06
N ALA A 11 -18.17 -14.72 18.11
CA ALA A 11 -17.69 -13.33 18.09
C ALA A 11 -18.07 -12.66 16.78
N MET A 12 -19.15 -11.88 16.80
CA MET A 12 -19.62 -11.18 15.62
C MET A 12 -19.99 -12.16 14.50
N LEU A 13 -20.43 -11.62 13.37
CA LEU A 13 -20.82 -12.45 12.24
C LEU A 13 -20.17 -11.95 10.95
N THR A 14 -20.56 -12.56 9.83
CA THR A 14 -20.01 -12.18 8.52
C THR A 14 -20.63 -10.87 8.04
N VAL A 15 -19.85 -10.11 7.29
CA VAL A 15 -20.33 -8.83 6.75
C VAL A 15 -20.23 -8.81 5.23
N ARG A 16 -21.36 -8.58 4.57
CA ARG A 16 -21.40 -8.53 3.12
C ARG A 16 -22.36 -7.44 2.64
N ALA A 17 -22.58 -7.39 1.33
CA ALA A 17 -23.48 -6.41 0.74
C ALA A 17 -22.95 -4.99 0.96
N LEU A 18 -23.66 -4.00 0.43
CA LEU A 18 -23.26 -2.61 0.56
C LEU A 18 -21.93 -2.36 -0.12
N PRO A 19 -21.65 -1.07 -0.41
CA PRO A 19 -20.40 -0.68 -1.07
C PRO A 19 -19.18 -0.83 -0.16
N ILE A 20 -18.04 -0.33 -0.61
CA ILE A 20 -16.81 -0.41 0.16
C ILE A 20 -16.04 0.90 0.11
N LYS A 21 -15.38 1.25 1.21
CA LYS A 21 -14.60 2.47 1.29
C LYS A 21 -13.21 2.20 1.86
N PHE A 22 -12.45 3.25 2.08
CA PHE A 22 -11.09 3.14 2.62
C PHE A 22 -11.07 3.53 4.10
N THR A 23 -10.47 2.67 4.93
CA THR A 23 -10.38 2.93 6.35
C THR A 23 -9.04 3.55 6.71
N GLU A 24 -7.98 3.11 6.03
CA GLU A 24 -6.64 3.62 6.27
C GLU A 24 -5.89 3.83 4.96
N GLY A 25 -6.08 5.01 4.36
CA GLY A 25 -5.41 5.31 3.10
C GLY A 25 -3.91 5.26 3.22
N LEU A 26 -3.22 5.26 2.08
CA LEU A 26 -1.76 5.21 2.06
C LEU A 26 -1.18 6.34 2.90
N ARG A 27 0.13 6.27 3.14
CA ARG A 27 0.82 7.28 3.92
C ARG A 27 2.20 7.58 3.36
N ASN A 28 2.58 8.85 3.36
CA ASN A 28 3.87 9.27 2.83
C ASN A 28 5.00 8.47 3.47
N GLU A 29 5.78 7.78 2.64
CA GLU A 29 6.89 6.97 3.13
C GLU A 29 8.22 7.51 2.60
N GLU A 30 9.32 7.03 3.18
CA GLU A 30 10.65 7.44 2.77
C GLU A 30 11.67 6.33 2.98
N ALA A 31 12.37 5.98 1.91
CA ALA A 31 13.38 4.92 1.98
C ALA A 31 14.70 5.39 1.40
N THR A 32 15.74 4.57 1.57
CA THR A 32 17.07 4.92 1.07
C THR A 32 17.43 4.08 -0.15
N GLU A 33 18.33 4.60 -0.98
CA GLU A 33 18.75 3.90 -2.19
C GLU A 33 19.32 2.53 -1.85
N GLY A 34 18.84 1.51 -2.57
CA GLY A 34 19.31 0.15 -2.33
C GLY A 34 18.42 -0.59 -1.35
N ALA A 35 17.65 0.15 -0.56
CA ALA A 35 16.76 -0.46 0.42
C ALA A 35 15.50 -0.99 -0.25
N THR A 36 14.53 -1.41 0.56
CA THR A 36 13.27 -1.94 0.05
C THR A 36 12.08 -1.21 0.65
N ALA A 37 11.24 -0.67 -0.22
CA ALA A 37 10.05 0.06 0.23
C ALA A 37 8.81 -0.84 0.21
N VAL A 38 7.93 -0.63 1.17
CA VAL A 38 6.71 -1.42 1.27
C VAL A 38 5.52 -0.55 1.70
N LEU A 39 4.57 -0.39 0.80
CA LEU A 39 3.38 0.41 1.08
C LEU A 39 2.17 -0.48 1.32
N ARG A 40 1.57 -0.34 2.51
CA ARG A 40 0.40 -1.14 2.87
C ARG A 40 -0.79 -0.24 3.16
N CYS A 41 -2.00 -0.75 2.93
CA CYS A 41 -3.21 0.00 3.18
C CYS A 41 -4.34 -0.91 3.63
N GLU A 42 -5.27 -0.36 4.42
CA GLU A 42 -6.39 -1.13 4.94
C GLU A 42 -7.69 -0.71 4.27
N LEU A 43 -8.56 -1.68 4.01
CA LEU A 43 -9.84 -1.42 3.37
C LEU A 43 -11.00 -1.78 4.30
N SER A 44 -12.22 -1.53 3.83
CA SER A 44 -13.42 -1.83 4.61
C SER A 44 -13.77 -3.32 4.53
N LYS A 45 -13.52 -3.91 3.36
CA LYS A 45 -13.81 -5.32 3.14
C LYS A 45 -12.88 -5.91 2.09
N MET A 46 -12.67 -7.22 2.14
CA MET A 46 -11.81 -7.90 1.19
C MET A 46 -12.29 -7.67 -0.24
N ALA A 47 -11.48 -6.99 -1.04
CA ALA A 47 -11.82 -6.70 -2.42
C ALA A 47 -10.57 -6.44 -3.25
N PRO A 48 -10.71 -6.56 -4.58
CA PRO A 48 -9.60 -6.34 -5.51
C PRO A 48 -9.19 -4.87 -5.60
N VAL A 49 -7.90 -4.62 -5.76
CA VAL A 49 -7.39 -3.27 -5.86
C VAL A 49 -6.49 -3.10 -7.08
N GLU A 50 -6.10 -1.86 -7.36
CA GLU A 50 -5.24 -1.57 -8.50
C GLU A 50 -4.31 -0.40 -8.19
N TRP A 51 -3.01 -0.65 -8.25
CA TRP A 51 -2.02 0.38 -7.99
C TRP A 51 -1.60 1.08 -9.28
N TRP A 52 -1.56 2.40 -9.24
CA TRP A 52 -1.17 3.18 -10.41
C TRP A 52 -0.07 4.19 -10.06
N LYS A 53 0.74 4.55 -11.05
CA LYS A 53 1.82 5.50 -10.84
C LYS A 53 1.95 6.45 -12.02
N GLY A 54 1.38 7.64 -11.88
CA GLY A 54 1.44 8.63 -12.94
C GLY A 54 0.62 8.22 -14.15
N HIS A 55 -0.67 7.96 -13.93
CA HIS A 55 -1.56 7.55 -15.01
C HIS A 55 -1.03 6.31 -15.71
N GLU A 56 -0.55 5.35 -14.92
CA GLU A 56 -0.02 4.11 -15.46
C GLU A 56 -0.21 2.95 -14.48
N THR A 57 -0.54 1.79 -15.00
CA THR A 57 -0.74 0.61 -14.17
C THR A 57 0.58 -0.09 -13.86
N LEU A 58 0.73 -0.54 -12.62
CA LEU A 58 1.95 -1.22 -12.19
C LEU A 58 1.83 -2.72 -12.42
N ARG A 59 2.95 -3.43 -12.28
CA ARG A 59 2.98 -4.87 -12.46
C ARG A 59 3.57 -5.57 -11.24
N ASP A 60 3.46 -6.90 -11.21
CA ASP A 60 3.98 -7.68 -10.10
C ASP A 60 4.92 -8.77 -10.60
N GLY A 61 6.04 -8.93 -9.91
CA GLY A 61 7.02 -9.94 -10.30
C GLY A 61 8.29 -9.34 -10.85
N ASP A 62 9.27 -10.19 -11.13
CA ASP A 62 10.55 -9.73 -11.66
C ASP A 62 11.33 -8.95 -10.60
N ARG A 63 10.91 -7.71 -10.38
CA ARG A 63 11.57 -6.85 -9.41
C ARG A 63 10.60 -6.43 -8.30
N HIS A 64 9.33 -6.26 -8.67
CA HIS A 64 8.30 -5.86 -7.72
C HIS A 64 7.64 -7.09 -7.10
N SER A 65 6.92 -6.86 -5.99
CA SER A 65 6.24 -7.96 -5.29
C SER A 65 4.93 -7.47 -4.69
N LEU A 66 3.82 -7.83 -5.35
CA LEU A 66 2.49 -7.44 -4.89
C LEU A 66 1.89 -8.52 -4.01
N ARG A 67 1.51 -8.15 -2.79
CA ARG A 67 0.91 -9.08 -1.85
C ARG A 67 -0.37 -8.51 -1.25
N GLN A 68 -1.37 -9.37 -1.07
CA GLN A 68 -2.65 -8.95 -0.51
C GLN A 68 -3.17 -9.97 0.50
N ASP A 69 -3.72 -9.48 1.60
CA ASP A 69 -4.26 -10.35 2.63
C ASP A 69 -5.59 -9.83 3.16
N GLY A 70 -6.68 -10.29 2.56
CA GLY A 70 -8.00 -9.85 2.98
C GLY A 70 -8.26 -8.39 2.64
N ALA A 71 -8.27 -7.55 3.66
CA ALA A 71 -8.51 -6.12 3.47
C ALA A 71 -7.24 -5.32 3.73
N ARG A 72 -6.09 -5.96 3.57
CA ARG A 72 -4.81 -5.30 3.78
C ARG A 72 -3.86 -5.55 2.61
N CYS A 73 -3.79 -4.59 1.70
CA CYS A 73 -2.92 -4.71 0.54
C CYS A 73 -1.48 -4.34 0.88
N GLU A 74 -0.55 -4.68 0.00
CA GLU A 74 0.86 -4.39 0.20
C GLU A 74 1.63 -4.43 -1.11
N LEU A 75 2.49 -3.44 -1.30
CA LEU A 75 3.29 -3.36 -2.52
C LEU A 75 4.78 -3.28 -2.19
N GLN A 76 5.50 -4.37 -2.44
CA GLN A 76 6.93 -4.41 -2.17
C GLN A 76 7.74 -4.07 -3.43
N ILE A 77 8.88 -3.43 -3.23
CA ILE A 77 9.75 -3.04 -4.34
C ILE A 77 11.21 -3.29 -4.01
N ARG A 78 11.78 -4.35 -4.57
CA ARG A 78 13.17 -4.69 -4.33
C ARG A 78 14.07 -4.09 -5.41
N GLY A 79 15.14 -3.43 -4.99
CA GLY A 79 16.06 -2.82 -5.93
C GLY A 79 15.79 -1.34 -6.13
N LEU A 80 15.78 -0.59 -5.03
CA LEU A 80 15.52 0.85 -5.09
C LEU A 80 16.60 1.54 -5.92
N VAL A 81 16.31 2.79 -6.30
CA VAL A 81 17.25 3.58 -7.10
C VAL A 81 16.86 5.04 -7.11
N ALA A 82 15.85 5.38 -7.90
CA ALA A 82 15.37 6.75 -8.01
C ALA A 82 14.20 6.86 -8.98
N GLU A 83 14.23 6.03 -10.02
CA GLU A 83 13.16 6.04 -11.02
C GLU A 83 11.84 5.59 -10.41
N ASP A 84 11.93 4.76 -9.38
CA ASP A 84 10.73 4.25 -8.71
C ASP A 84 10.08 5.34 -7.87
N ALA A 85 10.89 6.29 -7.40
CA ALA A 85 10.39 7.39 -6.58
C ALA A 85 9.39 8.24 -7.36
N GLY A 86 8.38 8.73 -6.66
CA GLY A 86 7.36 9.56 -7.30
C GLY A 86 6.06 9.58 -6.54
N GLU A 87 4.95 9.41 -7.25
CA GLU A 87 3.63 9.41 -6.64
C GLU A 87 2.89 8.11 -6.93
N TYR A 88 2.52 7.39 -5.88
CA TYR A 88 1.82 6.12 -6.02
C TYR A 88 0.30 6.33 -5.89
N LEU A 89 -0.46 5.32 -6.28
CA LEU A 89 -1.91 5.38 -6.20
C LEU A 89 -2.50 4.03 -5.80
N CYS A 90 -3.82 4.00 -5.60
CA CYS A 90 -4.50 2.77 -5.22
C CYS A 90 -6.01 2.91 -5.39
N MET A 91 -6.50 2.58 -6.59
CA MET A 91 -7.91 2.68 -6.89
C MET A 91 -8.63 1.38 -6.51
N CYS A 92 -9.70 1.52 -5.72
CA CYS A 92 -10.47 0.35 -5.29
C CYS A 92 -11.96 0.59 -5.48
N GLY A 93 -12.47 0.19 -6.64
CA GLY A 93 -13.88 0.38 -6.93
C GLY A 93 -14.20 1.79 -7.40
N LYS A 94 -14.12 2.75 -6.49
CA LYS A 94 -14.40 4.15 -6.83
C LYS A 94 -13.34 5.07 -6.24
N GLU A 95 -13.21 5.04 -4.92
CA GLU A 95 -12.22 5.88 -4.23
C GLU A 95 -10.80 5.52 -4.67
N ARG A 96 -9.84 6.32 -4.23
CA ARG A 96 -8.44 6.10 -4.58
C ARG A 96 -7.51 6.92 -3.69
N THR A 97 -6.52 6.26 -3.11
CA THR A 97 -5.57 6.93 -2.23
C THR A 97 -4.17 6.94 -2.85
N SER A 98 -3.54 8.11 -2.86
CA SER A 98 -2.20 8.25 -3.42
C SER A 98 -1.20 8.65 -2.33
N ALA A 99 0.07 8.32 -2.56
CA ALA A 99 1.12 8.64 -1.60
C ALA A 99 2.37 9.15 -2.31
N MET A 100 3.37 9.53 -1.54
CA MET A 100 4.62 10.04 -2.10
C MET A 100 5.82 9.29 -1.53
N LEU A 101 6.50 8.54 -2.39
CA LEU A 101 7.67 7.76 -1.98
C LEU A 101 8.95 8.52 -2.27
N THR A 102 9.79 8.68 -1.25
CA THR A 102 11.07 9.38 -1.40
C THR A 102 12.24 8.42 -1.30
N VAL A 103 13.10 8.43 -2.31
CA VAL A 103 14.28 7.56 -2.34
C VAL A 103 15.55 8.37 -2.13
N ARG A 104 16.14 8.24 -0.95
CA ARG A 104 17.38 8.95 -0.64
C ARG A 104 18.57 8.36 -1.40
N ALA A 105 19.76 8.83 -1.08
CA ALA A 105 20.97 8.35 -1.74
C ALA A 105 21.83 7.54 -0.77
N MET A 106 22.51 6.52 -1.29
CA MET A 106 23.36 5.67 -0.48
C MET A 106 24.58 6.43 0.01
N PRO A 107 25.23 5.91 1.06
CA PRO A 107 26.43 6.54 1.64
C PRO A 107 27.64 6.42 0.73
N SER A 108 28.15 7.57 0.29
CA SER A 108 29.32 7.60 -0.59
C SER A 108 30.59 7.25 0.17
N GLY A 109 30.80 7.95 1.29
CA GLY A 109 31.99 7.70 2.10
C GLY A 109 31.73 7.90 3.58
N PRO A 110 32.82 7.97 4.36
CA PRO A 110 32.73 8.16 5.82
C PRO A 110 32.22 9.55 6.19
N SER A 111 31.23 9.60 7.07
CA SER A 111 30.65 10.86 7.51
C SER A 111 30.74 11.00 9.02
N SER A 112 30.38 12.17 9.52
CA SER A 112 30.41 12.44 10.97
C SER A 112 29.20 13.24 11.40
N GLY A 113 28.50 12.74 12.41
CA GLY A 113 27.33 13.42 12.91
C GLY A 113 26.71 12.72 14.11
N GLY A 1 1.44 14.49 7.59
CA GLY A 1 2.42 14.40 8.65
C GLY A 1 1.89 13.72 9.89
N SER A 2 2.65 13.77 10.99
CA SER A 2 2.23 13.15 12.23
C SER A 2 2.01 11.65 12.05
N SER A 3 1.58 10.99 13.11
CA SER A 3 1.34 9.54 13.07
C SER A 3 -0.06 9.22 13.57
N GLY A 4 -0.74 8.31 12.87
CA GLY A 4 -2.08 7.93 13.26
C GLY A 4 -2.45 6.55 12.76
N SER A 5 -2.69 5.62 13.69
CA SER A 5 -3.05 4.25 13.35
C SER A 5 -4.45 3.91 13.86
N SER A 6 -5.42 4.76 13.53
CA SER A 6 -6.79 4.56 13.97
C SER A 6 -6.90 4.59 15.49
N GLY A 7 -8.13 4.68 15.98
CA GLY A 7 -8.35 4.73 17.41
C GLY A 7 -8.02 3.41 18.09
N ARG A 8 -9.04 2.73 18.59
CA ARG A 8 -8.86 1.45 19.26
C ARG A 8 -9.45 0.31 18.44
N THR A 9 -8.81 -0.86 18.50
CA THR A 9 -9.27 -2.02 17.75
C THR A 9 -10.72 -2.34 18.06
N SER A 10 -11.59 -2.06 17.11
CA SER A 10 -13.02 -2.31 17.27
C SER A 10 -13.73 -2.41 15.93
N ALA A 11 -13.93 -3.64 15.47
CA ALA A 11 -14.60 -3.88 14.20
C ALA A 11 -15.51 -5.10 14.27
N MET A 12 -16.71 -4.97 13.69
CA MET A 12 -17.67 -6.06 13.70
C MET A 12 -18.24 -6.29 12.29
N LEU A 13 -18.29 -7.55 11.88
CA LEU A 13 -18.81 -7.90 10.57
C LEU A 13 -20.25 -8.39 10.66
N THR A 14 -21.18 -7.55 10.21
CA THR A 14 -22.60 -7.89 10.24
C THR A 14 -23.37 -7.18 9.15
N VAL A 15 -22.67 -6.86 8.06
CA VAL A 15 -23.28 -6.17 6.93
C VAL A 15 -23.96 -7.16 5.99
N ARG A 16 -24.86 -6.65 5.15
CA ARG A 16 -25.57 -7.49 4.20
C ARG A 16 -25.27 -7.06 2.76
N ALA A 17 -25.27 -5.75 2.52
CA ALA A 17 -24.99 -5.23 1.19
C ALA A 17 -24.58 -3.76 1.26
N LEU A 18 -23.27 -3.52 1.32
CA LEU A 18 -22.76 -2.16 1.39
C LEU A 18 -21.53 -1.99 0.50
N PRO A 19 -21.21 -0.73 0.16
CA PRO A 19 -20.06 -0.41 -0.69
C PRO A 19 -18.73 -0.67 0.00
N ILE A 20 -17.64 -0.25 -0.64
CA ILE A 20 -16.31 -0.44 -0.08
C ILE A 20 -15.49 0.85 -0.15
N LYS A 21 -15.01 1.30 0.99
CA LYS A 21 -14.21 2.52 1.06
C LYS A 21 -12.84 2.25 1.68
N PHE A 22 -12.07 3.31 1.90
CA PHE A 22 -10.74 3.18 2.50
C PHE A 22 -10.76 3.63 3.96
N THR A 23 -10.30 2.75 4.84
CA THR A 23 -10.26 3.06 6.27
C THR A 23 -8.95 3.74 6.65
N GLU A 24 -7.88 3.38 5.95
CA GLU A 24 -6.57 3.96 6.22
C GLU A 24 -5.78 4.15 4.92
N GLY A 25 -5.98 5.30 4.27
CA GLY A 25 -5.29 5.59 3.04
C GLY A 25 -3.79 5.40 3.15
N LEU A 26 -3.09 5.52 2.04
CA LEU A 26 -1.63 5.37 2.01
C LEU A 26 -0.96 6.49 2.80
N ARG A 27 0.31 6.32 3.10
CA ARG A 27 1.07 7.32 3.84
C ARG A 27 2.44 7.56 3.20
N ASN A 28 2.90 8.81 3.26
CA ASN A 28 4.19 9.16 2.67
C ASN A 28 5.30 8.28 3.24
N GLU A 29 5.91 7.48 2.36
CA GLU A 29 6.98 6.59 2.77
C GLU A 29 8.34 7.11 2.28
N GLU A 30 9.41 6.64 2.92
CA GLU A 30 10.76 7.07 2.56
C GLU A 30 11.76 5.94 2.77
N ALA A 31 12.59 5.70 1.76
CA ALA A 31 13.60 4.65 1.83
C ALA A 31 14.93 5.13 1.27
N THR A 32 15.99 4.38 1.57
CA THR A 32 17.33 4.74 1.10
C THR A 32 17.69 3.96 -0.18
N GLU A 33 18.49 4.59 -1.03
CA GLU A 33 18.90 3.95 -2.28
C GLU A 33 19.48 2.57 -2.03
N GLY A 34 19.01 1.58 -2.78
CA GLY A 34 19.50 0.22 -2.62
C GLY A 34 18.67 -0.58 -1.64
N ALA A 35 17.91 0.11 -0.80
CA ALA A 35 17.07 -0.55 0.19
C ALA A 35 15.79 -1.09 -0.46
N THR A 36 14.88 -1.57 0.37
CA THR A 36 13.61 -2.12 -0.12
C THR A 36 12.42 -1.33 0.42
N ALA A 37 11.72 -0.65 -0.48
CA ALA A 37 10.55 0.13 -0.09
C ALA A 37 9.26 -0.65 -0.31
N VAL A 38 8.35 -0.56 0.66
CA VAL A 38 7.08 -1.26 0.57
C VAL A 38 5.97 -0.49 1.29
N LEU A 39 4.90 -0.19 0.56
CA LEU A 39 3.78 0.55 1.13
C LEU A 39 2.69 -0.41 1.63
N ARG A 40 1.85 0.08 2.53
CA ARG A 40 0.77 -0.73 3.08
C ARG A 40 -0.46 0.12 3.37
N CYS A 41 -1.65 -0.42 3.10
CA CYS A 41 -2.89 0.28 3.34
C CYS A 41 -4.00 -0.67 3.74
N GLU A 42 -5.00 -0.16 4.44
CA GLU A 42 -6.13 -0.97 4.88
C GLU A 42 -7.39 -0.64 4.10
N LEU A 43 -8.29 -1.62 3.98
CA LEU A 43 -9.53 -1.43 3.26
C LEU A 43 -10.74 -1.78 4.13
N SER A 44 -11.93 -1.42 3.67
CA SER A 44 -13.15 -1.70 4.41
C SER A 44 -13.60 -3.14 4.20
N LYS A 45 -13.29 -3.68 3.02
CA LYS A 45 -13.66 -5.04 2.69
C LYS A 45 -12.77 -5.59 1.59
N MET A 46 -12.68 -6.92 1.50
CA MET A 46 -11.86 -7.58 0.49
C MET A 46 -12.34 -7.22 -0.91
N ALA A 47 -11.44 -6.72 -1.74
CA ALA A 47 -11.77 -6.34 -3.10
C ALA A 47 -10.51 -6.09 -3.92
N PRO A 48 -10.65 -6.13 -5.26
CA PRO A 48 -9.54 -5.91 -6.18
C PRO A 48 -9.06 -4.46 -6.19
N VAL A 49 -7.76 -4.27 -6.34
CA VAL A 49 -7.19 -2.93 -6.36
C VAL A 49 -6.13 -2.81 -7.46
N GLU A 50 -5.89 -1.58 -7.91
CA GLU A 50 -4.90 -1.33 -8.95
C GLU A 50 -3.87 -0.30 -8.49
N TRP A 51 -2.59 -0.64 -8.65
CA TRP A 51 -1.51 0.26 -8.26
C TRP A 51 -1.07 1.14 -9.41
N TRP A 52 -1.38 2.42 -9.33
CA TRP A 52 -1.02 3.37 -10.38
C TRP A 52 0.15 4.25 -9.94
N LYS A 53 1.04 4.56 -10.87
CA LYS A 53 2.19 5.39 -10.58
C LYS A 53 2.50 6.33 -11.74
N GLY A 54 2.02 7.56 -11.64
CA GLY A 54 2.25 8.54 -12.70
C GLY A 54 1.46 8.23 -13.95
N HIS A 55 0.15 8.07 -13.81
CA HIS A 55 -0.72 7.77 -14.93
C HIS A 55 -0.29 6.48 -15.64
N GLU A 56 0.11 5.50 -14.84
CA GLU A 56 0.56 4.21 -15.38
C GLU A 56 0.27 3.08 -14.42
N THR A 57 -0.22 1.96 -14.95
CA THR A 57 -0.54 0.80 -14.13
C THR A 57 0.70 -0.04 -13.83
N LEU A 58 0.80 -0.52 -12.60
CA LEU A 58 1.95 -1.32 -12.19
C LEU A 58 1.58 -2.80 -12.14
N ARG A 59 2.59 -3.66 -12.07
CA ARG A 59 2.37 -5.10 -12.02
C ARG A 59 3.43 -5.78 -11.16
N ASP A 60 3.35 -7.10 -11.05
CA ASP A 60 4.29 -7.87 -10.26
C ASP A 60 5.18 -8.72 -11.15
N GLY A 61 6.26 -9.26 -10.58
CA GLY A 61 7.17 -10.08 -11.34
C GLY A 61 8.60 -10.00 -10.83
N ASP A 62 8.87 -10.67 -9.72
CA ASP A 62 10.20 -10.66 -9.13
C ASP A 62 10.53 -9.30 -8.55
N ARG A 63 10.86 -8.35 -9.42
CA ARG A 63 11.19 -6.99 -9.01
C ARG A 63 10.11 -6.42 -8.11
N HIS A 64 8.88 -6.38 -8.61
CA HIS A 64 7.75 -5.85 -7.85
C HIS A 64 7.00 -6.96 -7.15
N SER A 65 6.90 -6.86 -5.82
CA SER A 65 6.21 -7.87 -5.02
C SER A 65 4.83 -7.38 -4.61
N LEU A 66 3.80 -7.91 -5.26
CA LEU A 66 2.42 -7.53 -4.95
C LEU A 66 1.73 -8.61 -4.13
N ARG A 67 1.26 -8.24 -2.94
CA ARG A 67 0.57 -9.18 -2.07
C ARG A 67 -0.70 -8.56 -1.49
N GLN A 68 -1.73 -9.39 -1.30
CA GLN A 68 -2.99 -8.91 -0.75
C GLN A 68 -3.54 -9.90 0.27
N ASP A 69 -3.75 -9.42 1.50
CA ASP A 69 -4.29 -10.27 2.57
C ASP A 69 -5.67 -9.79 2.99
N GLY A 70 -6.69 -10.25 2.27
CA GLY A 70 -8.05 -9.86 2.58
C GLY A 70 -8.35 -8.43 2.20
N ALA A 71 -8.12 -7.51 3.13
CA ALA A 71 -8.36 -6.09 2.89
C ALA A 71 -7.07 -5.30 2.93
N ARG A 72 -6.09 -5.79 3.69
CA ARG A 72 -4.80 -5.12 3.82
C ARG A 72 -3.94 -5.35 2.57
N CYS A 73 -3.71 -4.28 1.82
CA CYS A 73 -2.90 -4.37 0.61
C CYS A 73 -1.52 -3.77 0.83
N GLU A 74 -0.56 -4.18 0.01
CA GLU A 74 0.80 -3.68 0.12
C GLU A 74 1.57 -3.91 -1.18
N LEU A 75 2.50 -3.03 -1.48
CA LEU A 75 3.31 -3.13 -2.70
C LEU A 75 4.80 -2.95 -2.38
N GLN A 76 5.55 -4.05 -2.44
CA GLN A 76 6.97 -4.02 -2.16
C GLN A 76 7.78 -3.89 -3.45
N ILE A 77 8.89 -3.18 -3.38
CA ILE A 77 9.75 -3.00 -4.55
C ILE A 77 11.20 -3.32 -4.22
N ARG A 78 11.68 -4.45 -4.72
CA ARG A 78 13.05 -4.88 -4.48
C ARG A 78 14.00 -4.26 -5.50
N GLY A 79 15.12 -3.73 -5.02
CA GLY A 79 16.08 -3.11 -5.91
C GLY A 79 15.80 -1.64 -6.15
N LEU A 80 15.74 -0.86 -5.07
CA LEU A 80 15.47 0.56 -5.17
C LEU A 80 16.50 1.25 -6.06
N VAL A 81 16.23 2.50 -6.43
CA VAL A 81 17.14 3.27 -7.26
C VAL A 81 16.85 4.76 -7.17
N ALA A 82 15.79 5.20 -7.84
CA ALA A 82 15.40 6.61 -7.82
C ALA A 82 14.15 6.84 -8.67
N GLU A 83 14.03 6.08 -9.76
CA GLU A 83 12.89 6.21 -10.65
C GLU A 83 11.60 5.75 -9.96
N ASP A 84 11.74 4.82 -9.03
CA ASP A 84 10.60 4.31 -8.29
C ASP A 84 9.87 5.42 -7.56
N ALA A 85 10.62 6.41 -7.09
CA ALA A 85 10.05 7.54 -6.37
C ALA A 85 9.01 8.26 -7.22
N GLY A 86 7.90 8.66 -6.59
CA GLY A 86 6.85 9.35 -7.30
C GLY A 86 5.54 9.38 -6.53
N GLU A 87 4.43 9.32 -7.25
CA GLU A 87 3.12 9.35 -6.61
C GLU A 87 2.36 8.04 -6.86
N TYR A 88 2.24 7.23 -5.81
CA TYR A 88 1.54 5.95 -5.93
C TYR A 88 0.05 6.13 -5.73
N LEU A 89 -0.73 5.18 -6.25
CA LEU A 89 -2.18 5.23 -6.13
C LEU A 89 -2.74 3.87 -5.72
N CYS A 90 -4.03 3.83 -5.41
CA CYS A 90 -4.69 2.60 -5.01
C CYS A 90 -6.21 2.73 -5.12
N MET A 91 -6.74 2.44 -6.30
CA MET A 91 -8.17 2.52 -6.53
C MET A 91 -8.85 1.18 -6.25
N CYS A 92 -9.81 1.19 -5.34
CA CYS A 92 -10.54 -0.03 -4.98
C CYS A 92 -12.04 0.14 -5.20
N GLY A 93 -12.52 -0.29 -6.36
CA GLY A 93 -13.94 -0.17 -6.67
C GLY A 93 -14.31 1.24 -7.09
N LYS A 94 -14.51 2.11 -6.11
CA LYS A 94 -14.89 3.50 -6.38
C LYS A 94 -13.91 4.46 -5.71
N GLU A 95 -13.59 4.20 -4.45
CA GLU A 95 -12.67 5.04 -3.70
C GLU A 95 -11.26 4.92 -4.24
N ARG A 96 -10.37 5.81 -3.80
CA ARG A 96 -8.98 5.79 -4.24
C ARG A 96 -8.11 6.67 -3.34
N THR A 97 -6.88 6.21 -3.08
CA THR A 97 -5.97 6.95 -2.24
C THR A 97 -4.56 6.98 -2.84
N SER A 98 -3.90 8.13 -2.73
CA SER A 98 -2.55 8.29 -3.27
C SER A 98 -1.55 8.59 -2.16
N ALA A 99 -0.28 8.38 -2.46
CA ALA A 99 0.78 8.63 -1.48
C ALA A 99 2.02 9.19 -2.16
N MET A 100 3.05 9.46 -1.36
CA MET A 100 4.30 9.99 -1.89
C MET A 100 5.50 9.22 -1.35
N LEU A 101 6.26 8.60 -2.26
CA LEU A 101 7.44 7.83 -1.88
C LEU A 101 8.72 8.60 -2.17
N THR A 102 9.61 8.64 -1.19
CA THR A 102 10.87 9.35 -1.34
C THR A 102 12.05 8.38 -1.28
N VAL A 103 12.93 8.45 -2.27
CA VAL A 103 14.10 7.57 -2.32
C VAL A 103 15.39 8.37 -2.12
N ARG A 104 15.96 8.27 -0.93
CA ARG A 104 17.20 8.98 -0.61
C ARG A 104 18.39 8.32 -1.31
N ALA A 105 19.55 8.94 -1.16
CA ALA A 105 20.78 8.42 -1.77
C ALA A 105 21.62 7.66 -0.74
N MET A 106 22.41 6.71 -1.22
CA MET A 106 23.26 5.91 -0.35
C MET A 106 24.18 6.80 0.47
N PRO A 107 24.71 6.25 1.58
CA PRO A 107 25.61 6.99 2.47
C PRO A 107 26.97 7.25 1.83
N SER A 108 27.04 8.31 1.03
CA SER A 108 28.28 8.67 0.35
C SER A 108 29.36 9.07 1.36
N GLY A 109 30.25 8.13 1.66
CA GLY A 109 31.32 8.39 2.61
C GLY A 109 31.15 7.60 3.89
N PRO A 110 32.04 7.87 4.87
CA PRO A 110 32.02 7.19 6.16
C PRO A 110 30.82 7.60 7.01
N SER A 111 30.48 6.78 8.00
CA SER A 111 29.35 7.07 8.88
C SER A 111 29.79 7.07 10.34
N SER A 112 29.06 7.83 11.17
CA SER A 112 29.39 7.93 12.58
C SER A 112 30.77 8.53 12.79
N GLY A 113 31.12 8.79 14.05
CA GLY A 113 32.41 9.37 14.36
C GLY A 113 33.38 8.35 14.92
N GLY A 1 -16.32 -28.00 30.26
CA GLY A 1 -14.99 -27.65 29.78
C GLY A 1 -14.70 -26.17 29.90
N SER A 2 -13.44 -25.82 30.06
CA SER A 2 -13.03 -24.43 30.20
C SER A 2 -11.59 -24.24 29.72
N SER A 3 -11.25 -23.00 29.39
CA SER A 3 -9.91 -22.67 28.91
C SER A 3 -9.50 -21.26 29.34
N GLY A 4 -9.75 -20.94 30.60
CA GLY A 4 -9.41 -19.63 31.11
C GLY A 4 -10.61 -18.72 31.22
N SER A 5 -10.52 -17.55 30.60
CA SER A 5 -11.61 -16.58 30.63
C SER A 5 -11.68 -15.78 29.33
N SER A 6 -12.77 -15.96 28.60
CA SER A 6 -12.96 -15.26 27.33
C SER A 6 -14.38 -15.44 26.81
N GLY A 7 -15.12 -14.34 26.73
CA GLY A 7 -16.49 -14.40 26.24
C GLY A 7 -16.76 -13.37 25.15
N ARG A 8 -15.72 -12.97 24.44
CA ARG A 8 -15.85 -11.99 23.37
C ARG A 8 -16.87 -12.44 22.34
N THR A 9 -17.74 -11.52 21.92
CA THR A 9 -18.77 -11.84 20.94
C THR A 9 -18.16 -12.22 19.60
N SER A 10 -17.01 -11.62 19.29
CA SER A 10 -16.32 -11.89 18.03
C SER A 10 -17.20 -11.54 16.84
N ALA A 11 -17.67 -10.31 16.81
CA ALA A 11 -18.52 -9.83 15.72
C ALA A 11 -18.86 -8.35 15.89
N MET A 12 -17.91 -7.49 15.56
CA MET A 12 -18.11 -6.05 15.67
C MET A 12 -18.66 -5.47 14.38
N LEU A 13 -18.26 -6.06 13.25
CA LEU A 13 -18.73 -5.61 11.95
C LEU A 13 -18.62 -6.72 10.92
N THR A 14 -19.62 -6.82 10.05
CA THR A 14 -19.64 -7.84 9.02
C THR A 14 -19.05 -7.31 7.71
N VAL A 15 -18.55 -8.22 6.87
CA VAL A 15 -17.96 -7.84 5.61
C VAL A 15 -18.84 -8.28 4.43
N ARG A 16 -19.98 -7.63 4.29
CA ARG A 16 -20.92 -7.94 3.22
C ARG A 16 -21.84 -6.77 2.92
N ALA A 17 -22.27 -6.66 1.67
CA ALA A 17 -23.16 -5.58 1.26
C ALA A 17 -22.50 -4.22 1.48
N LEU A 18 -23.24 -3.16 1.17
CA LEU A 18 -22.73 -1.80 1.33
C LEU A 18 -21.52 -1.56 0.43
N PRO A 19 -21.21 -0.28 0.18
CA PRO A 19 -20.08 0.11 -0.66
C PRO A 19 -18.73 -0.18 0.00
N ILE A 20 -17.65 0.18 -0.68
CA ILE A 20 -16.31 -0.04 -0.15
C ILE A 20 -15.48 1.23 -0.19
N LYS A 21 -14.95 1.62 0.96
CA LYS A 21 -14.12 2.83 1.06
C LYS A 21 -12.75 2.51 1.63
N PHE A 22 -11.98 3.55 1.93
CA PHE A 22 -10.65 3.37 2.48
C PHE A 22 -10.61 3.78 3.96
N THR A 23 -10.13 2.87 4.80
CA THR A 23 -10.04 3.13 6.23
C THR A 23 -8.76 3.88 6.58
N GLU A 24 -7.66 3.48 5.96
CA GLU A 24 -6.37 4.12 6.20
C GLU A 24 -5.56 4.23 4.91
N GLY A 25 -5.86 5.25 4.12
CA GLY A 25 -5.15 5.45 2.87
C GLY A 25 -3.65 5.46 3.05
N LEU A 26 -2.92 5.35 1.94
CA LEU A 26 -1.47 5.34 1.97
C LEU A 26 -0.93 6.57 2.71
N ARG A 27 0.32 6.50 3.14
CA ARG A 27 0.94 7.61 3.85
C ARG A 27 2.31 7.93 3.26
N ASN A 28 2.71 9.19 3.36
CA ASN A 28 4.00 9.63 2.84
C ASN A 28 5.14 8.80 3.43
N GLU A 29 5.67 7.88 2.62
CA GLU A 29 6.76 7.01 3.05
C GLU A 29 8.09 7.50 2.50
N GLU A 30 9.18 6.98 3.05
CA GLU A 30 10.52 7.36 2.61
C GLU A 30 11.50 6.21 2.77
N ALA A 31 12.11 5.79 1.67
CA ALA A 31 13.07 4.69 1.69
C ALA A 31 14.46 5.18 1.28
N THR A 32 15.46 4.31 1.45
CA THR A 32 16.83 4.65 1.10
C THR A 32 17.27 3.91 -0.16
N GLU A 33 18.14 4.55 -0.94
CA GLU A 33 18.63 3.96 -2.18
C GLU A 33 19.28 2.61 -1.91
N GLY A 34 19.15 1.69 -2.86
CA GLY A 34 19.72 0.37 -2.71
C GLY A 34 19.08 -0.42 -1.60
N ALA A 35 17.87 -0.02 -1.21
CA ALA A 35 17.15 -0.71 -0.14
C ALA A 35 15.86 -1.32 -0.66
N THR A 36 15.01 -1.79 0.25
CA THR A 36 13.74 -2.41 -0.12
C THR A 36 12.57 -1.63 0.44
N ALA A 37 11.81 -1.01 -0.46
CA ALA A 37 10.65 -0.22 -0.05
C ALA A 37 9.36 -1.03 -0.18
N VAL A 38 8.53 -0.97 0.85
CA VAL A 38 7.27 -1.70 0.86
C VAL A 38 6.16 -0.89 1.52
N LEU A 39 5.07 -0.68 0.79
CA LEU A 39 3.94 0.08 1.31
C LEU A 39 2.84 -0.84 1.80
N ARG A 40 1.99 -0.33 2.69
CA ARG A 40 0.90 -1.12 3.24
C ARG A 40 -0.29 -0.22 3.61
N CYS A 41 -1.49 -0.70 3.37
CA CYS A 41 -2.70 0.06 3.67
C CYS A 41 -3.84 -0.87 4.06
N GLU A 42 -4.87 -0.30 4.70
CA GLU A 42 -6.02 -1.08 5.14
C GLU A 42 -7.27 -0.68 4.37
N LEU A 43 -8.17 -1.63 4.18
CA LEU A 43 -9.42 -1.38 3.46
C LEU A 43 -10.63 -1.70 4.33
N SER A 44 -11.79 -1.19 3.93
CA SER A 44 -13.02 -1.42 4.67
C SER A 44 -13.60 -2.80 4.35
N LYS A 45 -13.35 -3.27 3.13
CA LYS A 45 -13.84 -4.57 2.70
C LYS A 45 -12.96 -5.14 1.60
N MET A 46 -12.84 -6.47 1.58
CA MET A 46 -12.03 -7.14 0.57
C MET A 46 -12.48 -6.78 -0.84
N ALA A 47 -11.52 -6.46 -1.70
CA ALA A 47 -11.83 -6.09 -3.08
C ALA A 47 -10.55 -5.92 -3.89
N PRO A 48 -10.69 -5.98 -5.23
CA PRO A 48 -9.56 -5.83 -6.15
C PRO A 48 -9.02 -4.40 -6.17
N VAL A 49 -7.71 -4.26 -5.99
CA VAL A 49 -7.07 -2.96 -5.99
C VAL A 49 -6.03 -2.86 -7.11
N GLU A 50 -5.74 -1.63 -7.53
CA GLU A 50 -4.77 -1.38 -8.59
C GLU A 50 -3.78 -0.30 -8.18
N TRP A 51 -2.50 -0.59 -8.36
CA TRP A 51 -1.44 0.36 -8.02
C TRP A 51 -1.00 1.16 -9.24
N TRP A 52 -1.24 2.46 -9.21
CA TRP A 52 -0.87 3.34 -10.32
C TRP A 52 0.24 4.29 -9.90
N LYS A 53 1.13 4.60 -10.85
CA LYS A 53 2.24 5.50 -10.60
C LYS A 53 2.47 6.44 -11.78
N GLY A 54 1.96 7.66 -11.68
CA GLY A 54 2.13 8.62 -12.75
C GLY A 54 1.42 8.21 -14.01
N HIS A 55 0.10 8.09 -13.94
CA HIS A 55 -0.70 7.69 -15.10
C HIS A 55 -0.16 6.41 -15.71
N GLU A 56 0.26 5.47 -14.87
CA GLU A 56 0.81 4.21 -15.33
C GLU A 56 0.43 3.07 -14.38
N THR A 57 0.08 1.92 -14.95
CA THR A 57 -0.30 0.76 -14.15
C THR A 57 0.91 -0.11 -13.84
N LEU A 58 1.11 -0.42 -12.56
CA LEU A 58 2.23 -1.24 -12.13
C LEU A 58 1.86 -2.72 -12.19
N ARG A 59 2.88 -3.57 -12.19
CA ARG A 59 2.68 -5.02 -12.24
C ARG A 59 3.73 -5.75 -11.42
N ASP A 60 3.52 -7.05 -11.19
CA ASP A 60 4.44 -7.86 -10.43
C ASP A 60 5.33 -8.69 -11.34
N GLY A 61 6.40 -9.24 -10.79
CA GLY A 61 7.31 -10.06 -11.58
C GLY A 61 8.72 -10.02 -11.05
N ASP A 62 8.97 -10.73 -9.95
CA ASP A 62 10.30 -10.77 -9.35
C ASP A 62 10.66 -9.43 -8.73
N ARG A 63 11.00 -8.47 -9.57
CA ARG A 63 11.37 -7.13 -9.11
C ARG A 63 10.28 -6.56 -8.20
N HIS A 64 9.05 -6.53 -8.72
CA HIS A 64 7.93 -6.00 -7.96
C HIS A 64 7.15 -7.13 -7.29
N SER A 65 7.08 -7.09 -5.95
CA SER A 65 6.38 -8.12 -5.20
C SER A 65 5.01 -7.60 -4.73
N LEU A 66 3.97 -8.05 -5.42
CA LEU A 66 2.61 -7.64 -5.08
C LEU A 66 1.90 -8.71 -4.26
N ARG A 67 1.39 -8.33 -3.10
CA ARG A 67 0.68 -9.25 -2.23
C ARG A 67 -0.62 -8.63 -1.71
N GLN A 68 -1.57 -9.49 -1.35
CA GLN A 68 -2.85 -9.04 -0.83
C GLN A 68 -3.42 -10.02 0.20
N ASP A 69 -3.84 -9.48 1.34
CA ASP A 69 -4.41 -10.31 2.39
C ASP A 69 -5.80 -9.83 2.79
N GLY A 70 -6.80 -10.26 2.02
CA GLY A 70 -8.17 -9.86 2.30
C GLY A 70 -8.42 -8.40 2.02
N ALA A 71 -8.20 -7.56 3.03
CA ALA A 71 -8.40 -6.12 2.89
C ALA A 71 -7.07 -5.38 2.93
N ARG A 72 -6.14 -5.88 3.73
CA ARG A 72 -4.83 -5.26 3.86
C ARG A 72 -3.99 -5.50 2.60
N CYS A 73 -3.67 -4.42 1.90
CA CYS A 73 -2.87 -4.50 0.68
C CYS A 73 -1.46 -3.98 0.91
N GLU A 74 -0.55 -4.35 0.03
CA GLU A 74 0.84 -3.92 0.13
C GLU A 74 1.57 -4.11 -1.19
N LEU A 75 2.67 -3.36 -1.37
CA LEU A 75 3.45 -3.44 -2.59
C LEU A 75 4.95 -3.36 -2.28
N GLN A 76 5.64 -4.49 -2.37
CA GLN A 76 7.07 -4.55 -2.11
C GLN A 76 7.87 -4.34 -3.39
N ILE A 77 8.98 -3.62 -3.28
CA ILE A 77 9.84 -3.36 -4.42
C ILE A 77 11.31 -3.56 -4.08
N ARG A 78 11.94 -4.54 -4.72
CA ARG A 78 13.34 -4.84 -4.47
C ARG A 78 14.23 -4.17 -5.52
N GLY A 79 15.42 -3.74 -5.10
CA GLY A 79 16.34 -3.08 -6.02
C GLY A 79 15.96 -1.64 -6.28
N LEU A 80 15.83 -0.86 -5.22
CA LEU A 80 15.46 0.55 -5.35
C LEU A 80 16.48 1.30 -6.21
N VAL A 81 16.16 2.55 -6.55
CA VAL A 81 17.04 3.37 -7.36
C VAL A 81 16.72 4.85 -7.20
N ALA A 82 15.64 5.29 -7.84
CA ALA A 82 15.23 6.69 -7.76
C ALA A 82 13.97 6.92 -8.58
N GLU A 83 13.84 6.21 -9.69
CA GLU A 83 12.68 6.35 -10.57
C GLU A 83 11.42 5.85 -9.88
N ASP A 84 11.58 4.88 -8.99
CA ASP A 84 10.45 4.32 -8.25
C ASP A 84 9.70 5.41 -7.48
N ALA A 85 10.46 6.37 -6.96
CA ALA A 85 9.86 7.47 -6.20
C ALA A 85 8.80 8.19 -7.02
N GLY A 86 7.92 8.91 -6.34
CA GLY A 86 6.87 9.64 -7.01
C GLY A 86 5.54 9.57 -6.28
N GLU A 87 4.45 9.63 -7.04
CA GLU A 87 3.11 9.57 -6.45
C GLU A 87 2.44 8.24 -6.76
N TYR A 88 2.19 7.46 -5.71
CA TYR A 88 1.55 6.16 -5.86
C TYR A 88 0.04 6.26 -5.70
N LEU A 89 -0.69 5.30 -6.26
CA LEU A 89 -2.14 5.28 -6.17
C LEU A 89 -2.64 3.91 -5.71
N CYS A 90 -3.93 3.83 -5.41
CA CYS A 90 -4.54 2.60 -4.97
C CYS A 90 -6.06 2.66 -5.06
N MET A 91 -6.59 2.38 -6.26
CA MET A 91 -8.03 2.41 -6.47
C MET A 91 -8.66 1.07 -6.10
N CYS A 92 -9.68 1.13 -5.25
CA CYS A 92 -10.37 -0.08 -4.81
C CYS A 92 -11.86 0.02 -5.09
N GLY A 93 -12.28 -0.58 -6.21
CA GLY A 93 -13.69 -0.54 -6.58
C GLY A 93 -14.12 0.82 -7.09
N LYS A 94 -14.46 1.72 -6.16
CA LYS A 94 -14.89 3.07 -6.52
C LYS A 94 -13.96 4.11 -5.92
N GLU A 95 -13.60 3.93 -4.66
CA GLU A 95 -12.70 4.86 -3.98
C GLU A 95 -11.27 4.71 -4.47
N ARG A 96 -10.42 5.68 -4.16
CA ARG A 96 -9.03 5.65 -4.57
C ARG A 96 -8.18 6.56 -3.68
N THR A 97 -7.04 6.04 -3.23
CA THR A 97 -6.16 6.80 -2.37
C THR A 97 -4.73 6.83 -2.94
N SER A 98 -4.10 8.01 -2.89
CA SER A 98 -2.75 8.16 -3.40
C SER A 98 -1.82 8.68 -2.32
N ALA A 99 -0.52 8.47 -2.50
CA ALA A 99 0.48 8.92 -1.54
C ALA A 99 1.75 9.39 -2.26
N MET A 100 2.72 9.86 -1.47
CA MET A 100 3.98 10.33 -2.02
C MET A 100 5.16 9.55 -1.46
N LEU A 101 5.85 8.84 -2.35
CA LEU A 101 7.00 8.03 -1.95
C LEU A 101 8.31 8.76 -2.25
N THR A 102 9.24 8.70 -1.30
CA THR A 102 10.53 9.36 -1.46
C THR A 102 11.67 8.34 -1.38
N VAL A 103 12.67 8.51 -2.24
CA VAL A 103 13.82 7.62 -2.26
C VAL A 103 15.12 8.39 -2.06
N ARG A 104 15.69 8.30 -0.86
CA ARG A 104 16.93 8.98 -0.54
C ARG A 104 18.09 8.41 -1.34
N ALA A 105 19.30 8.89 -1.06
CA ALA A 105 20.49 8.42 -1.75
C ALA A 105 21.39 7.63 -0.81
N MET A 106 22.05 6.60 -1.35
CA MET A 106 22.94 5.76 -0.56
C MET A 106 23.96 6.61 0.19
N PRO A 107 24.56 6.03 1.23
CA PRO A 107 25.56 6.71 2.05
C PRO A 107 26.87 6.93 1.31
N SER A 108 26.98 6.35 0.11
CA SER A 108 28.18 6.47 -0.70
C SER A 108 29.40 5.95 0.05
N GLY A 109 29.21 4.90 0.82
CA GLY A 109 30.30 4.31 1.58
C GLY A 109 31.38 3.75 0.69
N PRO A 110 32.36 3.04 1.29
CA PRO A 110 33.47 2.44 0.56
C PRO A 110 33.03 1.27 -0.30
N SER A 111 31.95 0.60 0.11
CA SER A 111 31.42 -0.54 -0.63
C SER A 111 30.12 -0.17 -1.35
N SER A 112 30.23 0.11 -2.65
CA SER A 112 29.06 0.48 -3.44
C SER A 112 28.42 -0.75 -4.07
N GLY A 113 27.11 -0.71 -4.22
CA GLY A 113 26.39 -1.84 -4.81
C GLY A 113 25.86 -2.79 -3.76
N GLY A 1 8.91 -12.69 26.72
CA GLY A 1 7.49 -12.54 26.47
C GLY A 1 6.65 -12.74 27.72
N SER A 2 5.94 -13.85 27.78
CA SER A 2 5.10 -14.17 28.92
C SER A 2 4.11 -13.03 29.19
N SER A 3 3.34 -12.68 28.16
CA SER A 3 2.35 -11.61 28.28
C SER A 3 0.93 -12.17 28.28
N GLY A 4 -0.01 -11.38 28.78
CA GLY A 4 -1.40 -11.81 28.84
C GLY A 4 -2.12 -11.60 27.52
N SER A 5 -3.09 -12.47 27.23
CA SER A 5 -3.84 -12.37 26.00
C SER A 5 -5.22 -11.74 26.25
N SER A 6 -5.28 -10.42 26.20
CA SER A 6 -6.52 -9.70 26.43
C SER A 6 -7.04 -9.08 25.13
N GLY A 7 -8.34 -9.21 24.90
CA GLY A 7 -8.94 -8.66 23.69
C GLY A 7 -10.40 -8.30 23.89
N ARG A 8 -11.05 -7.90 22.81
CA ARG A 8 -12.46 -7.52 22.86
C ARG A 8 -13.36 -8.75 22.94
N THR A 9 -13.09 -9.73 22.07
CA THR A 9 -13.88 -10.96 22.03
C THR A 9 -15.33 -10.66 21.73
N SER A 10 -15.69 -10.72 20.45
CA SER A 10 -17.07 -10.46 20.02
C SER A 10 -17.42 -11.31 18.81
N ALA A 11 -18.71 -11.35 18.48
CA ALA A 11 -19.19 -12.12 17.33
C ALA A 11 -18.49 -11.68 16.05
N MET A 12 -18.61 -12.50 15.01
CA MET A 12 -17.99 -12.20 13.73
C MET A 12 -18.88 -12.67 12.58
N LEU A 13 -19.89 -11.87 12.25
CA LEU A 13 -20.81 -12.20 11.16
C LEU A 13 -20.29 -11.66 9.83
N THR A 14 -20.29 -12.51 8.82
CA THR A 14 -19.84 -12.12 7.49
C THR A 14 -20.61 -10.92 6.98
N VAL A 15 -20.01 -10.20 6.02
CA VAL A 15 -20.66 -9.02 5.45
C VAL A 15 -20.50 -9.01 3.93
N ARG A 16 -21.57 -8.64 3.23
CA ARG A 16 -21.56 -8.58 1.78
C ARG A 16 -22.53 -7.51 1.27
N ALA A 17 -22.43 -6.31 1.85
CA ALA A 17 -23.30 -5.21 1.45
C ALA A 17 -22.63 -3.86 1.74
N LEU A 18 -23.34 -2.79 1.43
CA LEU A 18 -22.82 -1.44 1.65
C LEU A 18 -21.57 -1.19 0.82
N PRO A 19 -21.23 0.09 0.63
CA PRO A 19 -20.05 0.50 -0.15
C PRO A 19 -18.75 0.16 0.56
N ILE A 20 -17.63 0.38 -0.12
CA ILE A 20 -16.32 0.10 0.45
C ILE A 20 -15.45 1.35 0.45
N LYS A 21 -15.01 1.74 1.64
CA LYS A 21 -14.16 2.92 1.80
C LYS A 21 -12.75 2.53 2.21
N PHE A 22 -11.92 3.53 2.49
CA PHE A 22 -10.54 3.29 2.90
C PHE A 22 -10.36 3.58 4.38
N THR A 23 -10.02 2.55 5.16
CA THR A 23 -9.82 2.70 6.59
C THR A 23 -8.47 3.35 6.89
N GLU A 24 -7.46 3.00 6.12
CA GLU A 24 -6.13 3.55 6.30
C GLU A 24 -5.42 3.73 4.96
N GLY A 25 -5.81 4.76 4.23
CA GLY A 25 -5.20 5.03 2.93
C GLY A 25 -3.69 5.10 3.01
N LEU A 26 -3.05 5.12 1.85
CA LEU A 26 -1.60 5.18 1.78
C LEU A 26 -1.07 6.47 2.41
N ARG A 27 0.14 6.41 2.96
CA ARG A 27 0.75 7.56 3.59
C ARG A 27 2.09 7.88 2.95
N ASN A 28 2.71 8.97 3.40
CA ASN A 28 4.00 9.39 2.87
C ASN A 28 5.12 8.54 3.44
N GLU A 29 5.62 7.60 2.62
CA GLU A 29 6.69 6.71 3.04
C GLU A 29 8.01 7.13 2.41
N GLU A 30 9.09 7.07 3.19
CA GLU A 30 10.41 7.44 2.71
C GLU A 30 11.39 6.28 2.86
N ALA A 31 12.18 6.04 1.81
CA ALA A 31 13.16 4.97 1.83
C ALA A 31 14.53 5.47 1.39
N THR A 32 15.54 4.61 1.52
CA THR A 32 16.90 4.97 1.15
C THR A 32 17.36 4.18 -0.07
N GLU A 33 18.23 4.78 -0.87
CA GLU A 33 18.74 4.13 -2.07
C GLU A 33 19.40 2.79 -1.73
N GLY A 34 19.22 1.81 -2.60
CA GLY A 34 19.80 0.50 -2.37
C GLY A 34 19.12 -0.24 -1.24
N ALA A 35 17.90 0.17 -0.91
CA ALA A 35 17.15 -0.46 0.16
C ALA A 35 15.88 -1.12 -0.37
N THR A 36 15.01 -1.55 0.54
CA THR A 36 13.76 -2.19 0.16
C THR A 36 12.56 -1.40 0.68
N ALA A 37 11.82 -0.79 -0.25
CA ALA A 37 10.64 -0.01 0.12
C ALA A 37 9.37 -0.83 -0.04
N VAL A 38 8.48 -0.72 0.94
CA VAL A 38 7.22 -1.46 0.92
C VAL A 38 6.10 -0.66 1.58
N LEU A 39 5.02 -0.43 0.85
CA LEU A 39 3.88 0.31 1.37
C LEU A 39 2.78 -0.63 1.85
N ARG A 40 2.03 -0.19 2.85
CA ARG A 40 0.95 -1.00 3.41
C ARG A 40 -0.30 -0.15 3.60
N CYS A 41 -1.45 -0.70 3.19
CA CYS A 41 -2.72 -0.01 3.31
C CYS A 41 -3.86 -0.99 3.58
N GLU A 42 -4.85 -0.56 4.35
CA GLU A 42 -5.99 -1.40 4.67
C GLU A 42 -7.26 -0.85 4.04
N LEU A 43 -8.23 -1.73 3.83
CA LEU A 43 -9.51 -1.34 3.22
C LEU A 43 -10.68 -1.68 4.15
N SER A 44 -11.86 -1.16 3.81
CA SER A 44 -13.05 -1.41 4.61
C SER A 44 -13.61 -2.80 4.34
N LYS A 45 -13.45 -3.27 3.12
CA LYS A 45 -13.93 -4.59 2.72
C LYS A 45 -13.05 -5.20 1.64
N MET A 46 -13.00 -6.53 1.61
CA MET A 46 -12.19 -7.23 0.61
C MET A 46 -12.63 -6.87 -0.81
N ALA A 47 -11.66 -6.49 -1.64
CA ALA A 47 -11.94 -6.12 -3.02
C ALA A 47 -10.66 -5.98 -3.83
N PRO A 48 -10.79 -6.05 -5.16
CA PRO A 48 -9.64 -5.93 -6.07
C PRO A 48 -9.07 -4.51 -6.10
N VAL A 49 -7.75 -4.42 -5.98
CA VAL A 49 -7.08 -3.12 -6.00
C VAL A 49 -6.17 -2.99 -7.21
N GLU A 50 -5.87 -1.74 -7.58
CA GLU A 50 -5.01 -1.48 -8.73
C GLU A 50 -3.97 -0.41 -8.40
N TRP A 51 -2.70 -0.78 -8.49
CA TRP A 51 -1.61 0.14 -8.20
C TRP A 51 -1.21 0.93 -9.45
N TRP A 52 -1.37 2.24 -9.39
CA TRP A 52 -1.02 3.10 -10.51
C TRP A 52 0.12 4.05 -10.15
N LYS A 53 0.92 4.40 -11.15
CA LYS A 53 2.06 5.30 -10.93
C LYS A 53 2.15 6.33 -12.05
N GLY A 54 1.69 7.55 -11.78
CA GLY A 54 1.75 8.60 -12.76
C GLY A 54 0.79 8.36 -13.92
N HIS A 55 1.34 7.98 -15.07
CA HIS A 55 0.52 7.72 -16.25
C HIS A 55 0.70 6.28 -16.72
N GLU A 56 0.67 5.35 -15.79
CA GLU A 56 0.84 3.93 -16.11
C GLU A 56 0.55 3.05 -14.89
N THR A 57 0.27 1.78 -15.14
CA THR A 57 -0.02 0.84 -14.07
C THR A 57 1.22 0.02 -13.69
N LEU A 58 1.23 -0.51 -12.47
CA LEU A 58 2.35 -1.31 -12.00
C LEU A 58 2.03 -2.80 -12.07
N ARG A 59 3.03 -3.59 -12.45
CA ARG A 59 2.86 -5.03 -12.57
C ARG A 59 3.44 -5.74 -11.35
N ASP A 60 3.21 -7.05 -11.27
CA ASP A 60 3.71 -7.85 -10.16
C ASP A 60 4.72 -8.88 -10.64
N GLY A 61 5.79 -9.07 -9.87
CA GLY A 61 6.82 -10.02 -10.24
C GLY A 61 8.06 -9.35 -10.80
N ASP A 62 9.06 -10.16 -11.13
CA ASP A 62 10.31 -9.63 -11.67
C ASP A 62 11.09 -8.88 -10.61
N ARG A 63 10.64 -7.66 -10.31
CA ARG A 63 11.30 -6.82 -9.31
C ARG A 63 10.27 -6.23 -8.35
N HIS A 64 9.03 -6.67 -8.46
CA HIS A 64 7.96 -6.18 -7.60
C HIS A 64 7.22 -7.34 -6.94
N SER A 65 6.66 -7.07 -5.77
CA SER A 65 5.93 -8.10 -5.02
C SER A 65 4.58 -7.57 -4.55
N LEU A 66 3.52 -8.02 -5.20
CA LEU A 66 2.17 -7.59 -4.85
C LEU A 66 1.46 -8.65 -4.01
N ARG A 67 1.10 -8.29 -2.78
CA ARG A 67 0.42 -9.21 -1.89
C ARG A 67 -0.92 -8.65 -1.44
N GLN A 68 -1.95 -9.48 -1.47
CA GLN A 68 -3.29 -9.06 -1.06
C GLN A 68 -3.90 -10.03 -0.06
N ASP A 69 -4.11 -9.57 1.16
CA ASP A 69 -4.69 -10.40 2.21
C ASP A 69 -6.07 -9.90 2.60
N GLY A 70 -7.08 -10.29 1.83
CA GLY A 70 -8.44 -9.86 2.11
C GLY A 70 -8.67 -8.40 1.81
N ALA A 71 -8.45 -7.55 2.81
CA ALA A 71 -8.63 -6.12 2.64
C ALA A 71 -7.30 -5.38 2.70
N ARG A 72 -6.35 -5.93 3.46
CA ARG A 72 -5.04 -5.33 3.59
C ARG A 72 -4.15 -5.66 2.39
N CYS A 73 -3.57 -4.62 1.79
CA CYS A 73 -2.71 -4.80 0.63
C CYS A 73 -1.26 -4.45 0.97
N GLU A 74 -0.32 -5.03 0.22
CA GLU A 74 1.09 -4.79 0.46
C GLU A 74 1.86 -4.83 -0.86
N LEU A 75 2.66 -3.79 -1.11
CA LEU A 75 3.45 -3.71 -2.32
C LEU A 75 4.93 -3.50 -2.01
N GLN A 76 5.73 -4.53 -2.25
CA GLN A 76 7.15 -4.46 -1.99
C GLN A 76 7.93 -4.19 -3.27
N ILE A 77 9.04 -3.46 -3.14
CA ILE A 77 9.87 -3.11 -4.29
C ILE A 77 11.35 -3.27 -3.96
N ARG A 78 11.97 -4.30 -4.52
CA ARG A 78 13.39 -4.56 -4.28
C ARG A 78 14.24 -3.93 -5.38
N GLY A 79 15.41 -3.44 -4.98
CA GLY A 79 16.31 -2.81 -5.95
C GLY A 79 15.99 -1.35 -6.16
N LEU A 80 15.83 -0.61 -5.07
CA LEU A 80 15.52 0.82 -5.14
C LEU A 80 16.56 1.56 -5.97
N VAL A 81 16.25 2.79 -6.34
CA VAL A 81 17.16 3.61 -7.14
C VAL A 81 16.80 5.09 -7.04
N ALA A 82 15.76 5.49 -7.76
CA ALA A 82 15.30 6.87 -7.74
C ALA A 82 14.09 7.06 -8.64
N GLU A 83 14.05 6.32 -9.74
CA GLU A 83 12.94 6.40 -10.70
C GLU A 83 11.64 5.93 -10.05
N ASP A 84 11.74 4.89 -9.23
CA ASP A 84 10.57 4.35 -8.54
C ASP A 84 9.87 5.42 -7.71
N ALA A 85 10.65 6.36 -7.20
CA ALA A 85 10.11 7.44 -6.38
C ALA A 85 9.15 8.30 -7.19
N GLY A 86 7.98 8.59 -6.59
CA GLY A 86 6.99 9.40 -7.27
C GLY A 86 5.65 9.39 -6.55
N GLU A 87 4.57 9.41 -7.31
CA GLU A 87 3.23 9.41 -6.74
C GLU A 87 2.53 8.08 -6.98
N TYR A 88 2.41 7.28 -5.93
CA TYR A 88 1.77 5.97 -6.02
C TYR A 88 0.25 6.09 -5.87
N LEU A 89 -0.48 5.12 -6.39
CA LEU A 89 -1.93 5.12 -6.31
C LEU A 89 -2.45 3.75 -5.87
N CYS A 90 -3.75 3.66 -5.62
CA CYS A 90 -4.37 2.41 -5.20
C CYS A 90 -5.89 2.52 -5.26
N MET A 91 -6.46 2.20 -6.41
CA MET A 91 -7.91 2.25 -6.60
C MET A 91 -8.55 0.94 -6.21
N CYS A 92 -9.61 1.01 -5.42
CA CYS A 92 -10.32 -0.18 -4.96
C CYS A 92 -11.82 -0.05 -5.22
N GLY A 93 -12.28 -0.58 -6.34
CA GLY A 93 -13.69 -0.51 -6.68
C GLY A 93 -14.10 0.86 -7.15
N LYS A 94 -14.40 1.75 -6.20
CA LYS A 94 -14.81 3.10 -6.52
C LYS A 94 -13.86 4.12 -5.90
N GLU A 95 -13.50 3.91 -4.64
CA GLU A 95 -12.60 4.80 -3.94
C GLU A 95 -11.18 4.72 -4.51
N ARG A 96 -10.31 5.59 -4.03
CA ARG A 96 -8.92 5.60 -4.50
C ARG A 96 -8.05 6.46 -3.59
N THR A 97 -6.81 6.02 -3.38
CA THR A 97 -5.88 6.75 -2.52
C THR A 97 -4.48 6.75 -3.12
N SER A 98 -3.82 7.91 -3.07
CA SER A 98 -2.47 8.05 -3.62
C SER A 98 -1.54 8.67 -2.59
N ALA A 99 -0.29 8.21 -2.59
CA ALA A 99 0.71 8.72 -1.64
C ALA A 99 2.00 9.07 -2.37
N MET A 100 2.87 9.82 -1.68
CA MET A 100 4.15 10.22 -2.27
C MET A 100 5.30 9.46 -1.61
N LEU A 101 5.98 8.64 -2.41
CA LEU A 101 7.11 7.86 -1.90
C LEU A 101 8.43 8.57 -2.16
N THR A 102 9.26 8.66 -1.12
CA THR A 102 10.55 9.31 -1.24
C THR A 102 11.69 8.30 -1.27
N VAL A 103 12.79 8.67 -1.92
CA VAL A 103 13.95 7.79 -2.02
C VAL A 103 15.25 8.57 -1.89
N ARG A 104 15.89 8.46 -0.74
CA ARG A 104 17.14 9.16 -0.50
C ARG A 104 18.29 8.52 -1.28
N ALA A 105 19.50 9.04 -1.08
CA ALA A 105 20.67 8.52 -1.77
C ALA A 105 21.52 7.66 -0.84
N MET A 106 22.16 6.65 -1.40
CA MET A 106 23.01 5.75 -0.63
C MET A 106 24.03 6.54 0.19
N PRO A 107 24.57 5.88 1.23
CA PRO A 107 25.57 6.51 2.12
C PRO A 107 26.91 6.73 1.42
N SER A 108 27.59 7.80 1.79
CA SER A 108 28.89 8.13 1.20
C SER A 108 29.95 8.29 2.27
N GLY A 109 30.57 7.18 2.66
CA GLY A 109 31.60 7.22 3.68
C GLY A 109 32.87 6.51 3.26
N PRO A 110 33.78 6.31 4.22
CA PRO A 110 35.06 5.62 3.96
C PRO A 110 34.88 4.13 3.69
N SER A 111 34.08 3.48 4.53
CA SER A 111 33.82 2.05 4.38
C SER A 111 35.12 1.26 4.44
N SER A 112 35.03 -0.04 4.14
CA SER A 112 36.20 -0.91 4.17
C SER A 112 37.26 -0.44 3.17
N GLY A 113 38.50 -0.35 3.62
CA GLY A 113 39.58 0.08 2.76
C GLY A 113 40.85 0.38 3.52
N GLY A 1 7.25 -15.56 25.68
CA GLY A 1 6.33 -15.85 26.76
C GLY A 1 5.15 -14.89 26.81
N SER A 2 5.31 -13.78 27.53
CA SER A 2 4.27 -12.78 27.66
C SER A 2 3.89 -12.21 26.29
N SER A 3 2.77 -12.68 25.74
CA SER A 3 2.32 -12.22 24.43
C SER A 3 1.29 -11.11 24.59
N GLY A 4 0.89 -10.51 23.46
CA GLY A 4 -0.09 -9.44 23.49
C GLY A 4 -0.45 -8.96 22.10
N SER A 5 -1.75 -9.00 21.80
CA SER A 5 -2.24 -8.57 20.49
C SER A 5 -3.64 -8.00 20.60
N SER A 6 -4.57 -8.80 21.10
CA SER A 6 -5.96 -8.37 21.26
C SER A 6 -6.10 -7.41 22.43
N GLY A 7 -6.08 -6.12 22.14
CA GLY A 7 -6.21 -5.11 23.18
C GLY A 7 -7.43 -5.34 24.06
N ARG A 8 -8.60 -5.39 23.44
CA ARG A 8 -9.84 -5.60 24.17
C ARG A 8 -10.51 -6.90 23.73
N THR A 9 -11.47 -7.36 24.53
CA THR A 9 -12.18 -8.60 24.24
C THR A 9 -13.54 -8.30 23.58
N SER A 10 -13.57 -8.44 22.25
CA SER A 10 -14.80 -8.18 21.50
C SER A 10 -14.77 -8.88 20.16
N ALA A 11 -15.78 -9.70 19.89
CA ALA A 11 -15.87 -10.43 18.64
C ALA A 11 -15.92 -9.48 17.45
N MET A 12 -15.84 -10.05 16.24
CA MET A 12 -15.86 -9.25 15.02
C MET A 12 -17.21 -9.38 14.32
N LEU A 13 -17.39 -8.61 13.25
CA LEU A 13 -18.63 -8.63 12.49
C LEU A 13 -18.36 -8.92 11.02
N THR A 14 -19.40 -9.32 10.29
CA THR A 14 -19.28 -9.63 8.87
C THR A 14 -19.85 -8.51 8.02
N VAL A 15 -19.35 -8.38 6.79
CA VAL A 15 -19.83 -7.36 5.88
C VAL A 15 -19.87 -7.88 4.44
N ARG A 16 -20.96 -7.58 3.74
CA ARG A 16 -21.13 -8.02 2.37
C ARG A 16 -21.79 -6.93 1.52
N ALA A 17 -23.04 -6.62 1.85
CA ALA A 17 -23.78 -5.59 1.12
C ALA A 17 -23.12 -4.23 1.27
N LEU A 18 -23.75 -3.21 0.70
CA LEU A 18 -23.21 -1.85 0.76
C LEU A 18 -21.87 -1.76 0.05
N PRO A 19 -21.47 -0.53 -0.31
CA PRO A 19 -20.20 -0.27 -0.99
C PRO A 19 -19.00 -0.50 -0.09
N ILE A 20 -17.81 -0.28 -0.63
CA ILE A 20 -16.57 -0.45 0.13
C ILE A 20 -15.71 0.80 0.08
N LYS A 21 -15.26 1.25 1.25
CA LYS A 21 -14.43 2.44 1.35
C LYS A 21 -13.07 2.10 1.95
N PHE A 22 -12.24 3.12 2.13
CA PHE A 22 -10.91 2.93 2.70
C PHE A 22 -10.91 3.27 4.19
N THR A 23 -10.34 2.38 5.00
CA THR A 23 -10.27 2.58 6.44
C THR A 23 -8.95 3.25 6.83
N GLU A 24 -7.93 3.06 6.02
CA GLU A 24 -6.62 3.64 6.29
C GLU A 24 -5.84 3.85 4.98
N GLY A 25 -6.10 4.97 4.32
CA GLY A 25 -5.41 5.27 3.08
C GLY A 25 -3.90 5.24 3.22
N LEU A 26 -3.20 5.24 2.10
CA LEU A 26 -1.74 5.22 2.11
C LEU A 26 -1.18 6.39 2.89
N ARG A 27 0.14 6.43 3.04
CA ARG A 27 0.80 7.50 3.77
C ARG A 27 2.20 7.76 3.20
N ASN A 28 2.63 9.02 3.25
CA ASN A 28 3.94 9.40 2.75
C ASN A 28 5.02 8.53 3.37
N GLU A 29 5.72 7.77 2.52
CA GLU A 29 6.79 6.89 2.99
C GLU A 29 8.12 7.27 2.34
N GLU A 30 9.20 7.14 3.10
CA GLU A 30 10.54 7.47 2.61
C GLU A 30 11.51 6.33 2.89
N ALA A 31 12.41 6.10 1.95
CA ALA A 31 13.41 5.04 2.08
C ALA A 31 14.74 5.46 1.49
N THR A 32 15.77 4.65 1.73
CA THR A 32 17.10 4.94 1.21
C THR A 32 17.43 4.08 -0.01
N GLU A 33 18.33 4.58 -0.86
CA GLU A 33 18.73 3.86 -2.06
C GLU A 33 19.31 2.49 -1.71
N GLY A 34 18.84 1.46 -2.40
CA GLY A 34 19.33 0.12 -2.15
C GLY A 34 18.46 -0.64 -1.16
N ALA A 35 17.70 0.09 -0.36
CA ALA A 35 16.82 -0.52 0.63
C ALA A 35 15.56 -1.08 -0.02
N THR A 36 14.64 -1.55 0.81
CA THR A 36 13.38 -2.12 0.31
C THR A 36 12.18 -1.36 0.85
N ALA A 37 11.50 -0.64 -0.04
CA ALA A 37 10.33 0.13 0.36
C ALA A 37 9.04 -0.64 0.08
N VAL A 38 8.15 -0.68 1.06
CA VAL A 38 6.88 -1.38 0.92
C VAL A 38 5.76 -0.63 1.63
N LEU A 39 4.70 -0.32 0.90
CA LEU A 39 3.56 0.39 1.46
C LEU A 39 2.44 -0.57 1.82
N ARG A 40 1.55 -0.13 2.70
CA ARG A 40 0.43 -0.97 3.14
C ARG A 40 -0.80 -0.12 3.41
N CYS A 41 -1.98 -0.68 3.16
CA CYS A 41 -3.23 0.03 3.37
C CYS A 41 -4.34 -0.94 3.77
N GLU A 42 -5.32 -0.43 4.52
CA GLU A 42 -6.43 -1.26 4.96
C GLU A 42 -7.74 -0.82 4.30
N LEU A 43 -8.62 -1.77 4.04
CA LEU A 43 -9.90 -1.48 3.41
C LEU A 43 -11.06 -1.93 4.29
N SER A 44 -12.26 -1.47 3.96
CA SER A 44 -13.45 -1.82 4.73
C SER A 44 -13.90 -3.25 4.42
N LYS A 45 -13.64 -3.68 3.19
CA LYS A 45 -14.01 -5.03 2.77
C LYS A 45 -13.06 -5.55 1.70
N MET A 46 -12.83 -6.86 1.70
CA MET A 46 -11.94 -7.48 0.73
C MET A 46 -12.39 -7.19 -0.70
N ALA A 47 -11.49 -6.67 -1.51
CA ALA A 47 -11.79 -6.35 -2.90
C ALA A 47 -10.52 -6.14 -3.72
N PRO A 48 -10.64 -6.25 -5.05
CA PRO A 48 -9.52 -6.07 -5.96
C PRO A 48 -9.03 -4.63 -6.02
N VAL A 49 -7.72 -4.44 -5.98
CA VAL A 49 -7.14 -3.10 -6.04
C VAL A 49 -6.19 -2.96 -7.23
N GLU A 50 -5.93 -1.72 -7.63
CA GLU A 50 -5.06 -1.45 -8.76
C GLU A 50 -4.06 -0.34 -8.42
N TRP A 51 -2.77 -0.69 -8.40
CA TRP A 51 -1.72 0.26 -8.09
C TRP A 51 -1.28 1.01 -9.34
N TRP A 52 -1.42 2.33 -9.32
CA TRP A 52 -1.04 3.16 -10.46
C TRP A 52 0.12 4.07 -10.09
N LYS A 53 0.76 4.64 -11.10
CA LYS A 53 1.90 5.54 -10.89
C LYS A 53 1.85 6.72 -11.86
N GLY A 54 1.27 7.82 -11.41
CA GLY A 54 1.17 9.01 -12.25
C GLY A 54 0.17 8.83 -13.37
N HIS A 55 0.61 8.22 -14.46
CA HIS A 55 -0.26 8.00 -15.61
C HIS A 55 0.02 6.64 -16.25
N GLU A 56 0.34 5.65 -15.42
CA GLU A 56 0.63 4.31 -15.91
C GLU A 56 0.47 3.28 -14.79
N THR A 57 -0.02 2.10 -15.16
CA THR A 57 -0.23 1.02 -14.18
C THR A 57 1.08 0.32 -13.86
N LEU A 58 1.11 -0.37 -12.72
CA LEU A 58 2.31 -1.08 -12.29
C LEU A 58 2.13 -2.59 -12.47
N ARG A 59 3.23 -3.31 -12.54
CA ARG A 59 3.20 -4.76 -12.71
C ARG A 59 3.77 -5.46 -11.48
N ASP A 60 3.55 -6.77 -11.39
CA ASP A 60 4.03 -7.55 -10.26
C ASP A 60 5.10 -8.55 -10.72
N GLY A 61 6.13 -8.72 -9.90
CA GLY A 61 7.21 -9.64 -10.23
C GLY A 61 8.44 -8.92 -10.76
N ASP A 62 9.46 -9.70 -11.11
CA ASP A 62 10.71 -9.13 -11.62
C ASP A 62 11.46 -8.38 -10.52
N ARG A 63 10.98 -7.18 -10.20
CA ARG A 63 11.61 -6.37 -9.17
C ARG A 63 10.56 -5.83 -8.19
N HIS A 64 9.33 -6.30 -8.34
CA HIS A 64 8.24 -5.86 -7.47
C HIS A 64 7.52 -7.05 -6.86
N SER A 65 6.86 -6.83 -5.73
CA SER A 65 6.14 -7.89 -5.04
C SER A 65 4.76 -7.40 -4.59
N LEU A 66 3.72 -7.82 -5.30
CA LEU A 66 2.36 -7.42 -4.98
C LEU A 66 1.67 -8.49 -4.12
N ARG A 67 1.33 -8.13 -2.90
CA ARG A 67 0.68 -9.06 -1.98
C ARG A 67 -0.68 -8.51 -1.54
N GLN A 68 -1.59 -9.42 -1.19
CA GLN A 68 -2.93 -9.03 -0.76
C GLN A 68 -3.51 -10.06 0.19
N ASP A 69 -3.83 -9.63 1.40
CA ASP A 69 -4.41 -10.52 2.41
C ASP A 69 -5.70 -9.94 2.98
N GLY A 70 -6.82 -10.45 2.48
CA GLY A 70 -8.12 -9.97 2.94
C GLY A 70 -8.35 -8.51 2.60
N ALA A 71 -8.34 -7.66 3.62
CA ALA A 71 -8.55 -6.23 3.43
C ALA A 71 -7.27 -5.44 3.68
N ARG A 72 -6.12 -6.09 3.49
CA ARG A 72 -4.84 -5.45 3.70
C ARG A 72 -3.93 -5.64 2.48
N CYS A 73 -3.81 -4.59 1.67
CA CYS A 73 -2.99 -4.62 0.48
C CYS A 73 -1.63 -3.97 0.73
N GLU A 74 -0.65 -4.31 -0.10
CA GLU A 74 0.69 -3.76 0.03
C GLU A 74 1.49 -3.93 -1.26
N LEU A 75 2.52 -3.12 -1.42
CA LEU A 75 3.36 -3.17 -2.61
C LEU A 75 4.84 -2.98 -2.25
N GLN A 76 5.60 -4.06 -2.32
CA GLN A 76 7.03 -4.00 -2.01
C GLN A 76 7.87 -3.85 -3.27
N ILE A 77 8.97 -3.12 -3.16
CA ILE A 77 9.85 -2.89 -4.29
C ILE A 77 11.30 -3.21 -3.93
N ARG A 78 11.79 -4.35 -4.41
CA ARG A 78 13.17 -4.77 -4.14
C ARG A 78 14.12 -4.15 -5.15
N GLY A 79 15.23 -3.62 -4.65
CA GLY A 79 16.22 -2.99 -5.52
C GLY A 79 15.91 -1.54 -5.80
N LEU A 80 15.87 -0.73 -4.75
CA LEU A 80 15.58 0.69 -4.88
C LEU A 80 16.62 1.38 -5.77
N VAL A 81 16.28 2.57 -6.25
CA VAL A 81 17.19 3.32 -7.11
C VAL A 81 16.79 4.80 -7.16
N ALA A 82 15.75 5.10 -7.92
CA ALA A 82 15.27 6.47 -8.05
C ALA A 82 14.06 6.54 -8.99
N GLU A 83 14.05 5.68 -10.00
CA GLU A 83 12.95 5.65 -10.95
C GLU A 83 11.65 5.21 -10.28
N ASP A 84 11.78 4.35 -9.27
CA ASP A 84 10.61 3.85 -8.55
C ASP A 84 9.90 5.00 -7.81
N ALA A 85 10.68 6.00 -7.41
CA ALA A 85 10.12 7.15 -6.70
C ALA A 85 9.07 7.86 -7.55
N GLY A 86 8.00 8.31 -6.89
CA GLY A 86 6.94 9.00 -7.60
C GLY A 86 5.63 8.98 -6.84
N GLU A 87 4.53 9.19 -7.56
CA GLU A 87 3.20 9.20 -6.94
C GLU A 87 2.54 7.83 -7.06
N TYR A 88 2.49 7.10 -5.94
CA TYR A 88 1.88 5.78 -5.92
C TYR A 88 0.39 5.86 -5.59
N LEU A 89 -0.43 5.40 -6.52
CA LEU A 89 -1.88 5.43 -6.34
C LEU A 89 -2.41 4.05 -5.98
N CYS A 90 -3.69 3.99 -5.61
CA CYS A 90 -4.31 2.72 -5.23
C CYS A 90 -5.83 2.85 -5.21
N MET A 91 -6.45 2.59 -6.35
CA MET A 91 -7.91 2.68 -6.46
C MET A 91 -8.56 1.33 -6.16
N CYS A 92 -9.61 1.37 -5.35
CA CYS A 92 -10.32 0.15 -4.98
C CYS A 92 -11.83 0.33 -5.11
N GLY A 93 -12.39 -0.14 -6.22
CA GLY A 93 -13.82 -0.01 -6.44
C GLY A 93 -14.22 1.40 -6.82
N LYS A 94 -14.38 2.26 -5.82
CA LYS A 94 -14.77 3.64 -6.05
C LYS A 94 -13.75 4.60 -5.44
N GLU A 95 -13.46 4.42 -4.17
CA GLU A 95 -12.50 5.26 -3.47
C GLU A 95 -11.08 4.98 -3.94
N ARG A 96 -10.15 5.83 -3.55
CA ARG A 96 -8.75 5.67 -3.94
C ARG A 96 -7.84 6.54 -3.07
N THR A 97 -6.59 6.12 -2.91
CA THR A 97 -5.62 6.86 -2.11
C THR A 97 -4.30 7.00 -2.85
N SER A 98 -3.73 8.21 -2.78
CA SER A 98 -2.46 8.48 -3.45
C SER A 98 -1.39 8.86 -2.43
N ALA A 99 -0.17 8.38 -2.65
CA ALA A 99 0.94 8.66 -1.77
C ALA A 99 2.20 9.01 -2.56
N MET A 100 3.24 9.43 -1.84
CA MET A 100 4.50 9.80 -2.47
C MET A 100 5.68 9.05 -1.83
N LEU A 101 6.37 8.26 -2.63
CA LEU A 101 7.51 7.48 -2.13
C LEU A 101 8.83 8.20 -2.45
N THR A 102 9.62 8.47 -1.41
CA THR A 102 10.89 9.14 -1.58
C THR A 102 12.05 8.16 -1.52
N VAL A 103 13.03 8.33 -2.40
CA VAL A 103 14.19 7.45 -2.44
C VAL A 103 15.48 8.25 -2.32
N ARG A 104 16.10 8.19 -1.14
CA ARG A 104 17.33 8.90 -0.88
C ARG A 104 18.49 8.28 -1.66
N ALA A 105 19.69 8.80 -1.44
CA ALA A 105 20.88 8.29 -2.12
C ALA A 105 21.80 7.56 -1.14
N MET A 106 22.41 6.48 -1.62
CA MET A 106 23.32 5.69 -0.79
C MET A 106 24.43 6.55 -0.22
N PRO A 107 25.08 6.06 0.85
CA PRO A 107 26.17 6.78 1.51
C PRO A 107 27.44 6.82 0.65
N SER A 108 28.50 7.39 1.21
CA SER A 108 29.77 7.51 0.49
C SER A 108 30.88 6.80 1.25
N GLY A 109 31.29 7.38 2.37
CA GLY A 109 32.34 6.79 3.18
C GLY A 109 31.82 6.17 4.46
N PRO A 110 32.70 5.45 5.18
CA PRO A 110 32.34 4.80 6.44
C PRO A 110 32.10 5.80 7.56
N SER A 111 31.59 5.31 8.69
CA SER A 111 31.31 6.16 9.84
C SER A 111 32.59 6.48 10.61
N SER A 112 32.45 7.28 11.66
CA SER A 112 33.60 7.66 12.48
C SER A 112 33.17 7.87 13.93
N GLY A 113 34.14 8.18 14.79
CA GLY A 113 33.86 8.40 16.19
C GLY A 113 34.86 9.33 16.85
N GLY A 1 -6.60 -1.62 31.68
CA GLY A 1 -6.53 -2.98 32.19
C GLY A 1 -6.74 -4.01 31.09
N SER A 2 -6.79 -5.28 31.49
CA SER A 2 -6.98 -6.37 30.53
C SER A 2 -8.46 -6.72 30.41
N SER A 3 -8.74 -7.80 29.68
CA SER A 3 -10.11 -8.24 29.47
C SER A 3 -10.74 -8.68 30.79
N GLY A 4 -11.99 -9.15 30.72
CA GLY A 4 -12.68 -9.60 31.92
C GLY A 4 -14.19 -9.52 31.78
N SER A 5 -14.66 -8.55 30.99
CA SER A 5 -16.09 -8.37 30.78
C SER A 5 -16.60 -9.31 29.69
N SER A 6 -16.59 -10.61 29.98
CA SER A 6 -17.05 -11.60 29.02
C SER A 6 -16.19 -11.57 27.75
N GLY A 7 -16.46 -12.50 26.84
CA GLY A 7 -15.72 -12.56 25.60
C GLY A 7 -16.55 -12.13 24.41
N ARG A 8 -15.88 -11.85 23.28
CA ARG A 8 -16.57 -11.43 22.07
C ARG A 8 -16.77 -12.61 21.12
N THR A 9 -17.17 -13.75 21.68
CA THR A 9 -17.39 -14.95 20.89
C THR A 9 -18.58 -14.77 19.94
N SER A 10 -18.59 -15.54 18.86
CA SER A 10 -19.66 -15.47 17.87
C SER A 10 -19.71 -14.08 17.24
N ALA A 11 -20.57 -13.92 16.23
CA ALA A 11 -20.71 -12.65 15.54
C ALA A 11 -22.00 -12.61 14.73
N MET A 12 -22.84 -11.61 15.01
CA MET A 12 -24.11 -11.46 14.31
C MET A 12 -23.99 -10.42 13.21
N LEU A 13 -22.85 -10.39 12.54
CA LEU A 13 -22.61 -9.42 11.46
C LEU A 13 -22.26 -10.14 10.17
N THR A 14 -22.73 -9.61 9.05
CA THR A 14 -22.46 -10.20 7.75
C THR A 14 -21.64 -9.25 6.87
N VAL A 15 -20.65 -9.79 6.17
CA VAL A 15 -19.81 -8.99 5.30
C VAL A 15 -20.05 -9.33 3.83
N ARG A 16 -21.22 -8.95 3.33
CA ARG A 16 -21.58 -9.21 1.93
C ARG A 16 -22.63 -8.22 1.45
N ALA A 17 -22.37 -6.93 1.66
CA ALA A 17 -23.30 -5.89 1.24
C ALA A 17 -22.70 -4.51 1.48
N LEU A 18 -23.43 -3.48 1.06
CA LEU A 18 -22.98 -2.10 1.23
C LEU A 18 -21.70 -1.85 0.44
N PRO A 19 -21.42 -0.57 0.18
CA PRO A 19 -20.23 -0.16 -0.57
C PRO A 19 -18.94 -0.40 0.22
N ILE A 20 -17.80 -0.08 -0.40
CA ILE A 20 -16.50 -0.26 0.24
C ILE A 20 -15.68 1.02 0.17
N LYS A 21 -15.18 1.46 1.33
CA LYS A 21 -14.38 2.67 1.41
C LYS A 21 -13.01 2.37 2.01
N PHE A 22 -12.16 3.39 2.07
CA PHE A 22 -10.82 3.24 2.63
C PHE A 22 -10.80 3.61 4.11
N THR A 23 -10.36 2.66 4.94
CA THR A 23 -10.30 2.88 6.38
C THR A 23 -8.98 3.54 6.78
N GLU A 24 -7.92 3.21 6.06
CA GLU A 24 -6.60 3.77 6.33
C GLU A 24 -5.84 4.05 5.03
N GLY A 25 -6.08 5.23 4.46
CA GLY A 25 -5.42 5.58 3.22
C GLY A 25 -3.90 5.49 3.32
N LEU A 26 -3.25 5.31 2.19
CA LEU A 26 -1.79 5.20 2.15
C LEU A 26 -1.15 6.39 2.83
N ARG A 27 0.13 6.25 3.20
CA ARG A 27 0.87 7.31 3.86
C ARG A 27 2.24 7.49 3.22
N ASN A 28 2.71 8.74 3.19
CA ASN A 28 4.02 9.05 2.60
C ASN A 28 5.11 8.22 3.26
N GLU A 29 5.85 7.48 2.44
CA GLU A 29 6.93 6.63 2.93
C GLU A 29 8.28 7.10 2.39
N GLU A 30 9.35 6.74 3.08
CA GLU A 30 10.70 7.13 2.67
C GLU A 30 11.65 5.94 2.75
N ALA A 31 12.53 5.83 1.76
CA ALA A 31 13.50 4.75 1.72
C ALA A 31 14.85 5.23 1.23
N THR A 32 15.86 4.37 1.30
CA THR A 32 17.20 4.71 0.86
C THR A 32 17.59 3.93 -0.39
N GLU A 33 18.49 4.52 -1.18
CA GLU A 33 18.94 3.88 -2.42
C GLU A 33 19.48 2.48 -2.14
N GLY A 34 18.95 1.48 -2.83
CA GLY A 34 19.40 0.12 -2.64
C GLY A 34 18.56 -0.63 -1.61
N ALA A 35 17.91 0.12 -0.73
CA ALA A 35 17.07 -0.48 0.31
C ALA A 35 15.79 -1.05 -0.29
N THR A 36 14.92 -1.54 0.58
CA THR A 36 13.65 -2.12 0.15
C THR A 36 12.46 -1.33 0.69
N ALA A 37 11.66 -0.79 -0.20
CA ALA A 37 10.50 0.00 0.18
C ALA A 37 9.21 -0.82 0.02
N VAL A 38 8.32 -0.69 1.00
CA VAL A 38 7.05 -1.42 0.96
C VAL A 38 5.95 -0.64 1.68
N LEU A 39 4.87 -0.38 0.95
CA LEU A 39 3.74 0.37 1.52
C LEU A 39 2.62 -0.58 1.93
N ARG A 40 1.76 -0.11 2.82
CA ARG A 40 0.64 -0.92 3.31
C ARG A 40 -0.60 -0.05 3.53
N CYS A 41 -1.76 -0.61 3.23
CA CYS A 41 -3.02 0.11 3.39
C CYS A 41 -4.16 -0.84 3.75
N GLU A 42 -5.14 -0.33 4.49
CA GLU A 42 -6.28 -1.14 4.90
C GLU A 42 -7.56 -0.68 4.22
N LEU A 43 -8.48 -1.60 3.99
CA LEU A 43 -9.74 -1.30 3.35
C LEU A 43 -10.92 -1.71 4.22
N SER A 44 -12.13 -1.31 3.81
CA SER A 44 -13.34 -1.64 4.57
C SER A 44 -13.75 -3.08 4.32
N LYS A 45 -13.58 -3.54 3.08
CA LYS A 45 -13.94 -4.91 2.71
C LYS A 45 -13.06 -5.42 1.58
N MET A 46 -12.82 -6.72 1.56
CA MET A 46 -12.00 -7.33 0.53
C MET A 46 -12.49 -6.95 -0.87
N ALA A 47 -11.61 -6.35 -1.66
CA ALA A 47 -11.97 -5.94 -3.02
C ALA A 47 -10.72 -5.81 -3.88
N PRO A 48 -10.93 -5.84 -5.21
CA PRO A 48 -9.84 -5.73 -6.19
C PRO A 48 -9.23 -4.33 -6.21
N VAL A 49 -7.90 -4.26 -6.04
CA VAL A 49 -7.20 -2.99 -6.05
C VAL A 49 -6.29 -2.87 -7.27
N GLU A 50 -5.89 -1.64 -7.58
CA GLU A 50 -5.02 -1.39 -8.73
C GLU A 50 -4.02 -0.28 -8.42
N TRP A 51 -2.74 -0.60 -8.55
CA TRP A 51 -1.69 0.38 -8.29
C TRP A 51 -1.33 1.15 -9.56
N TRP A 52 -1.28 2.48 -9.43
CA TRP A 52 -0.94 3.33 -10.57
C TRP A 52 0.16 4.32 -10.20
N LYS A 53 1.20 4.36 -11.02
CA LYS A 53 2.33 5.27 -10.78
C LYS A 53 2.38 6.36 -11.85
N GLY A 54 1.76 7.50 -11.56
CA GLY A 54 1.76 8.60 -12.50
C GLY A 54 0.70 8.43 -13.58
N HIS A 55 1.04 7.72 -14.64
CA HIS A 55 0.11 7.49 -15.74
C HIS A 55 0.27 6.09 -16.31
N GLU A 56 0.69 5.15 -15.47
CA GLU A 56 0.89 3.77 -15.89
C GLU A 56 0.61 2.80 -14.75
N THR A 57 0.22 1.58 -15.10
CA THR A 57 -0.08 0.56 -14.10
C THR A 57 1.18 -0.23 -13.72
N LEU A 58 1.26 -0.64 -12.47
CA LEU A 58 2.41 -1.40 -11.98
C LEU A 58 2.14 -2.91 -12.10
N ARG A 59 3.19 -3.65 -12.46
CA ARG A 59 3.07 -5.10 -12.62
C ARG A 59 3.65 -5.82 -11.40
N ASP A 60 3.42 -7.12 -11.33
CA ASP A 60 3.92 -7.92 -10.22
C ASP A 60 4.97 -8.92 -10.70
N GLY A 61 6.06 -9.03 -9.95
CA GLY A 61 7.12 -9.95 -10.30
C GLY A 61 8.34 -9.24 -10.86
N ASP A 62 9.37 -10.00 -11.21
CA ASP A 62 10.60 -9.44 -11.75
C ASP A 62 11.35 -8.65 -10.69
N ARG A 63 10.86 -7.46 -10.38
CA ARG A 63 11.49 -6.60 -9.37
C ARG A 63 10.45 -6.04 -8.41
N HIS A 64 9.22 -6.51 -8.53
CA HIS A 64 8.13 -6.05 -7.68
C HIS A 64 7.42 -7.23 -7.01
N SER A 65 6.82 -6.98 -5.86
CA SER A 65 6.10 -8.03 -5.13
C SER A 65 4.76 -7.52 -4.64
N LEU A 66 3.68 -8.01 -5.26
CA LEU A 66 2.33 -7.61 -4.89
C LEU A 66 1.68 -8.66 -4.01
N ARG A 67 1.22 -8.24 -2.84
CA ARG A 67 0.57 -9.15 -1.90
C ARG A 67 -0.80 -8.63 -1.50
N GLN A 68 -1.71 -9.54 -1.16
CA GLN A 68 -3.06 -9.17 -0.77
C GLN A 68 -3.61 -10.17 0.26
N ASP A 69 -4.04 -9.66 1.40
CA ASP A 69 -4.60 -10.50 2.46
C ASP A 69 -5.93 -9.93 2.95
N GLY A 70 -7.00 -10.25 2.22
CA GLY A 70 -8.32 -9.77 2.59
C GLY A 70 -8.50 -8.30 2.33
N ALA A 71 -8.20 -7.47 3.32
CA ALA A 71 -8.33 -6.02 3.19
C ALA A 71 -6.96 -5.34 3.27
N ARG A 72 -6.02 -5.98 3.96
CA ARG A 72 -4.68 -5.43 4.11
C ARG A 72 -3.87 -5.64 2.83
N CYS A 73 -3.61 -4.56 2.11
CA CYS A 73 -2.85 -4.63 0.88
C CYS A 73 -1.47 -3.99 1.06
N GLU A 74 -0.54 -4.35 0.17
CA GLU A 74 0.81 -3.81 0.24
C GLU A 74 1.54 -4.03 -1.08
N LEU A 75 2.67 -3.33 -1.25
CA LEU A 75 3.47 -3.45 -2.47
C LEU A 75 4.95 -3.31 -2.16
N GLN A 76 5.67 -4.42 -2.28
CA GLN A 76 7.11 -4.41 -2.02
C GLN A 76 7.90 -4.14 -3.29
N ILE A 77 9.01 -3.42 -3.16
CA ILE A 77 9.85 -3.07 -4.30
C ILE A 77 11.32 -3.26 -3.97
N ARG A 78 11.92 -4.33 -4.50
CA ARG A 78 13.32 -4.62 -4.26
C ARG A 78 14.20 -3.96 -5.31
N GLY A 79 15.40 -3.54 -4.91
CA GLY A 79 16.32 -2.90 -5.83
C GLY A 79 15.96 -1.45 -6.08
N LEU A 80 15.83 -0.67 -5.01
CA LEU A 80 15.48 0.74 -5.13
C LEU A 80 16.52 1.49 -5.96
N VAL A 81 16.20 2.74 -6.30
CA VAL A 81 17.11 3.56 -7.09
C VAL A 81 16.72 5.03 -7.00
N ALA A 82 15.68 5.42 -7.72
CA ALA A 82 15.21 6.79 -7.72
C ALA A 82 14.00 6.96 -8.63
N GLU A 83 13.97 6.21 -9.72
CA GLU A 83 12.87 6.28 -10.68
C GLU A 83 11.56 5.82 -10.03
N ASP A 84 11.67 4.91 -9.07
CA ASP A 84 10.50 4.39 -8.38
C ASP A 84 9.80 5.49 -7.60
N ALA A 85 10.56 6.50 -7.19
CA ALA A 85 10.01 7.62 -6.44
C ALA A 85 8.96 8.37 -7.25
N GLY A 86 7.77 8.53 -6.67
CA GLY A 86 6.70 9.23 -7.36
C GLY A 86 5.39 9.16 -6.61
N GLU A 87 4.29 9.33 -7.33
CA GLU A 87 2.97 9.29 -6.71
C GLU A 87 2.33 7.92 -6.89
N TYR A 88 2.27 7.16 -5.78
CA TYR A 88 1.69 5.83 -5.81
C TYR A 88 0.18 5.89 -5.58
N LEU A 89 -0.57 5.35 -6.54
CA LEU A 89 -2.03 5.34 -6.45
C LEU A 89 -2.54 3.95 -6.09
N CYS A 90 -3.81 3.88 -5.68
CA CYS A 90 -4.42 2.61 -5.32
C CYS A 90 -5.94 2.71 -5.36
N MET A 91 -6.51 2.49 -6.54
CA MET A 91 -7.95 2.55 -6.71
C MET A 91 -8.61 1.22 -6.34
N CYS A 92 -9.65 1.28 -5.51
CA CYS A 92 -10.35 0.09 -5.08
C CYS A 92 -11.87 0.27 -5.22
N GLY A 93 -12.44 -0.31 -6.25
CA GLY A 93 -13.88 -0.20 -6.47
C GLY A 93 -14.28 1.18 -6.94
N LYS A 94 -14.58 2.05 -5.99
CA LYS A 94 -14.99 3.42 -6.29
C LYS A 94 -14.02 4.44 -5.69
N GLU A 95 -13.66 4.22 -4.43
CA GLU A 95 -12.74 5.11 -3.74
C GLU A 95 -11.30 4.83 -4.15
N ARG A 96 -10.42 5.80 -3.91
CA ARG A 96 -9.01 5.66 -4.25
C ARG A 96 -8.14 6.55 -3.37
N THR A 97 -6.83 6.28 -3.37
CA THR A 97 -5.90 7.05 -2.57
C THR A 97 -4.58 7.26 -3.31
N SER A 98 -3.79 8.22 -2.84
CA SER A 98 -2.49 8.51 -3.45
C SER A 98 -1.45 8.83 -2.39
N ALA A 99 -0.24 8.31 -2.58
CA ALA A 99 0.85 8.54 -1.64
C ALA A 99 2.09 9.05 -2.37
N MET A 100 3.07 9.51 -1.59
CA MET A 100 4.31 10.02 -2.16
C MET A 100 5.52 9.29 -1.57
N LEU A 101 6.17 8.47 -2.38
CA LEU A 101 7.34 7.72 -1.94
C LEU A 101 8.62 8.52 -2.17
N THR A 102 9.54 8.42 -1.22
CA THR A 102 10.81 9.14 -1.32
C THR A 102 11.99 8.16 -1.36
N VAL A 103 12.94 8.42 -2.24
CA VAL A 103 14.13 7.57 -2.37
C VAL A 103 15.40 8.39 -2.20
N ARG A 104 16.06 8.21 -1.05
CA ARG A 104 17.29 8.93 -0.77
C ARG A 104 18.48 8.27 -1.48
N ALA A 105 19.66 8.83 -1.28
CA ALA A 105 20.88 8.29 -1.89
C ALA A 105 21.75 7.58 -0.87
N MET A 106 22.54 6.63 -1.33
CA MET A 106 23.42 5.86 -0.44
C MET A 106 24.36 6.79 0.32
N PRO A 107 24.92 6.29 1.43
CA PRO A 107 25.84 7.05 2.27
C PRO A 107 27.18 7.31 1.58
N SER A 108 27.56 8.58 1.45
CA SER A 108 28.81 8.94 0.82
C SER A 108 29.51 10.04 1.60
N GLY A 109 29.67 9.83 2.89
CA GLY A 109 30.32 10.82 3.73
C GLY A 109 30.90 10.21 5.01
N PRO A 110 31.53 11.06 5.84
CA PRO A 110 32.13 10.62 7.10
C PRO A 110 31.09 10.21 8.13
N SER A 111 31.45 9.27 8.99
CA SER A 111 30.54 8.78 10.02
C SER A 111 31.31 8.09 11.14
N SER A 112 32.27 7.25 10.75
CA SER A 112 33.08 6.52 11.73
C SER A 112 34.40 7.24 11.99
N GLY A 113 34.86 7.19 13.25
CA GLY A 113 36.10 7.84 13.61
C GLY A 113 35.91 9.32 13.87
N GLY A 1 -21.47 -19.66 38.63
CA GLY A 1 -22.89 -19.47 38.82
C GLY A 1 -23.56 -18.81 37.63
N SER A 2 -23.16 -17.58 37.33
CA SER A 2 -23.73 -16.85 36.21
C SER A 2 -25.23 -16.66 36.39
N SER A 3 -25.87 -16.02 35.42
CA SER A 3 -27.30 -15.76 35.47
C SER A 3 -27.81 -15.20 34.15
N GLY A 4 -27.36 -13.99 33.81
CA GLY A 4 -27.77 -13.36 32.57
C GLY A 4 -26.93 -13.79 31.39
N SER A 5 -27.56 -13.95 30.23
CA SER A 5 -26.85 -14.37 29.03
C SER A 5 -27.32 -13.56 27.82
N SER A 6 -26.39 -13.26 26.91
CA SER A 6 -26.70 -12.49 25.72
C SER A 6 -26.20 -13.20 24.47
N GLY A 7 -26.65 -12.73 23.31
CA GLY A 7 -26.24 -13.34 22.06
C GLY A 7 -25.91 -12.31 20.99
N ARG A 8 -26.95 -11.76 20.36
CA ARG A 8 -26.76 -10.76 19.32
C ARG A 8 -28.07 -10.02 19.04
N THR A 9 -28.07 -9.22 17.98
CA THR A 9 -29.25 -8.46 17.61
C THR A 9 -29.98 -9.11 16.44
N SER A 10 -31.31 -9.13 16.50
CA SER A 10 -32.13 -9.74 15.46
C SER A 10 -31.80 -9.12 14.10
N ALA A 11 -31.97 -9.91 13.04
CA ALA A 11 -31.69 -9.44 11.69
C ALA A 11 -32.99 -9.23 10.91
N MET A 12 -33.57 -8.05 11.06
CA MET A 12 -34.82 -7.71 10.36
C MET A 12 -34.53 -7.18 8.97
N LEU A 13 -33.41 -6.48 8.83
CA LEU A 13 -33.02 -5.90 7.55
C LEU A 13 -32.64 -7.00 6.55
N THR A 14 -32.50 -6.61 5.28
CA THR A 14 -32.14 -7.55 4.23
C THR A 14 -30.67 -7.44 3.87
N VAL A 15 -30.00 -8.59 3.74
CA VAL A 15 -28.59 -8.61 3.39
C VAL A 15 -28.35 -8.06 1.99
N ARG A 16 -27.45 -7.08 1.88
CA ARG A 16 -27.14 -6.47 0.60
C ARG A 16 -25.65 -6.15 0.51
N ALA A 17 -25.16 -6.04 -0.72
CA ALA A 17 -23.75 -5.72 -0.95
C ALA A 17 -23.46 -4.25 -0.70
N LEU A 18 -23.24 -3.91 0.56
CA LEU A 18 -22.95 -2.53 0.95
C LEU A 18 -21.72 -2.01 0.21
N PRO A 19 -21.59 -0.67 0.15
CA PRO A 19 -20.46 -0.01 -0.51
C PRO A 19 -19.14 -0.21 0.23
N ILE A 20 -18.03 -0.04 -0.48
CA ILE A 20 -16.71 -0.19 0.12
C ILE A 20 -15.92 1.11 0.06
N LYS A 21 -15.26 1.45 1.16
CA LYS A 21 -14.47 2.67 1.23
C LYS A 21 -13.07 2.38 1.79
N PHE A 22 -12.27 3.42 1.93
CA PHE A 22 -10.92 3.29 2.46
C PHE A 22 -10.85 3.74 3.91
N THR A 23 -10.15 2.97 4.74
CA THR A 23 -10.01 3.29 6.15
C THR A 23 -8.58 3.71 6.48
N GLU A 24 -7.62 3.17 5.71
CA GLU A 24 -6.22 3.49 5.93
C GLU A 24 -5.49 3.65 4.60
N GLY A 25 -5.60 4.84 4.01
CA GLY A 25 -4.95 5.10 2.74
C GLY A 25 -3.45 5.23 2.87
N LEU A 26 -2.74 5.06 1.76
CA LEU A 26 -1.29 5.15 1.76
C LEU A 26 -0.82 6.45 2.39
N ARG A 27 0.43 6.47 2.86
CA ARG A 27 0.99 7.66 3.49
C ARG A 27 2.38 7.95 2.94
N ASN A 28 2.88 9.16 3.20
CA ASN A 28 4.20 9.57 2.74
C ASN A 28 5.28 8.66 3.31
N GLU A 29 5.98 7.95 2.41
CA GLU A 29 7.04 7.04 2.83
C GLU A 29 8.39 7.49 2.29
N GLU A 30 9.45 7.18 3.01
CA GLU A 30 10.80 7.55 2.60
C GLU A 30 11.78 6.43 2.87
N ALA A 31 12.45 5.96 1.82
CA ALA A 31 13.43 4.89 1.94
C ALA A 31 14.80 5.32 1.43
N THR A 32 15.81 4.51 1.70
CA THR A 32 17.17 4.81 1.26
C THR A 32 17.54 4.00 0.02
N GLU A 33 18.43 4.56 -0.80
CA GLU A 33 18.86 3.89 -2.02
C GLU A 33 19.39 2.49 -1.72
N GLY A 34 18.87 1.51 -2.45
CA GLY A 34 19.30 0.13 -2.25
C GLY A 34 18.43 -0.61 -1.26
N ALA A 35 17.70 0.14 -0.44
CA ALA A 35 16.81 -0.45 0.55
C ALA A 35 15.57 -1.03 -0.11
N THR A 36 14.64 -1.51 0.72
CA THR A 36 13.40 -2.10 0.23
C THR A 36 12.19 -1.35 0.75
N ALA A 37 11.36 -0.85 -0.15
CA ALA A 37 10.16 -0.11 0.23
C ALA A 37 8.92 -1.00 0.15
N VAL A 38 8.04 -0.88 1.14
CA VAL A 38 6.83 -1.67 1.18
C VAL A 38 5.63 -0.81 1.59
N LEU A 39 4.78 -0.49 0.62
CA LEU A 39 3.61 0.33 0.87
C LEU A 39 2.39 -0.56 1.16
N ARG A 40 1.85 -0.42 2.36
CA ARG A 40 0.68 -1.21 2.77
C ARG A 40 -0.52 -0.30 3.03
N CYS A 41 -1.71 -0.88 2.98
CA CYS A 41 -2.94 -0.12 3.22
C CYS A 41 -4.07 -1.04 3.65
N GLU A 42 -5.01 -0.50 4.42
CA GLU A 42 -6.14 -1.28 4.91
C GLU A 42 -7.44 -0.81 4.24
N LEU A 43 -8.33 -1.75 3.96
CA LEU A 43 -9.61 -1.44 3.34
C LEU A 43 -10.77 -1.79 4.27
N SER A 44 -11.87 -1.05 4.14
CA SER A 44 -13.05 -1.29 4.96
C SER A 44 -13.65 -2.66 4.66
N LYS A 45 -13.43 -3.15 3.45
CA LYS A 45 -13.94 -4.46 3.04
C LYS A 45 -13.09 -5.06 1.93
N MET A 46 -12.88 -6.36 2.00
CA MET A 46 -12.08 -7.06 1.00
C MET A 46 -12.59 -6.76 -0.41
N ALA A 47 -11.68 -6.42 -1.32
CA ALA A 47 -12.05 -6.12 -2.69
C ALA A 47 -10.80 -5.95 -3.56
N PRO A 48 -10.99 -6.06 -4.88
CA PRO A 48 -9.90 -5.93 -5.85
C PRO A 48 -9.39 -4.50 -5.95
N VAL A 49 -8.07 -4.35 -6.00
CA VAL A 49 -7.45 -3.03 -6.09
C VAL A 49 -6.46 -2.97 -7.25
N GLU A 50 -6.09 -1.76 -7.64
CA GLU A 50 -5.14 -1.56 -8.72
C GLU A 50 -4.14 -0.46 -8.39
N TRP A 51 -2.86 -0.78 -8.49
CA TRP A 51 -1.80 0.18 -8.20
C TRP A 51 -1.39 0.93 -9.46
N TRP A 52 -1.60 2.25 -9.47
CA TRP A 52 -1.25 3.08 -10.61
C TRP A 52 -0.13 4.05 -10.25
N LYS A 53 0.64 4.46 -11.26
CA LYS A 53 1.74 5.40 -11.05
C LYS A 53 1.72 6.50 -12.10
N GLY A 54 1.13 7.63 -11.75
CA GLY A 54 1.05 8.76 -12.67
C GLY A 54 -0.04 8.58 -13.70
N HIS A 55 0.25 7.79 -14.73
CA HIS A 55 -0.72 7.54 -15.79
C HIS A 55 -0.51 6.15 -16.40
N GLU A 56 0.01 5.23 -15.61
CA GLU A 56 0.26 3.88 -16.07
C GLU A 56 0.05 2.87 -14.94
N THR A 57 -0.20 1.62 -15.30
CA THR A 57 -0.43 0.57 -14.33
C THR A 57 0.86 -0.19 -14.03
N LEU A 58 1.02 -0.61 -12.76
CA LEU A 58 2.21 -1.35 -12.35
C LEU A 58 2.00 -2.84 -12.50
N ARG A 59 3.10 -3.59 -12.53
CA ARG A 59 3.04 -5.04 -12.66
C ARG A 59 3.69 -5.73 -11.47
N ASP A 60 3.55 -7.05 -11.40
CA ASP A 60 4.12 -7.83 -10.31
C ASP A 60 5.17 -8.80 -10.82
N GLY A 61 6.25 -8.94 -10.06
CA GLY A 61 7.32 -9.85 -10.46
C GLY A 61 8.53 -9.11 -11.00
N ASP A 62 9.58 -9.86 -11.34
CA ASP A 62 10.80 -9.27 -11.87
C ASP A 62 11.53 -8.48 -10.79
N ARG A 63 11.02 -7.29 -10.48
CA ARG A 63 11.63 -6.44 -9.47
C ARG A 63 10.57 -5.93 -8.48
N HIS A 64 9.35 -6.45 -8.61
CA HIS A 64 8.26 -6.04 -7.74
C HIS A 64 7.56 -7.26 -7.14
N SER A 65 6.85 -7.05 -6.04
CA SER A 65 6.13 -8.13 -5.38
C SER A 65 4.80 -7.65 -4.82
N LEU A 66 3.72 -7.99 -5.50
CA LEU A 66 2.38 -7.58 -5.09
C LEU A 66 1.69 -8.70 -4.31
N ARG A 67 1.28 -8.39 -3.09
CA ARG A 67 0.61 -9.37 -2.24
C ARG A 67 -0.65 -8.77 -1.61
N GLN A 68 -1.67 -9.61 -1.44
CA GLN A 68 -2.93 -9.17 -0.85
C GLN A 68 -3.43 -10.17 0.18
N ASP A 69 -3.85 -9.66 1.34
CA ASP A 69 -4.36 -10.51 2.41
C ASP A 69 -5.64 -9.94 3.00
N GLY A 70 -6.78 -10.47 2.55
CA GLY A 70 -8.06 -9.99 3.04
C GLY A 70 -8.31 -8.53 2.69
N ALA A 71 -8.18 -7.66 3.68
CA ALA A 71 -8.39 -6.23 3.47
C ALA A 71 -7.11 -5.44 3.73
N ARG A 72 -5.97 -6.09 3.55
CA ARG A 72 -4.68 -5.45 3.76
C ARG A 72 -3.75 -5.71 2.58
N CYS A 73 -3.65 -4.74 1.68
CA CYS A 73 -2.79 -4.86 0.51
C CYS A 73 -1.40 -4.33 0.80
N GLU A 74 -0.41 -4.84 0.07
CA GLU A 74 0.97 -4.42 0.26
C GLU A 74 1.74 -4.50 -1.06
N LEU A 75 2.62 -3.54 -1.29
CA LEU A 75 3.42 -3.50 -2.50
C LEU A 75 4.92 -3.41 -2.17
N GLN A 76 5.63 -4.52 -2.40
CA GLN A 76 7.06 -4.57 -2.13
C GLN A 76 7.86 -4.29 -3.39
N ILE A 77 8.96 -3.55 -3.24
CA ILE A 77 9.81 -3.21 -4.37
C ILE A 77 11.29 -3.41 -4.03
N ARG A 78 11.86 -4.51 -4.51
CA ARG A 78 13.27 -4.81 -4.24
C ARG A 78 14.16 -4.18 -5.30
N GLY A 79 15.25 -3.57 -4.86
CA GLY A 79 16.17 -2.94 -5.78
C GLY A 79 15.91 -1.46 -5.96
N LEU A 80 15.77 -0.75 -4.84
CA LEU A 80 15.50 0.68 -4.87
C LEU A 80 16.57 1.41 -5.68
N VAL A 81 16.29 2.67 -6.02
CA VAL A 81 17.22 3.47 -6.79
C VAL A 81 16.85 4.95 -6.73
N ALA A 82 15.82 5.33 -7.49
CA ALA A 82 15.36 6.71 -7.52
C ALA A 82 14.18 6.87 -8.48
N GLU A 83 14.19 6.10 -9.56
CA GLU A 83 13.11 6.15 -10.55
C GLU A 83 11.78 5.74 -9.93
N ASP A 84 11.84 4.88 -8.92
CA ASP A 84 10.65 4.41 -8.25
C ASP A 84 9.96 5.55 -7.50
N ALA A 85 10.75 6.54 -7.11
CA ALA A 85 10.21 7.70 -6.38
C ALA A 85 9.17 8.43 -7.22
N GLY A 86 8.01 8.68 -6.63
CA GLY A 86 6.94 9.37 -7.33
C GLY A 86 5.64 9.37 -6.56
N GLU A 87 4.52 9.30 -7.28
CA GLU A 87 3.20 9.30 -6.65
C GLU A 87 2.45 8.03 -6.99
N TYR A 88 2.31 7.13 -6.01
CA TYR A 88 1.61 5.87 -6.21
C TYR A 88 0.12 6.05 -5.97
N LEU A 89 -0.67 5.11 -6.49
CA LEU A 89 -2.12 5.15 -6.33
C LEU A 89 -2.67 3.78 -5.96
N CYS A 90 -3.92 3.75 -5.51
CA CYS A 90 -4.56 2.49 -5.13
C CYS A 90 -6.09 2.63 -5.14
N MET A 91 -6.69 2.42 -6.31
CA MET A 91 -8.13 2.52 -6.45
C MET A 91 -8.81 1.21 -6.05
N CYS A 92 -9.91 1.33 -5.31
CA CYS A 92 -10.65 0.15 -4.87
C CYS A 92 -12.15 0.33 -5.12
N GLY A 93 -12.60 -0.12 -6.28
CA GLY A 93 -14.01 0.00 -6.63
C GLY A 93 -14.39 1.40 -7.02
N LYS A 94 -14.67 2.24 -6.03
CA LYS A 94 -15.06 3.63 -6.27
C LYS A 94 -14.04 4.58 -5.67
N GLU A 95 -13.74 4.39 -4.39
CA GLU A 95 -12.78 5.25 -3.70
C GLU A 95 -11.35 4.96 -4.17
N ARG A 96 -10.41 5.80 -3.73
CA ARG A 96 -9.01 5.63 -4.12
C ARG A 96 -8.11 6.46 -3.22
N THR A 97 -6.82 6.15 -3.23
CA THR A 97 -5.85 6.87 -2.42
C THR A 97 -4.51 7.00 -3.15
N SER A 98 -3.69 7.94 -2.70
CA SER A 98 -2.38 8.18 -3.32
C SER A 98 -1.38 8.68 -2.28
N ALA A 99 -0.12 8.33 -2.46
CA ALA A 99 0.93 8.74 -1.54
C ALA A 99 2.21 9.10 -2.30
N MET A 100 3.11 9.80 -1.63
CA MET A 100 4.38 10.21 -2.25
C MET A 100 5.54 9.44 -1.65
N LEU A 101 6.27 8.71 -2.50
CA LEU A 101 7.41 7.92 -2.05
C LEU A 101 8.72 8.63 -2.36
N THR A 102 9.62 8.64 -1.40
CA THR A 102 10.93 9.29 -1.56
C THR A 102 12.06 8.27 -1.53
N VAL A 103 13.11 8.54 -2.29
CA VAL A 103 14.27 7.65 -2.34
C VAL A 103 15.56 8.42 -2.14
N ARG A 104 16.15 8.26 -0.96
CA ARG A 104 17.40 8.95 -0.63
C ARG A 104 18.58 8.28 -1.33
N ALA A 105 19.77 8.83 -1.12
CA ALA A 105 20.98 8.29 -1.73
C ALA A 105 21.86 7.61 -0.70
N MET A 106 22.55 6.55 -1.11
CA MET A 106 23.43 5.80 -0.22
C MET A 106 24.48 6.72 0.40
N PRO A 107 25.08 6.27 1.51
CA PRO A 107 26.11 7.04 2.22
C PRO A 107 27.41 7.12 1.44
N SER A 108 27.76 8.31 0.99
CA SER A 108 28.98 8.52 0.23
C SER A 108 30.17 8.78 1.15
N GLY A 109 31.38 8.70 0.60
CA GLY A 109 32.57 8.94 1.39
C GLY A 109 33.15 7.65 1.95
N PRO A 110 34.23 7.78 2.74
CA PRO A 110 34.91 6.63 3.35
C PRO A 110 34.06 5.97 4.44
N SER A 111 34.45 4.75 4.81
CA SER A 111 33.72 4.00 5.84
C SER A 111 34.31 4.28 7.22
N SER A 112 33.53 4.00 8.25
CA SER A 112 33.97 4.22 9.63
C SER A 112 34.10 2.89 10.36
N GLY A 113 35.22 2.21 10.16
CA GLY A 113 35.45 0.93 10.81
C GLY A 113 35.96 -0.13 9.85
N GLY A 1 -35.88 -1.83 30.38
CA GLY A 1 -36.21 -0.50 30.88
C GLY A 1 -35.00 0.28 31.32
N SER A 2 -34.63 0.15 32.60
CA SER A 2 -33.48 0.86 33.14
C SER A 2 -32.54 -0.10 33.86
N SER A 3 -32.44 -1.32 33.34
CA SER A 3 -31.57 -2.33 33.94
C SER A 3 -31.50 -3.57 33.06
N GLY A 4 -30.28 -4.00 32.73
CA GLY A 4 -30.10 -5.17 31.90
C GLY A 4 -28.68 -5.29 31.38
N SER A 5 -27.94 -6.26 31.92
CA SER A 5 -26.56 -6.48 31.51
C SER A 5 -26.22 -7.97 31.53
N SER A 6 -25.77 -8.47 30.39
CA SER A 6 -25.41 -9.89 30.26
C SER A 6 -24.27 -10.07 29.28
N GLY A 7 -23.46 -11.10 29.51
CA GLY A 7 -22.32 -11.36 28.64
C GLY A 7 -22.67 -12.34 27.53
N ARG A 8 -22.83 -11.83 26.32
CA ARG A 8 -23.16 -12.67 25.17
C ARG A 8 -22.43 -12.20 23.92
N THR A 9 -22.35 -13.07 22.92
CA THR A 9 -21.68 -12.76 21.68
C THR A 9 -22.54 -11.86 20.79
N SER A 10 -22.14 -10.61 20.65
CA SER A 10 -22.88 -9.65 19.83
C SER A 10 -22.14 -9.36 18.53
N ALA A 11 -22.81 -9.63 17.42
CA ALA A 11 -22.21 -9.41 16.11
C ALA A 11 -23.24 -8.86 15.12
N MET A 12 -22.83 -8.68 13.88
CA MET A 12 -23.73 -8.17 12.84
C MET A 12 -24.85 -9.16 12.56
N LEU A 13 -26.03 -8.64 12.21
CA LEU A 13 -27.18 -9.47 11.92
C LEU A 13 -27.53 -9.42 10.43
N THR A 14 -27.97 -10.55 9.89
CA THR A 14 -28.34 -10.63 8.48
C THR A 14 -27.18 -10.18 7.59
N VAL A 15 -27.44 -10.12 6.28
CA VAL A 15 -26.43 -9.71 5.32
C VAL A 15 -26.94 -8.58 4.44
N ARG A 16 -26.16 -7.51 4.34
CA ARG A 16 -26.53 -6.37 3.52
C ARG A 16 -25.36 -5.92 2.65
N ALA A 17 -25.69 -5.32 1.50
CA ALA A 17 -24.67 -4.86 0.57
C ALA A 17 -24.35 -3.38 0.81
N LEU A 18 -23.23 -3.12 1.49
CA LEU A 18 -22.82 -1.76 1.78
C LEU A 18 -21.66 -1.33 0.88
N PRO A 19 -21.45 -0.02 0.77
CA PRO A 19 -20.38 0.54 -0.06
C PRO A 19 -19.00 0.28 0.53
N ILE A 20 -18.01 0.09 -0.34
CA ILE A 20 -16.65 -0.17 0.09
C ILE A 20 -15.83 1.13 0.16
N LYS A 21 -15.24 1.38 1.32
CA LYS A 21 -14.44 2.59 1.51
C LYS A 21 -13.05 2.23 2.03
N PHE A 22 -12.22 3.25 2.26
CA PHE A 22 -10.86 3.04 2.76
C PHE A 22 -10.77 3.43 4.23
N THR A 23 -10.38 2.47 5.07
CA THR A 23 -10.24 2.71 6.49
C THR A 23 -8.87 3.32 6.82
N GLU A 24 -7.86 2.93 6.04
CA GLU A 24 -6.51 3.44 6.25
C GLU A 24 -5.80 3.66 4.92
N GLY A 25 -6.09 4.80 4.28
CA GLY A 25 -5.48 5.12 3.01
C GLY A 25 -3.97 5.09 3.07
N LEU A 26 -3.32 5.13 1.91
CA LEU A 26 -1.87 5.12 1.84
C LEU A 26 -1.27 6.34 2.52
N ARG A 27 0.00 6.25 2.87
CA ARG A 27 0.69 7.35 3.52
C ARG A 27 2.04 7.63 2.86
N ASN A 28 2.66 8.75 3.21
CA ASN A 28 3.94 9.13 2.64
C ASN A 28 5.08 8.34 3.28
N GLU A 29 5.83 7.62 2.46
CA GLU A 29 6.95 6.82 2.95
C GLU A 29 8.27 7.33 2.38
N GLU A 30 9.35 7.07 3.11
CA GLU A 30 10.68 7.51 2.69
C GLU A 30 11.70 6.40 2.89
N ALA A 31 12.45 6.08 1.84
CA ALA A 31 13.47 5.04 1.91
C ALA A 31 14.79 5.53 1.33
N THR A 32 15.84 4.73 1.50
CA THR A 32 17.16 5.09 0.99
C THR A 32 17.52 4.24 -0.22
N GLU A 33 18.42 4.76 -1.05
CA GLU A 33 18.86 4.05 -2.25
C GLU A 33 19.41 2.67 -1.89
N GLY A 34 18.89 1.65 -2.56
CA GLY A 34 19.34 0.29 -2.31
C GLY A 34 18.46 -0.44 -1.30
N ALA A 35 17.79 0.33 -0.45
CA ALA A 35 16.91 -0.25 0.56
C ALA A 35 15.66 -0.86 -0.08
N THR A 36 14.74 -1.32 0.76
CA THR A 36 13.50 -1.92 0.27
C THR A 36 12.27 -1.15 0.74
N ALA A 37 11.54 -0.57 -0.19
CA ALA A 37 10.35 0.20 0.13
C ALA A 37 9.10 -0.66 0.00
N VAL A 38 8.21 -0.57 0.99
CA VAL A 38 6.97 -1.34 0.99
C VAL A 38 5.84 -0.54 1.62
N LEU A 39 4.76 -0.34 0.86
CA LEU A 39 3.61 0.41 1.34
C LEU A 39 2.50 -0.55 1.81
N ARG A 40 1.76 -0.12 2.82
CA ARG A 40 0.68 -0.93 3.37
C ARG A 40 -0.59 -0.10 3.53
N CYS A 41 -1.73 -0.72 3.25
CA CYS A 41 -3.02 -0.04 3.36
C CYS A 41 -4.13 -1.03 3.68
N GLU A 42 -5.14 -0.56 4.41
CA GLU A 42 -6.27 -1.41 4.79
C GLU A 42 -7.54 -0.97 4.08
N LEU A 43 -8.47 -1.91 3.91
CA LEU A 43 -9.74 -1.61 3.24
C LEU A 43 -10.92 -1.90 4.16
N SER A 44 -12.11 -1.53 3.72
CA SER A 44 -13.32 -1.76 4.51
C SER A 44 -13.88 -3.16 4.26
N LYS A 45 -13.70 -3.65 3.04
CA LYS A 45 -14.17 -4.98 2.66
C LYS A 45 -13.30 -5.59 1.57
N MET A 46 -13.12 -6.90 1.63
CA MET A 46 -12.31 -7.61 0.64
C MET A 46 -12.77 -7.28 -0.78
N ALA A 47 -11.83 -6.81 -1.60
CA ALA A 47 -12.14 -6.46 -2.98
C ALA A 47 -10.86 -6.28 -3.80
N PRO A 48 -11.00 -6.36 -5.13
CA PRO A 48 -9.86 -6.20 -6.05
C PRO A 48 -9.33 -4.77 -6.09
N VAL A 49 -8.02 -4.63 -6.01
CA VAL A 49 -7.38 -3.32 -6.04
C VAL A 49 -6.45 -3.18 -7.23
N GLU A 50 -5.98 -1.95 -7.47
CA GLU A 50 -5.08 -1.69 -8.58
C GLU A 50 -4.09 -0.58 -8.24
N TRP A 51 -2.80 -0.87 -8.40
CA TRP A 51 -1.76 0.09 -8.10
C TRP A 51 -1.35 0.87 -9.35
N TRP A 52 -1.46 2.19 -9.28
CA TRP A 52 -1.10 3.05 -10.41
C TRP A 52 0.02 4.01 -10.03
N LYS A 53 0.74 4.50 -11.04
CA LYS A 53 1.83 5.44 -10.80
C LYS A 53 1.76 6.60 -11.78
N GLY A 54 1.13 7.69 -11.35
CA GLY A 54 0.99 8.87 -12.20
C GLY A 54 -0.07 8.70 -13.26
N HIS A 55 0.25 7.95 -14.31
CA HIS A 55 -0.68 7.71 -15.40
C HIS A 55 -0.42 6.35 -16.06
N GLU A 56 0.06 5.40 -15.26
CA GLU A 56 0.34 4.06 -15.77
C GLU A 56 0.22 3.03 -14.65
N THR A 57 -0.31 1.87 -14.99
CA THR A 57 -0.49 0.79 -14.02
C THR A 57 0.82 0.05 -13.77
N LEU A 58 0.95 -0.53 -12.58
CA LEU A 58 2.16 -1.27 -12.23
C LEU A 58 1.95 -2.77 -12.40
N ARG A 59 3.05 -3.52 -12.38
CA ARG A 59 2.99 -4.96 -12.53
C ARG A 59 3.63 -5.67 -11.33
N ASP A 60 3.42 -6.97 -11.22
CA ASP A 60 3.98 -7.76 -10.13
C ASP A 60 5.01 -8.75 -10.65
N GLY A 61 6.11 -8.88 -9.92
CA GLY A 61 7.17 -9.79 -10.32
C GLY A 61 8.40 -9.08 -10.84
N ASP A 62 9.42 -9.86 -11.21
CA ASP A 62 10.65 -9.28 -11.73
C ASP A 62 11.41 -8.54 -10.64
N ARG A 63 10.94 -7.34 -10.30
CA ARG A 63 11.57 -6.53 -9.27
C ARG A 63 10.54 -5.98 -8.30
N HIS A 64 9.29 -6.42 -8.44
CA HIS A 64 8.21 -5.97 -7.58
C HIS A 64 7.50 -7.16 -6.93
N SER A 65 6.97 -6.94 -5.73
CA SER A 65 6.27 -8.00 -5.01
C SER A 65 4.91 -7.51 -4.51
N LEU A 66 3.85 -7.93 -5.19
CA LEU A 66 2.50 -7.53 -4.82
C LEU A 66 1.84 -8.59 -3.94
N ARG A 67 1.42 -8.19 -2.75
CA ARG A 67 0.77 -9.10 -1.81
C ARG A 67 -0.55 -8.52 -1.31
N GLN A 68 -1.57 -9.36 -1.25
CA GLN A 68 -2.88 -8.93 -0.79
C GLN A 68 -3.49 -9.96 0.15
N ASP A 69 -4.02 -9.48 1.28
CA ASP A 69 -4.63 -10.36 2.27
C ASP A 69 -6.05 -9.90 2.62
N GLY A 70 -7.01 -10.31 1.82
CA GLY A 70 -8.39 -9.92 2.05
C GLY A 70 -8.63 -8.44 1.77
N ALA A 71 -8.51 -7.61 2.80
CA ALA A 71 -8.71 -6.18 2.66
C ALA A 71 -7.39 -5.42 2.75
N ARG A 72 -6.44 -5.99 3.49
CA ARG A 72 -5.14 -5.36 3.67
C ARG A 72 -4.22 -5.69 2.49
N CYS A 73 -3.74 -4.65 1.82
CA CYS A 73 -2.84 -4.82 0.68
C CYS A 73 -1.41 -4.45 1.04
N GLU A 74 -0.47 -4.83 0.18
CA GLU A 74 0.93 -4.53 0.42
C GLU A 74 1.74 -4.64 -0.88
N LEU A 75 2.54 -3.61 -1.16
CA LEU A 75 3.35 -3.58 -2.37
C LEU A 75 4.83 -3.38 -2.02
N GLN A 76 5.62 -4.45 -2.17
CA GLN A 76 7.04 -4.39 -1.87
C GLN A 76 7.85 -4.17 -3.15
N ILE A 77 8.97 -3.47 -3.02
CA ILE A 77 9.83 -3.19 -4.16
C ILE A 77 11.30 -3.39 -3.80
N ARG A 78 11.92 -4.41 -4.41
CA ARG A 78 13.32 -4.70 -4.16
C ARG A 78 14.20 -4.11 -5.25
N GLY A 79 15.31 -3.50 -4.83
CA GLY A 79 16.23 -2.89 -5.78
C GLY A 79 15.91 -1.44 -6.03
N LEU A 80 15.92 -0.63 -4.98
CA LEU A 80 15.63 0.79 -5.09
C LEU A 80 16.66 1.49 -5.98
N VAL A 81 16.38 2.73 -6.35
CA VAL A 81 17.29 3.50 -7.20
C VAL A 81 16.91 4.98 -7.19
N ALA A 82 15.86 5.32 -7.93
CA ALA A 82 15.39 6.70 -8.01
C ALA A 82 14.18 6.82 -8.91
N GLU A 83 14.14 6.00 -9.96
CA GLU A 83 13.03 6.01 -10.91
C GLU A 83 11.75 5.51 -10.25
N ASP A 84 11.90 4.68 -9.23
CA ASP A 84 10.76 4.12 -8.51
C ASP A 84 10.05 5.20 -7.70
N ALA A 85 10.81 6.19 -7.25
CA ALA A 85 10.26 7.28 -6.45
C ALA A 85 9.27 8.10 -7.28
N GLY A 86 8.20 8.56 -6.63
CA GLY A 86 7.20 9.35 -7.31
C GLY A 86 5.88 9.39 -6.57
N GLU A 87 4.78 9.22 -7.29
CA GLU A 87 3.46 9.25 -6.69
C GLU A 87 2.70 7.95 -6.97
N TYR A 88 2.47 7.17 -5.92
CA TYR A 88 1.76 5.90 -6.06
C TYR A 88 0.25 6.11 -5.92
N LEU A 89 -0.51 5.08 -6.30
CA LEU A 89 -1.97 5.15 -6.22
C LEU A 89 -2.55 3.79 -5.85
N CYS A 90 -3.83 3.78 -5.50
CA CYS A 90 -4.51 2.55 -5.12
C CYS A 90 -6.02 2.70 -5.23
N MET A 91 -6.55 2.37 -6.41
CA MET A 91 -7.99 2.47 -6.64
C MET A 91 -8.68 1.13 -6.39
N CYS A 92 -9.63 1.14 -5.46
CA CYS A 92 -10.37 -0.07 -5.12
C CYS A 92 -11.87 0.15 -5.25
N GLY A 93 -12.42 -0.22 -6.40
CA GLY A 93 -13.85 -0.04 -6.63
C GLY A 93 -14.20 1.36 -7.07
N LYS A 94 -14.19 2.30 -6.13
CA LYS A 94 -14.51 3.68 -6.41
C LYS A 94 -13.48 4.63 -5.79
N GLU A 95 -13.28 4.49 -4.48
CA GLU A 95 -12.33 5.32 -3.76
C GLU A 95 -10.91 5.13 -4.31
N ARG A 96 -10.00 5.99 -3.89
CA ARG A 96 -8.61 5.93 -4.34
C ARG A 96 -7.71 6.77 -3.45
N THR A 97 -6.51 6.27 -3.18
CA THR A 97 -5.55 6.99 -2.34
C THR A 97 -4.17 7.00 -2.99
N SER A 98 -3.51 8.16 -2.92
CA SER A 98 -2.19 8.31 -3.51
C SER A 98 -1.18 8.78 -2.46
N ALA A 99 0.05 8.30 -2.57
CA ALA A 99 1.11 8.67 -1.63
C ALA A 99 2.32 9.21 -2.36
N MET A 100 3.33 9.62 -1.60
CA MET A 100 4.56 10.15 -2.17
C MET A 100 5.78 9.42 -1.63
N LEU A 101 6.34 8.51 -2.42
CA LEU A 101 7.51 7.74 -2.01
C LEU A 101 8.79 8.48 -2.36
N THR A 102 9.63 8.70 -1.35
CA THR A 102 10.91 9.39 -1.55
C THR A 102 12.08 8.43 -1.43
N VAL A 103 12.95 8.44 -2.42
CA VAL A 103 14.12 7.58 -2.42
C VAL A 103 15.41 8.39 -2.30
N ARG A 104 16.03 8.33 -1.11
CA ARG A 104 17.27 9.06 -0.87
C ARG A 104 18.43 8.42 -1.60
N ALA A 105 19.63 8.95 -1.37
CA ALA A 105 20.83 8.41 -2.01
C ALA A 105 21.68 7.61 -1.02
N MET A 106 22.41 6.63 -1.54
CA MET A 106 23.26 5.79 -0.70
C MET A 106 24.16 6.64 0.19
N PRO A 107 24.69 6.03 1.26
CA PRO A 107 25.57 6.70 2.20
C PRO A 107 26.93 7.01 1.60
N SER A 108 27.87 7.46 2.44
CA SER A 108 29.21 7.79 1.99
C SER A 108 30.06 6.54 1.84
N GLY A 109 31.34 6.73 1.51
CA GLY A 109 32.24 5.60 1.34
C GLY A 109 32.51 5.29 -0.12
N PRO A 110 33.49 4.40 -0.37
CA PRO A 110 33.87 4.00 -1.71
C PRO A 110 32.80 3.14 -2.39
N SER A 111 32.19 3.68 -3.43
CA SER A 111 31.14 2.97 -4.16
C SER A 111 31.43 2.97 -5.67
N SER A 112 31.16 1.84 -6.32
CA SER A 112 31.39 1.72 -7.75
C SER A 112 30.64 0.50 -8.31
N GLY A 113 29.41 0.73 -8.75
CA GLY A 113 28.61 -0.35 -9.30
C GLY A 113 27.14 -0.01 -9.37
N GLY A 1 -31.16 13.07 1.68
CA GLY A 1 -32.43 12.81 2.34
C GLY A 1 -33.27 14.06 2.49
N SER A 2 -33.85 14.25 3.67
CA SER A 2 -34.68 15.41 3.94
C SER A 2 -33.87 16.70 3.82
N SER A 3 -34.58 17.82 3.79
CA SER A 3 -33.94 19.13 3.66
C SER A 3 -33.45 19.63 5.03
N GLY A 4 -32.33 19.10 5.48
CA GLY A 4 -31.77 19.50 6.76
C GLY A 4 -31.11 18.35 7.49
N SER A 5 -31.51 17.13 7.17
CA SER A 5 -30.94 15.94 7.80
C SER A 5 -30.92 14.77 6.83
N SER A 6 -29.74 14.48 6.29
CA SER A 6 -29.59 13.38 5.34
C SER A 6 -29.14 12.11 6.06
N GLY A 7 -29.79 11.00 5.74
CA GLY A 7 -29.45 9.73 6.36
C GLY A 7 -29.89 9.66 7.81
N ARG A 8 -31.16 9.29 8.02
CA ARG A 8 -31.70 9.19 9.37
C ARG A 8 -32.85 8.19 9.42
N THR A 9 -33.88 8.44 8.61
CA THR A 9 -35.04 7.56 8.57
C THR A 9 -34.65 6.15 8.10
N SER A 10 -35.44 5.17 8.52
CA SER A 10 -35.18 3.78 8.15
C SER A 10 -36.47 2.98 8.08
N ALA A 11 -37.00 2.86 6.87
CA ALA A 11 -38.25 2.13 6.66
C ALA A 11 -38.31 1.55 5.25
N MET A 12 -37.36 0.68 4.92
CA MET A 12 -37.30 0.05 3.60
C MET A 12 -36.65 -1.32 3.68
N LEU A 13 -36.97 -2.18 2.71
CA LEU A 13 -36.41 -3.52 2.67
C LEU A 13 -34.89 -3.49 2.69
N THR A 14 -34.27 -4.60 3.10
CA THR A 14 -32.82 -4.68 3.17
C THR A 14 -32.22 -4.93 1.79
N VAL A 15 -31.02 -4.41 1.57
CA VAL A 15 -30.33 -4.57 0.29
C VAL A 15 -29.04 -5.37 0.46
N ARG A 16 -28.46 -5.29 1.65
CA ARG A 16 -27.22 -6.00 1.94
C ARG A 16 -26.13 -5.62 0.95
N ALA A 17 -24.97 -6.26 1.07
CA ALA A 17 -23.85 -5.99 0.18
C ALA A 17 -23.46 -4.51 0.23
N LEU A 18 -23.09 -4.04 1.42
CA LEU A 18 -22.69 -2.65 1.61
C LEU A 18 -21.54 -2.29 0.67
N PRO A 19 -21.34 -0.97 0.45
CA PRO A 19 -20.28 -0.47 -0.42
C PRO A 19 -18.90 -0.66 0.19
N ILE A 20 -17.87 -0.30 -0.56
CA ILE A 20 -16.49 -0.44 -0.10
C ILE A 20 -15.75 0.89 -0.20
N LYS A 21 -15.09 1.28 0.89
CA LYS A 21 -14.33 2.53 0.93
C LYS A 21 -12.96 2.31 1.55
N PHE A 22 -12.21 3.40 1.70
CA PHE A 22 -10.88 3.32 2.28
C PHE A 22 -10.90 3.76 3.75
N THR A 23 -10.43 2.88 4.63
CA THR A 23 -10.40 3.18 6.06
C THR A 23 -9.07 3.81 6.45
N GLU A 24 -7.99 3.37 5.82
CA GLU A 24 -6.66 3.90 6.11
C GLU A 24 -5.86 4.09 4.82
N GLY A 25 -6.12 5.19 4.12
CA GLY A 25 -5.42 5.47 2.88
C GLY A 25 -3.91 5.48 3.06
N LEU A 26 -3.19 5.49 1.95
CA LEU A 26 -1.72 5.50 1.99
C LEU A 26 -1.21 6.76 2.67
N ARG A 27 0.03 6.70 3.14
CA ARG A 27 0.64 7.84 3.82
C ARG A 27 2.05 8.11 3.27
N ASN A 28 2.51 9.35 3.41
CA ASN A 28 3.83 9.73 2.93
C ASN A 28 4.90 8.80 3.49
N GLU A 29 5.51 8.02 2.62
CA GLU A 29 6.56 7.08 3.03
C GLU A 29 7.91 7.49 2.44
N GLU A 30 8.98 6.94 3.03
CA GLU A 30 10.32 7.26 2.57
C GLU A 30 11.24 6.04 2.71
N ALA A 31 12.20 5.92 1.78
CA ALA A 31 13.13 4.80 1.80
C ALA A 31 14.52 5.24 1.32
N THR A 32 15.51 4.39 1.57
CA THR A 32 16.88 4.69 1.16
C THR A 32 17.28 3.88 -0.07
N GLU A 33 18.14 4.47 -0.90
CA GLU A 33 18.59 3.81 -2.11
C GLU A 33 19.24 2.45 -1.78
N GLY A 34 18.97 1.47 -2.62
CA GLY A 34 19.53 0.14 -2.41
C GLY A 34 18.87 -0.59 -1.25
N ALA A 35 17.67 -0.15 -0.88
CA ALA A 35 16.94 -0.75 0.22
C ALA A 35 15.64 -1.40 -0.26
N THR A 36 14.82 -1.86 0.68
CA THR A 36 13.56 -2.50 0.35
C THR A 36 12.38 -1.68 0.86
N ALA A 37 11.65 -1.05 -0.07
CA ALA A 37 10.51 -0.24 0.29
C ALA A 37 9.20 -1.01 0.09
N VAL A 38 8.29 -0.87 1.05
CA VAL A 38 7.01 -1.56 0.97
C VAL A 38 5.91 -0.74 1.65
N LEU A 39 4.85 -0.45 0.91
CA LEU A 39 3.73 0.33 1.44
C LEU A 39 2.63 -0.60 1.95
N ARG A 40 1.79 -0.08 2.85
CA ARG A 40 0.70 -0.86 3.41
C ARG A 40 -0.55 0.01 3.59
N CYS A 41 -1.69 -0.53 3.21
CA CYS A 41 -2.95 0.19 3.33
C CYS A 41 -4.09 -0.75 3.68
N GLU A 42 -5.08 -0.24 4.40
CA GLU A 42 -6.24 -1.04 4.80
C GLU A 42 -7.48 -0.62 4.04
N LEU A 43 -8.41 -1.56 3.87
CA LEU A 43 -9.65 -1.30 3.16
C LEU A 43 -10.87 -1.60 4.03
N SER A 44 -12.05 -1.38 3.49
CA SER A 44 -13.30 -1.62 4.22
C SER A 44 -13.73 -3.07 4.07
N LYS A 45 -13.39 -3.68 2.94
CA LYS A 45 -13.74 -5.06 2.66
C LYS A 45 -12.79 -5.68 1.65
N MET A 46 -12.85 -7.00 1.51
CA MET A 46 -11.99 -7.72 0.57
C MET A 46 -12.36 -7.37 -0.88
N ALA A 47 -11.40 -6.83 -1.61
CA ALA A 47 -11.63 -6.46 -3.01
C ALA A 47 -10.31 -6.21 -3.73
N PRO A 48 -10.35 -6.26 -5.07
CA PRO A 48 -9.15 -6.05 -5.90
C PRO A 48 -8.69 -4.60 -5.87
N VAL A 49 -7.40 -4.39 -6.15
CA VAL A 49 -6.83 -3.05 -6.16
C VAL A 49 -5.78 -2.91 -7.25
N GLU A 50 -5.69 -1.71 -7.81
CA GLU A 50 -4.72 -1.44 -8.87
C GLU A 50 -3.77 -0.32 -8.48
N TRP A 51 -2.47 -0.63 -8.47
CA TRP A 51 -1.46 0.36 -8.10
C TRP A 51 -0.97 1.11 -9.33
N TRP A 52 -1.17 2.42 -9.34
CA TRP A 52 -0.74 3.26 -10.46
C TRP A 52 0.41 4.17 -10.05
N LYS A 53 1.18 4.62 -11.04
CA LYS A 53 2.31 5.50 -10.78
C LYS A 53 2.33 6.67 -11.76
N GLY A 54 1.74 7.79 -11.34
CA GLY A 54 1.71 8.96 -12.20
C GLY A 54 0.67 8.84 -13.29
N HIS A 55 0.95 8.02 -14.29
CA HIS A 55 0.03 7.82 -15.41
C HIS A 55 0.25 6.46 -16.06
N GLU A 56 0.61 5.47 -15.25
CA GLU A 56 0.84 4.12 -15.74
C GLU A 56 0.57 3.09 -14.66
N THR A 57 0.06 1.93 -15.07
CA THR A 57 -0.25 0.86 -14.14
C THR A 57 0.99 0.02 -13.82
N LEU A 58 1.12 -0.39 -12.56
CA LEU A 58 2.26 -1.19 -12.13
C LEU A 58 1.95 -2.68 -12.24
N ARG A 59 2.99 -3.49 -12.40
CA ARG A 59 2.82 -4.94 -12.50
C ARG A 59 3.45 -5.64 -11.30
N ASP A 60 3.24 -6.95 -11.22
CA ASP A 60 3.78 -7.75 -10.12
C ASP A 60 4.83 -8.74 -10.63
N GLY A 61 5.98 -8.76 -9.97
CA GLY A 61 7.04 -9.67 -10.37
C GLY A 61 8.23 -8.94 -10.96
N ASP A 62 9.23 -9.69 -11.39
CA ASP A 62 10.44 -9.11 -11.98
C ASP A 62 11.25 -8.36 -10.94
N ARG A 63 10.79 -7.17 -10.56
CA ARG A 63 11.48 -6.37 -9.56
C ARG A 63 10.50 -5.86 -8.50
N HIS A 64 9.26 -6.33 -8.57
CA HIS A 64 8.23 -5.93 -7.62
C HIS A 64 7.52 -7.15 -7.04
N SER A 65 6.99 -6.99 -5.83
CA SER A 65 6.29 -8.07 -5.16
C SER A 65 4.96 -7.59 -4.58
N LEU A 66 3.87 -7.94 -5.26
CA LEU A 66 2.53 -7.54 -4.84
C LEU A 66 1.96 -8.55 -3.84
N ARG A 67 1.60 -8.06 -2.66
CA ARG A 67 1.04 -8.92 -1.62
C ARG A 67 -0.31 -8.38 -1.13
N GLN A 68 -1.18 -9.27 -0.69
CA GLN A 68 -2.50 -8.89 -0.21
C GLN A 68 -3.01 -9.89 0.82
N ASP A 69 -3.68 -9.38 1.85
CA ASP A 69 -4.22 -10.24 2.90
C ASP A 69 -5.65 -9.81 3.26
N GLY A 70 -6.61 -10.28 2.46
CA GLY A 70 -8.00 -9.94 2.71
C GLY A 70 -8.34 -8.53 2.27
N ALA A 71 -8.28 -7.59 3.19
CA ALA A 71 -8.59 -6.19 2.89
C ALA A 71 -7.32 -5.34 2.89
N ARG A 72 -6.31 -5.79 3.64
CA ARG A 72 -5.06 -5.06 3.74
C ARG A 72 -4.14 -5.44 2.57
N CYS A 73 -3.73 -4.42 1.80
CA CYS A 73 -2.86 -4.64 0.66
C CYS A 73 -1.43 -4.21 0.98
N GLU A 74 -0.48 -4.65 0.16
CA GLU A 74 0.92 -4.32 0.36
C GLU A 74 1.71 -4.47 -0.94
N LEU A 75 2.48 -3.45 -1.28
CA LEU A 75 3.28 -3.47 -2.50
C LEU A 75 4.76 -3.31 -2.18
N GLN A 76 5.52 -4.40 -2.31
CA GLN A 76 6.95 -4.37 -2.03
C GLN A 76 7.74 -4.14 -3.31
N ILE A 77 8.86 -3.43 -3.18
CA ILE A 77 9.72 -3.14 -4.32
C ILE A 77 11.17 -3.47 -4.02
N ARG A 78 11.66 -4.56 -4.61
CA ARG A 78 13.03 -4.99 -4.41
C ARG A 78 13.96 -4.33 -5.43
N GLY A 79 15.13 -3.90 -4.96
CA GLY A 79 16.09 -3.25 -5.83
C GLY A 79 15.75 -1.80 -6.09
N LEU A 80 15.77 -0.99 -5.03
CA LEU A 80 15.45 0.43 -5.16
C LEU A 80 16.45 1.13 -6.09
N VAL A 81 16.17 2.38 -6.40
CA VAL A 81 17.05 3.16 -7.27
C VAL A 81 16.71 4.65 -7.21
N ALA A 82 15.62 5.04 -7.87
CA ALA A 82 15.18 6.43 -7.88
C ALA A 82 13.92 6.60 -8.72
N GLU A 83 13.81 5.81 -9.79
CA GLU A 83 12.66 5.88 -10.67
C GLU A 83 11.38 5.48 -9.92
N ASP A 84 11.53 4.59 -8.95
CA ASP A 84 10.39 4.12 -8.17
C ASP A 84 9.75 5.28 -7.40
N ALA A 85 10.55 6.28 -7.07
CA ALA A 85 10.06 7.44 -6.34
C ALA A 85 9.04 8.22 -7.16
N GLY A 86 7.92 8.57 -6.54
CA GLY A 86 6.88 9.32 -7.23
C GLY A 86 5.57 9.32 -6.46
N GLU A 87 4.47 9.26 -7.20
CA GLU A 87 3.15 9.26 -6.58
C GLU A 87 2.46 7.91 -6.75
N TYR A 88 2.38 7.16 -5.67
CA TYR A 88 1.76 5.84 -5.70
C TYR A 88 0.25 5.95 -5.49
N LEU A 89 -0.51 5.43 -6.46
CA LEU A 89 -1.98 5.47 -6.40
C LEU A 89 -2.54 4.09 -6.07
N CYS A 90 -3.82 4.05 -5.73
CA CYS A 90 -4.49 2.80 -5.39
C CYS A 90 -6.00 2.96 -5.44
N MET A 91 -6.62 2.40 -6.47
CA MET A 91 -8.07 2.47 -6.63
C MET A 91 -8.73 1.15 -6.27
N CYS A 92 -9.65 1.19 -5.33
CA CYS A 92 -10.35 -0.02 -4.90
C CYS A 92 -11.87 0.16 -5.00
N GLY A 93 -12.43 -0.24 -6.13
CA GLY A 93 -13.87 -0.10 -6.35
C GLY A 93 -14.25 1.26 -6.90
N LYS A 94 -14.34 2.24 -6.02
CA LYS A 94 -14.70 3.60 -6.42
C LYS A 94 -13.73 4.61 -5.84
N GLU A 95 -13.42 4.46 -4.55
CA GLU A 95 -12.50 5.37 -3.89
C GLU A 95 -11.06 5.17 -4.38
N ARG A 96 -10.17 6.04 -3.94
CA ARG A 96 -8.77 5.95 -4.34
C ARG A 96 -7.89 6.81 -3.44
N THR A 97 -6.72 6.28 -3.07
CA THR A 97 -5.80 7.01 -2.21
C THR A 97 -4.44 7.17 -2.88
N SER A 98 -3.89 8.38 -2.81
CA SER A 98 -2.59 8.66 -3.41
C SER A 98 -1.58 9.09 -2.34
N ALA A 99 -0.34 8.64 -2.51
CA ALA A 99 0.72 8.97 -1.57
C ALA A 99 2.00 9.35 -2.29
N MET A 100 2.99 9.83 -1.54
CA MET A 100 4.26 10.24 -2.11
C MET A 100 5.42 9.46 -1.49
N LEU A 101 6.16 8.75 -2.33
CA LEU A 101 7.30 7.96 -1.85
C LEU A 101 8.61 8.67 -2.15
N THR A 102 9.44 8.82 -1.13
CA THR A 102 10.73 9.49 -1.28
C THR A 102 11.87 8.47 -1.26
N VAL A 103 12.79 8.59 -2.21
CA VAL A 103 13.93 7.69 -2.30
C VAL A 103 15.24 8.44 -2.13
N ARG A 104 15.92 8.19 -1.02
CA ARG A 104 17.19 8.85 -0.74
C ARG A 104 18.32 8.23 -1.56
N ALA A 105 19.54 8.66 -1.29
CA ALA A 105 20.71 8.15 -2.00
C ALA A 105 21.63 7.38 -1.07
N MET A 106 22.19 6.28 -1.57
CA MET A 106 23.09 5.45 -0.78
C MET A 106 24.25 6.28 -0.23
N PRO A 107 24.91 5.76 0.81
CA PRO A 107 26.05 6.43 1.44
C PRO A 107 27.28 6.46 0.55
N SER A 108 28.12 7.48 0.72
CA SER A 108 29.33 7.61 -0.07
C SER A 108 30.49 8.10 0.79
N GLY A 109 31.26 7.16 1.32
CA GLY A 109 32.40 7.53 2.15
C GLY A 109 32.90 6.36 2.98
N PRO A 110 34.01 6.58 3.70
CA PRO A 110 34.62 5.54 4.54
C PRO A 110 33.78 5.21 5.76
N SER A 111 33.36 3.95 5.85
CA SER A 111 32.54 3.50 6.98
C SER A 111 33.39 3.27 8.22
N SER A 112 32.77 3.37 9.38
CA SER A 112 33.47 3.17 10.64
C SER A 112 33.03 1.87 11.32
N GLY A 113 32.68 0.89 10.50
CA GLY A 113 32.25 -0.40 11.03
C GLY A 113 31.13 -1.01 10.21
N GLY A 1 -38.35 -11.35 31.11
CA GLY A 1 -37.64 -12.62 31.23
C GLY A 1 -37.15 -12.87 32.64
N SER A 2 -35.97 -12.33 32.96
CA SER A 2 -35.38 -12.50 34.28
C SER A 2 -35.24 -13.98 34.62
N SER A 3 -34.75 -14.76 33.66
CA SER A 3 -34.58 -16.19 33.86
C SER A 3 -33.69 -16.78 32.77
N GLY A 4 -32.80 -17.69 33.16
CA GLY A 4 -31.91 -18.31 32.20
C GLY A 4 -32.65 -19.14 31.16
N SER A 5 -32.91 -18.53 30.01
CA SER A 5 -33.63 -19.22 28.94
C SER A 5 -33.23 -18.67 27.58
N SER A 6 -33.61 -19.37 26.52
CA SER A 6 -33.28 -18.95 25.16
C SER A 6 -34.09 -17.72 24.77
N GLY A 7 -34.03 -17.36 23.49
CA GLY A 7 -34.75 -16.19 23.01
C GLY A 7 -35.10 -16.29 21.55
N ARG A 8 -35.66 -15.22 20.99
CA ARG A 8 -36.04 -15.19 19.58
C ARG A 8 -35.17 -14.20 18.81
N THR A 9 -35.38 -14.14 17.50
CA THR A 9 -34.62 -13.24 16.64
C THR A 9 -34.74 -11.80 17.12
N SER A 10 -33.91 -10.92 16.56
CA SER A 10 -33.93 -9.51 16.93
C SER A 10 -34.14 -8.63 15.71
N ALA A 11 -33.32 -8.85 14.67
CA ALA A 11 -33.41 -8.08 13.44
C ALA A 11 -32.54 -8.70 12.35
N MET A 12 -32.69 -8.19 11.13
CA MET A 12 -31.93 -8.69 9.99
C MET A 12 -31.09 -7.57 9.37
N LEU A 13 -30.03 -7.18 10.07
CA LEU A 13 -29.15 -6.12 9.58
C LEU A 13 -28.60 -6.47 8.20
N THR A 14 -28.11 -5.45 7.50
CA THR A 14 -27.55 -5.64 6.17
C THR A 14 -28.59 -6.21 5.21
N VAL A 15 -29.21 -5.33 4.42
CA VAL A 15 -30.22 -5.75 3.46
C VAL A 15 -29.64 -6.70 2.42
N ARG A 16 -28.77 -6.17 1.57
CA ARG A 16 -28.14 -6.98 0.53
C ARG A 16 -26.62 -6.84 0.57
N ALA A 17 -26.13 -5.62 0.39
CA ALA A 17 -24.69 -5.36 0.42
C ALA A 17 -24.42 -3.90 0.76
N LEU A 18 -23.16 -3.50 0.62
CA LEU A 18 -22.75 -2.13 0.91
C LEU A 18 -21.48 -1.76 0.16
N PRO A 19 -21.25 -0.45 -0.02
CA PRO A 19 -20.08 0.07 -0.73
C PRO A 19 -18.79 -0.16 0.06
N ILE A 20 -17.66 0.23 -0.53
CA ILE A 20 -16.36 0.07 0.12
C ILE A 20 -15.59 1.39 0.11
N LYS A 21 -14.85 1.64 1.18
CA LYS A 21 -14.06 2.86 1.30
C LYS A 21 -12.66 2.55 1.82
N PHE A 22 -11.85 3.59 2.00
CA PHE A 22 -10.49 3.43 2.50
C PHE A 22 -10.40 3.85 3.97
N THR A 23 -10.14 2.87 4.84
CA THR A 23 -10.04 3.15 6.27
C THR A 23 -8.67 3.72 6.62
N GLU A 24 -7.67 3.38 5.81
CA GLU A 24 -6.31 3.86 6.04
C GLU A 24 -5.53 3.95 4.73
N GLY A 25 -5.85 4.97 3.93
CA GLY A 25 -5.18 5.15 2.65
C GLY A 25 -3.66 5.18 2.79
N LEU A 26 -2.97 5.15 1.66
CA LEU A 26 -1.51 5.17 1.66
C LEU A 26 -0.98 6.40 2.39
N ARG A 27 0.25 6.31 2.89
CA ARG A 27 0.87 7.41 3.61
C ARG A 27 2.29 7.67 3.09
N ASN A 28 2.77 8.88 3.30
CA ASN A 28 4.11 9.27 2.86
C ASN A 28 5.15 8.30 3.40
N GLU A 29 5.73 7.51 2.51
CA GLU A 29 6.76 6.54 2.89
C GLU A 29 8.12 6.94 2.34
N GLU A 30 9.13 6.93 3.21
CA GLU A 30 10.49 7.29 2.82
C GLU A 30 11.44 6.11 3.01
N ALA A 31 12.29 5.88 2.02
CA ALA A 31 13.27 4.79 2.08
C ALA A 31 14.64 5.24 1.61
N THR A 32 15.64 4.40 1.81
CA THR A 32 17.01 4.72 1.41
C THR A 32 17.37 4.00 0.11
N GLU A 33 18.31 4.59 -0.63
CA GLU A 33 18.75 3.99 -1.89
C GLU A 33 19.31 2.59 -1.67
N GLY A 34 18.83 1.64 -2.46
CA GLY A 34 19.28 0.27 -2.34
C GLY A 34 18.40 -0.56 -1.42
N ALA A 35 17.70 0.12 -0.52
CA ALA A 35 16.82 -0.56 0.42
C ALA A 35 15.57 -1.09 -0.28
N THR A 36 14.63 -1.62 0.50
CA THR A 36 13.39 -2.16 -0.05
C THR A 36 12.18 -1.42 0.51
N ALA A 37 11.40 -0.82 -0.38
CA ALA A 37 10.21 -0.09 0.02
C ALA A 37 8.96 -0.96 -0.11
N VAL A 38 8.15 -0.98 0.95
CA VAL A 38 6.92 -1.76 0.95
C VAL A 38 5.78 -0.99 1.59
N LEU A 39 4.88 -0.47 0.76
CA LEU A 39 3.73 0.28 1.25
C LEU A 39 2.59 -0.65 1.63
N ARG A 40 1.75 -0.20 2.56
CA ARG A 40 0.62 -0.99 3.02
C ARG A 40 -0.58 -0.09 3.34
N CYS A 41 -1.78 -0.57 3.00
CA CYS A 41 -2.99 0.19 3.25
C CYS A 41 -4.10 -0.72 3.81
N GLU A 42 -5.18 -0.10 4.28
CA GLU A 42 -6.30 -0.85 4.83
C GLU A 42 -7.62 -0.40 4.22
N LEU A 43 -8.48 -1.35 3.90
CA LEU A 43 -9.77 -1.04 3.30
C LEU A 43 -10.90 -1.40 4.27
N SER A 44 -12.13 -1.05 3.88
CA SER A 44 -13.30 -1.33 4.71
C SER A 44 -13.75 -2.78 4.55
N LYS A 45 -13.52 -3.33 3.36
CA LYS A 45 -13.90 -4.71 3.07
C LYS A 45 -12.97 -5.32 2.02
N MET A 46 -12.77 -6.63 2.11
CA MET A 46 -11.91 -7.34 1.17
C MET A 46 -12.34 -7.08 -0.27
N ALA A 47 -11.39 -6.70 -1.11
CA ALA A 47 -11.67 -6.42 -2.51
C ALA A 47 -10.38 -6.22 -3.31
N PRO A 48 -10.48 -6.37 -4.63
CA PRO A 48 -9.34 -6.21 -5.54
C PRO A 48 -8.86 -4.77 -5.62
N VAL A 49 -7.56 -4.60 -5.83
CA VAL A 49 -6.98 -3.26 -5.94
C VAL A 49 -5.95 -3.20 -7.07
N GLU A 50 -5.66 -1.99 -7.53
CA GLU A 50 -4.71 -1.78 -8.61
C GLU A 50 -3.76 -0.63 -8.30
N TRP A 51 -2.46 -0.90 -8.38
CA TRP A 51 -1.46 0.12 -8.10
C TRP A 51 -1.07 0.87 -9.38
N TRP A 52 -1.22 2.19 -9.35
CA TRP A 52 -0.88 3.02 -10.50
C TRP A 52 0.33 3.90 -10.21
N LYS A 53 0.96 4.39 -11.26
CA LYS A 53 2.13 5.26 -11.12
C LYS A 53 2.11 6.38 -12.15
N GLY A 54 1.59 7.54 -11.77
CA GLY A 54 1.53 8.66 -12.67
C GLY A 54 0.55 8.45 -13.80
N HIS A 55 1.02 7.84 -14.89
CA HIS A 55 0.17 7.58 -16.04
C HIS A 55 0.41 6.17 -16.58
N GLU A 56 0.57 5.21 -15.68
CA GLU A 56 0.82 3.82 -16.07
C GLU A 56 0.58 2.88 -14.89
N THR A 57 0.06 1.70 -15.19
CA THR A 57 -0.23 0.71 -14.16
C THR A 57 1.03 -0.05 -13.76
N LEU A 58 0.98 -0.71 -12.61
CA LEU A 58 2.12 -1.47 -12.12
C LEU A 58 1.83 -2.97 -12.15
N ARG A 59 2.77 -3.75 -12.69
CA ARG A 59 2.61 -5.19 -12.77
C ARG A 59 3.23 -5.88 -11.56
N ASP A 60 3.10 -7.20 -11.51
CA ASP A 60 3.65 -7.98 -10.40
C ASP A 60 4.73 -8.93 -10.90
N GLY A 61 5.87 -8.92 -10.23
CA GLY A 61 6.97 -9.79 -10.60
C GLY A 61 8.13 -9.02 -11.21
N ASP A 62 9.16 -9.75 -11.65
CA ASP A 62 10.33 -9.13 -12.25
C ASP A 62 11.13 -8.35 -11.22
N ARG A 63 10.62 -7.17 -10.85
CA ARG A 63 11.28 -6.33 -9.87
C ARG A 63 10.29 -5.82 -8.83
N HIS A 64 9.06 -6.34 -8.88
CA HIS A 64 8.03 -5.94 -7.94
C HIS A 64 7.37 -7.16 -7.31
N SER A 65 6.66 -6.95 -6.20
CA SER A 65 5.99 -8.03 -5.50
C SER A 65 4.67 -7.55 -4.90
N LEU A 66 3.57 -7.97 -5.50
CA LEU A 66 2.24 -7.59 -5.03
C LEU A 66 1.68 -8.64 -4.08
N ARG A 67 1.37 -8.21 -2.85
CA ARG A 67 0.83 -9.12 -1.85
C ARG A 67 -0.47 -8.57 -1.27
N GLN A 68 -1.40 -9.46 -0.97
CA GLN A 68 -2.69 -9.06 -0.41
C GLN A 68 -3.16 -10.06 0.64
N ASP A 69 -3.77 -9.54 1.71
CA ASP A 69 -4.27 -10.39 2.79
C ASP A 69 -5.57 -9.82 3.37
N GLY A 70 -6.68 -10.13 2.71
CA GLY A 70 -7.96 -9.65 3.17
C GLY A 70 -8.19 -8.18 2.85
N ALA A 71 -8.34 -7.37 3.89
CA ALA A 71 -8.55 -5.94 3.70
C ALA A 71 -7.26 -5.16 3.91
N ARG A 72 -6.13 -5.81 3.68
CA ARG A 72 -4.83 -5.18 3.84
C ARG A 72 -3.93 -5.47 2.64
N CYS A 73 -3.83 -4.48 1.74
CA CYS A 73 -3.01 -4.64 0.54
C CYS A 73 -1.63 -4.02 0.75
N GLU A 74 -0.67 -4.42 -0.07
CA GLU A 74 0.69 -3.92 0.02
C GLU A 74 1.46 -4.15 -1.27
N LEU A 75 2.48 -3.34 -1.50
CA LEU A 75 3.29 -3.45 -2.71
C LEU A 75 4.77 -3.37 -2.39
N GLN A 76 5.50 -4.44 -2.65
CA GLN A 76 6.93 -4.49 -2.38
C GLN A 76 7.73 -4.18 -3.65
N ILE A 77 8.87 -3.52 -3.47
CA ILE A 77 9.73 -3.17 -4.60
C ILE A 77 11.20 -3.39 -4.26
N ARG A 78 11.80 -4.38 -4.91
CA ARG A 78 13.21 -4.70 -4.67
C ARG A 78 14.09 -4.03 -5.72
N GLY A 79 15.17 -3.40 -5.26
CA GLY A 79 16.09 -2.73 -6.17
C GLY A 79 15.80 -1.26 -6.28
N LEU A 80 15.76 -0.57 -5.14
CA LEU A 80 15.49 0.87 -5.12
C LEU A 80 16.56 1.63 -5.88
N VAL A 81 16.28 2.90 -6.18
CA VAL A 81 17.22 3.74 -6.90
C VAL A 81 16.87 5.22 -6.75
N ALA A 82 15.85 5.65 -7.49
CA ALA A 82 15.42 7.04 -7.43
C ALA A 82 14.24 7.27 -8.37
N GLU A 83 14.23 6.57 -9.50
CA GLU A 83 13.16 6.70 -10.48
C GLU A 83 11.87 6.07 -9.96
N ASP A 84 12.01 5.08 -9.10
CA ASP A 84 10.85 4.39 -8.52
C ASP A 84 9.98 5.36 -7.73
N ALA A 85 10.61 6.37 -7.15
CA ALA A 85 9.89 7.35 -6.36
C ALA A 85 8.90 8.14 -7.23
N GLY A 86 7.91 8.74 -6.59
CA GLY A 86 6.91 9.50 -7.32
C GLY A 86 5.56 9.52 -6.61
N GLU A 87 4.49 9.35 -7.39
CA GLU A 87 3.14 9.35 -6.84
C GLU A 87 2.47 8.00 -7.06
N TYR A 88 2.35 7.22 -5.99
CA TYR A 88 1.73 5.90 -6.07
C TYR A 88 0.24 5.99 -5.75
N LEU A 89 -0.57 5.33 -6.58
CA LEU A 89 -2.02 5.33 -6.40
C LEU A 89 -2.51 3.95 -6.00
N CYS A 90 -3.79 3.86 -5.64
CA CYS A 90 -4.39 2.60 -5.25
C CYS A 90 -5.91 2.69 -5.23
N MET A 91 -6.53 2.31 -6.34
CA MET A 91 -7.99 2.36 -6.46
C MET A 91 -8.60 1.02 -6.08
N CYS A 92 -9.69 1.06 -5.32
CA CYS A 92 -10.38 -0.16 -4.90
C CYS A 92 -11.88 -0.06 -5.16
N GLY A 93 -12.32 -0.58 -6.30
CA GLY A 93 -13.73 -0.53 -6.65
C GLY A 93 -14.17 0.85 -7.09
N LYS A 94 -14.40 1.73 -6.13
CA LYS A 94 -14.83 3.09 -6.43
C LYS A 94 -13.85 4.12 -5.84
N GLU A 95 -13.60 4.01 -4.54
CA GLU A 95 -12.68 4.92 -3.87
C GLU A 95 -11.26 4.77 -4.40
N ARG A 96 -10.36 5.60 -3.90
CA ARG A 96 -8.97 5.57 -4.33
C ARG A 96 -8.09 6.40 -3.41
N THR A 97 -6.80 6.12 -3.42
CA THR A 97 -5.84 6.85 -2.59
C THR A 97 -4.52 7.05 -3.29
N SER A 98 -3.83 8.14 -2.96
CA SER A 98 -2.54 8.44 -3.58
C SER A 98 -1.54 8.92 -2.54
N ALA A 99 -0.34 8.35 -2.56
CA ALA A 99 0.71 8.71 -1.62
C ALA A 99 1.99 9.11 -2.35
N MET A 100 2.97 9.59 -1.59
CA MET A 100 4.24 10.01 -2.16
C MET A 100 5.39 9.23 -1.55
N LEU A 101 6.15 8.53 -2.41
CA LEU A 101 7.29 7.75 -1.95
C LEU A 101 8.59 8.51 -2.13
N THR A 102 9.47 8.41 -1.14
CA THR A 102 10.76 9.10 -1.19
C THR A 102 11.91 8.10 -1.15
N VAL A 103 12.96 8.37 -1.92
CA VAL A 103 14.12 7.50 -1.97
C VAL A 103 15.41 8.30 -1.81
N ARG A 104 16.01 8.21 -0.63
CA ARG A 104 17.25 8.92 -0.34
C ARG A 104 18.42 8.32 -1.12
N ALA A 105 19.62 8.83 -0.86
CA ALA A 105 20.82 8.33 -1.53
C ALA A 105 21.67 7.49 -0.58
N MET A 106 22.32 6.47 -1.12
CA MET A 106 23.17 5.60 -0.32
C MET A 106 24.23 6.41 0.43
N PRO A 107 24.80 5.81 1.47
CA PRO A 107 25.84 6.45 2.29
C PRO A 107 27.16 6.62 1.54
N SER A 108 27.56 7.87 1.32
CA SER A 108 28.80 8.15 0.61
C SER A 108 30.00 7.56 1.35
N GLY A 109 30.10 7.87 2.64
CA GLY A 109 31.20 7.36 3.44
C GLY A 109 31.86 8.46 4.26
N PRO A 110 32.97 8.09 4.93
CA PRO A 110 33.73 9.04 5.77
C PRO A 110 34.45 10.10 4.94
N SER A 111 34.89 11.16 5.61
CA SER A 111 35.59 12.25 4.93
C SER A 111 36.66 12.85 5.84
N SER A 112 37.75 12.12 6.02
CA SER A 112 38.85 12.58 6.87
C SER A 112 38.34 12.94 8.26
N GLY A 113 37.76 11.97 8.94
CA GLY A 113 37.24 12.20 10.28
C GLY A 113 37.30 10.96 11.15
N GLY A 1 -44.20 31.84 13.69
CA GLY A 1 -44.46 30.44 13.37
C GLY A 1 -44.90 30.26 11.93
N SER A 2 -44.08 29.56 11.16
CA SER A 2 -44.38 29.31 9.75
C SER A 2 -44.71 27.84 9.52
N SER A 3 -45.99 27.53 9.34
CA SER A 3 -46.44 26.17 9.10
C SER A 3 -47.11 26.03 7.75
N GLY A 4 -47.71 24.87 7.50
CA GLY A 4 -48.38 24.64 6.23
C GLY A 4 -47.49 23.91 5.24
N SER A 5 -47.01 22.73 5.63
CA SER A 5 -46.15 21.93 4.77
C SER A 5 -46.70 20.51 4.61
N SER A 6 -46.46 19.92 3.45
CA SER A 6 -46.93 18.57 3.16
C SER A 6 -46.28 18.02 1.89
N GLY A 7 -46.07 16.71 1.86
CA GLY A 7 -45.47 16.08 0.71
C GLY A 7 -45.64 14.57 0.70
N ARG A 8 -44.56 13.85 0.40
CA ARG A 8 -44.61 12.40 0.35
C ARG A 8 -43.20 11.82 0.30
N THR A 9 -43.10 10.50 0.45
CA THR A 9 -41.81 9.82 0.43
C THR A 9 -41.84 8.63 -0.54
N SER A 10 -40.83 8.56 -1.40
CA SER A 10 -40.74 7.48 -2.38
C SER A 10 -39.29 7.07 -2.59
N ALA A 11 -38.51 7.08 -1.51
CA ALA A 11 -37.11 6.70 -1.58
C ALA A 11 -36.85 5.44 -0.76
N MET A 12 -35.90 4.63 -1.22
CA MET A 12 -35.56 3.38 -0.55
C MET A 12 -34.44 2.65 -1.28
N LEU A 13 -34.45 2.75 -2.61
CA LEU A 13 -33.43 2.09 -3.42
C LEU A 13 -33.43 0.58 -3.19
N THR A 14 -32.53 -0.11 -3.87
CA THR A 14 -32.42 -1.56 -3.73
C THR A 14 -31.16 -1.95 -2.96
N VAL A 15 -31.26 -3.00 -2.17
CA VAL A 15 -30.13 -3.48 -1.38
C VAL A 15 -29.58 -4.79 -1.94
N ARG A 16 -28.26 -4.91 -1.96
CA ARG A 16 -27.61 -6.11 -2.47
C ARG A 16 -26.10 -6.05 -2.27
N ALA A 17 -25.54 -4.85 -2.43
CA ALA A 17 -24.11 -4.65 -2.27
C ALA A 17 -23.81 -3.25 -1.75
N LEU A 18 -23.27 -3.17 -0.55
CA LEU A 18 -22.93 -1.90 0.07
C LEU A 18 -21.63 -1.34 -0.50
N PRO A 19 -21.42 -0.02 -0.36
CA PRO A 19 -20.22 0.65 -0.86
C PRO A 19 -18.98 0.28 -0.05
N ILE A 20 -17.81 0.63 -0.58
CA ILE A 20 -16.55 0.33 0.08
C ILE A 20 -15.65 1.55 0.13
N LYS A 21 -15.09 1.84 1.30
CA LYS A 21 -14.21 2.98 1.48
C LYS A 21 -12.83 2.53 1.98
N PHE A 22 -11.98 3.51 2.30
CA PHE A 22 -10.64 3.22 2.79
C PHE A 22 -10.53 3.50 4.28
N THR A 23 -10.13 2.48 5.04
CA THR A 23 -9.99 2.63 6.48
C THR A 23 -8.63 3.21 6.86
N GLU A 24 -7.61 2.82 6.10
CA GLU A 24 -6.25 3.31 6.35
C GLU A 24 -5.52 3.56 5.03
N GLY A 25 -5.86 4.68 4.38
CA GLY A 25 -5.21 5.02 3.12
C GLY A 25 -3.71 5.04 3.21
N LEU A 26 -3.04 5.00 2.06
CA LEU A 26 -1.59 5.01 2.02
C LEU A 26 -1.03 6.27 2.69
N ARG A 27 0.20 6.17 3.19
CA ARG A 27 0.86 7.30 3.85
C ARG A 27 2.22 7.57 3.24
N ASN A 28 2.63 8.84 3.25
CA ASN A 28 3.91 9.24 2.69
C ASN A 28 5.04 8.43 3.32
N GLU A 29 5.72 7.64 2.50
CA GLU A 29 6.84 6.83 2.98
C GLU A 29 8.16 7.30 2.40
N GLU A 30 9.26 6.87 2.99
CA GLU A 30 10.59 7.25 2.53
C GLU A 30 11.60 6.12 2.77
N ALA A 31 12.47 5.90 1.79
CA ALA A 31 13.48 4.85 1.89
C ALA A 31 14.82 5.34 1.36
N THR A 32 15.86 4.54 1.56
CA THR A 32 17.21 4.89 1.11
C THR A 32 17.59 4.08 -0.13
N GLU A 33 18.46 4.65 -0.95
CA GLU A 33 18.91 3.99 -2.17
C GLU A 33 19.50 2.62 -1.85
N GLY A 34 19.04 1.60 -2.57
CA GLY A 34 19.55 0.25 -2.35
C GLY A 34 18.67 -0.54 -1.40
N ALA A 35 17.97 0.16 -0.52
CA ALA A 35 17.09 -0.49 0.45
C ALA A 35 15.83 -1.03 -0.22
N THR A 36 14.88 -1.48 0.59
CA THR A 36 13.63 -2.03 0.08
C THR A 36 12.43 -1.27 0.62
N ALA A 37 11.71 -0.59 -0.26
CA ALA A 37 10.53 0.17 0.13
C ALA A 37 9.26 -0.65 -0.06
N VAL A 38 8.43 -0.70 0.97
CA VAL A 38 7.17 -1.44 0.90
C VAL A 38 6.02 -0.64 1.51
N LEU A 39 4.97 -0.44 0.73
CA LEU A 39 3.82 0.32 1.20
C LEU A 39 2.71 -0.63 1.67
N ARG A 40 2.01 -0.23 2.73
CA ARG A 40 0.93 -1.03 3.27
C ARG A 40 -0.32 -0.19 3.51
N CYS A 41 -1.48 -0.77 3.25
CA CYS A 41 -2.75 -0.06 3.44
C CYS A 41 -3.88 -1.05 3.72
N GLU A 42 -4.89 -0.58 4.44
CA GLU A 42 -6.04 -1.42 4.79
C GLU A 42 -7.31 -0.92 4.12
N LEU A 43 -8.27 -1.81 3.95
CA LEU A 43 -9.54 -1.45 3.32
C LEU A 43 -10.72 -1.80 4.22
N SER A 44 -11.90 -1.32 3.86
CA SER A 44 -13.11 -1.58 4.64
C SER A 44 -13.64 -2.98 4.37
N LYS A 45 -13.52 -3.42 3.12
CA LYS A 45 -13.98 -4.75 2.73
C LYS A 45 -13.12 -5.31 1.59
N MET A 46 -12.89 -6.62 1.64
CA MET A 46 -12.08 -7.28 0.61
C MET A 46 -12.61 -6.95 -0.79
N ALA A 47 -11.73 -6.43 -1.64
CA ALA A 47 -12.10 -6.08 -3.00
C ALA A 47 -10.86 -5.92 -3.88
N PRO A 48 -11.07 -6.00 -5.20
CA PRO A 48 -9.99 -5.88 -6.18
C PRO A 48 -9.43 -4.47 -6.25
N VAL A 49 -8.11 -4.35 -6.13
CA VAL A 49 -7.45 -3.05 -6.18
C VAL A 49 -6.46 -2.99 -7.35
N GLU A 50 -6.01 -1.77 -7.66
CA GLU A 50 -5.07 -1.57 -8.75
C GLU A 50 -4.05 -0.50 -8.40
N TRP A 51 -2.77 -0.86 -8.49
CA TRP A 51 -1.69 0.08 -8.17
C TRP A 51 -1.25 0.85 -9.42
N TRP A 52 -1.34 2.17 -9.36
CA TRP A 52 -0.96 3.02 -10.48
C TRP A 52 0.20 3.93 -10.11
N LYS A 53 0.90 4.44 -11.11
CA LYS A 53 2.04 5.33 -10.88
C LYS A 53 1.99 6.53 -11.81
N GLY A 54 1.39 7.62 -11.34
CA GLY A 54 1.29 8.82 -12.14
C GLY A 54 0.23 8.70 -13.22
N HIS A 55 0.53 7.93 -14.27
CA HIS A 55 -0.40 7.75 -15.37
C HIS A 55 -0.15 6.41 -16.07
N GLU A 56 0.24 5.41 -15.29
CA GLU A 56 0.50 4.07 -15.83
C GLU A 56 0.31 3.00 -14.75
N THR A 57 -0.11 1.82 -15.19
CA THR A 57 -0.33 0.72 -14.27
C THR A 57 0.97 -0.02 -13.96
N LEU A 58 1.04 -0.64 -12.78
CA LEU A 58 2.23 -1.37 -12.37
C LEU A 58 2.00 -2.87 -12.48
N ARG A 59 3.09 -3.63 -12.44
CA ARG A 59 3.02 -5.09 -12.54
C ARG A 59 3.57 -5.75 -11.28
N ASP A 60 3.37 -7.06 -11.17
CA ASP A 60 3.85 -7.82 -10.03
C ASP A 60 4.85 -8.87 -10.46
N GLY A 61 6.07 -8.78 -9.94
CA GLY A 61 7.11 -9.73 -10.28
C GLY A 61 8.40 -9.07 -10.71
N ASP A 62 9.43 -9.88 -10.96
CA ASP A 62 10.73 -9.36 -11.38
C ASP A 62 11.41 -8.61 -10.24
N ARG A 63 10.93 -7.39 -9.97
CA ARG A 63 11.50 -6.57 -8.90
C ARG A 63 10.40 -5.99 -8.03
N HIS A 64 9.16 -6.42 -8.27
CA HIS A 64 8.02 -5.94 -7.50
C HIS A 64 7.28 -7.11 -6.84
N SER A 65 6.82 -6.90 -5.61
CA SER A 65 6.10 -7.93 -4.88
C SER A 65 4.72 -7.43 -4.44
N LEU A 66 3.69 -7.91 -5.12
CA LEU A 66 2.32 -7.53 -4.80
C LEU A 66 1.62 -8.59 -3.96
N ARG A 67 1.32 -8.25 -2.72
CA ARG A 67 0.64 -9.17 -1.81
C ARG A 67 -0.66 -8.58 -1.30
N GLN A 68 -1.71 -9.41 -1.28
CA GLN A 68 -3.01 -8.97 -0.82
C GLN A 68 -3.67 -10.02 0.06
N ASP A 69 -3.88 -9.69 1.33
CA ASP A 69 -4.49 -10.61 2.28
C ASP A 69 -5.83 -10.06 2.79
N GLY A 70 -6.89 -10.30 2.02
CA GLY A 70 -8.20 -9.82 2.42
C GLY A 70 -8.34 -8.32 2.27
N ALA A 71 -8.33 -7.62 3.39
CA ALA A 71 -8.45 -6.16 3.39
C ALA A 71 -7.12 -5.50 3.73
N ARG A 72 -6.03 -6.18 3.41
CA ARG A 72 -4.70 -5.65 3.69
C ARG A 72 -3.77 -5.87 2.49
N CYS A 73 -3.47 -4.78 1.78
CA CYS A 73 -2.60 -4.84 0.62
C CYS A 73 -1.17 -4.45 0.99
N GLU A 74 -0.21 -4.95 0.21
CA GLU A 74 1.20 -4.66 0.46
C GLU A 74 2.00 -4.72 -0.84
N LEU A 75 2.67 -3.63 -1.17
CA LEU A 75 3.47 -3.56 -2.39
C LEU A 75 4.95 -3.31 -2.05
N GLN A 76 5.77 -4.35 -2.23
CA GLN A 76 7.20 -4.23 -1.95
C GLN A 76 7.99 -4.03 -3.24
N ILE A 77 9.07 -3.28 -3.14
CA ILE A 77 9.92 -3.00 -4.30
C ILE A 77 11.39 -3.29 -3.98
N ARG A 78 11.88 -4.41 -4.50
CA ARG A 78 13.26 -4.79 -4.28
C ARG A 78 14.19 -4.18 -5.32
N GLY A 79 15.27 -3.55 -4.86
CA GLY A 79 16.21 -2.93 -5.77
C GLY A 79 15.91 -1.46 -6.00
N LEU A 80 15.85 -0.70 -4.90
CA LEU A 80 15.57 0.73 -4.98
C LEU A 80 16.58 1.44 -5.87
N VAL A 81 16.27 2.68 -6.22
CA VAL A 81 17.15 3.47 -7.09
C VAL A 81 16.81 4.96 -7.01
N ALA A 82 15.73 5.34 -7.69
CA ALA A 82 15.30 6.73 -7.70
C ALA A 82 14.04 6.91 -8.55
N GLU A 83 13.95 6.12 -9.62
CA GLU A 83 12.80 6.19 -10.52
C GLU A 83 11.54 5.69 -9.83
N ASP A 84 11.72 4.81 -8.85
CA ASP A 84 10.59 4.25 -8.11
C ASP A 84 9.82 5.34 -7.39
N ALA A 85 10.54 6.36 -6.94
CA ALA A 85 9.91 7.49 -6.24
C ALA A 85 8.87 8.18 -7.12
N GLY A 86 7.76 8.58 -6.51
CA GLY A 86 6.71 9.25 -7.25
C GLY A 86 5.40 9.27 -6.50
N GLU A 87 4.29 9.12 -7.24
CA GLU A 87 2.96 9.12 -6.64
C GLU A 87 2.26 7.78 -6.86
N TYR A 88 2.24 6.95 -5.82
CA TYR A 88 1.60 5.65 -5.91
C TYR A 88 0.10 5.74 -5.61
N LEU A 89 -0.70 5.27 -6.55
CA LEU A 89 -2.16 5.31 -6.39
C LEU A 89 -2.70 3.92 -6.07
N CYS A 90 -3.92 3.88 -5.53
CA CYS A 90 -4.56 2.62 -5.18
C CYS A 90 -6.07 2.74 -5.23
N MET A 91 -6.65 2.49 -6.40
CA MET A 91 -8.09 2.58 -6.58
C MET A 91 -8.76 1.26 -6.20
N CYS A 92 -9.86 1.35 -5.46
CA CYS A 92 -10.60 0.18 -5.04
C CYS A 92 -12.09 0.34 -5.27
N GLY A 93 -12.56 -0.09 -6.43
CA GLY A 93 -13.97 0.03 -6.77
C GLY A 93 -14.37 1.45 -7.08
N LYS A 94 -14.59 2.25 -6.03
CA LYS A 94 -14.98 3.64 -6.19
C LYS A 94 -13.97 4.57 -5.52
N GLU A 95 -13.66 4.29 -4.26
CA GLU A 95 -12.71 5.11 -3.52
C GLU A 95 -11.28 4.83 -3.97
N ARG A 96 -10.39 5.79 -3.72
CA ARG A 96 -8.99 5.65 -4.10
C ARG A 96 -8.09 6.48 -3.20
N THR A 97 -6.82 6.10 -3.12
CA THR A 97 -5.86 6.81 -2.28
C THR A 97 -4.51 6.96 -2.99
N SER A 98 -3.78 8.00 -2.65
CA SER A 98 -2.47 8.25 -3.27
C SER A 98 -1.43 8.59 -2.20
N ALA A 99 -0.19 8.16 -2.43
CA ALA A 99 0.89 8.41 -1.49
C ALA A 99 2.13 8.92 -2.21
N MET A 100 3.08 9.44 -1.44
CA MET A 100 4.32 9.97 -2.01
C MET A 100 5.51 9.11 -1.60
N LEU A 101 6.11 8.43 -2.56
CA LEU A 101 7.26 7.57 -2.31
C LEU A 101 8.57 8.30 -2.61
N THR A 102 9.41 8.43 -1.59
CA THR A 102 10.70 9.11 -1.74
C THR A 102 11.85 8.13 -1.61
N VAL A 103 12.91 8.35 -2.39
CA VAL A 103 14.08 7.49 -2.35
C VAL A 103 15.36 8.31 -2.23
N ARG A 104 15.98 8.26 -1.05
CA ARG A 104 17.22 8.99 -0.81
C ARG A 104 18.38 8.39 -1.60
N ALA A 105 19.55 8.99 -1.45
CA ALA A 105 20.74 8.51 -2.14
C ALA A 105 21.69 7.79 -1.18
N MET A 106 22.36 6.76 -1.68
CA MET A 106 23.29 5.99 -0.87
C MET A 106 24.30 6.90 -0.19
N PRO A 107 24.93 6.39 0.88
CA PRO A 107 25.94 7.15 1.64
C PRO A 107 27.22 7.37 0.85
N SER A 108 27.32 6.73 -0.30
CA SER A 108 28.50 6.86 -1.14
C SER A 108 28.27 6.18 -2.50
N GLY A 109 27.65 5.01 -2.47
CA GLY A 109 27.39 4.28 -3.70
C GLY A 109 27.77 2.82 -3.61
N PRO A 110 27.72 2.11 -4.75
CA PRO A 110 28.06 0.69 -4.82
C PRO A 110 29.55 0.44 -4.61
N SER A 111 29.95 0.24 -3.36
CA SER A 111 31.35 -0.01 -3.02
C SER A 111 31.46 -0.87 -1.77
N SER A 112 31.00 -2.12 -1.88
CA SER A 112 31.05 -3.04 -0.76
C SER A 112 31.99 -4.21 -1.05
N GLY A 113 32.92 -4.46 -0.13
CA GLY A 113 33.87 -5.54 -0.32
C GLY A 113 34.51 -5.99 0.99
N GLY A 1 -8.15 9.33 30.90
CA GLY A 1 -8.92 9.64 29.72
C GLY A 1 -10.01 8.62 29.45
N SER A 2 -9.61 7.35 29.33
CA SER A 2 -10.57 6.28 29.07
C SER A 2 -11.45 6.61 27.86
N SER A 3 -10.88 6.45 26.66
CA SER A 3 -11.60 6.74 25.43
C SER A 3 -10.98 6.00 24.26
N GLY A 4 -11.73 5.07 23.68
CA GLY A 4 -11.24 4.31 22.55
C GLY A 4 -12.36 3.83 21.64
N SER A 5 -11.99 3.32 20.47
CA SER A 5 -12.96 2.83 19.51
C SER A 5 -13.88 3.96 19.04
N SER A 6 -14.87 3.61 18.22
CA SER A 6 -15.81 4.59 17.70
C SER A 6 -17.01 3.91 17.06
N GLY A 7 -16.76 3.19 15.97
CA GLY A 7 -17.83 2.49 15.27
C GLY A 7 -17.50 1.03 15.01
N ARG A 8 -17.52 0.23 16.07
CA ARG A 8 -17.23 -1.20 15.95
C ARG A 8 -18.51 -2.02 15.92
N THR A 9 -18.96 -2.36 14.72
CA THR A 9 -20.17 -3.15 14.55
C THR A 9 -19.88 -4.47 13.85
N SER A 10 -18.78 -5.09 14.24
CA SER A 10 -18.38 -6.37 13.65
C SER A 10 -19.27 -7.50 14.16
N ALA A 11 -20.15 -7.99 13.29
CA ALA A 11 -21.06 -9.07 13.66
C ALA A 11 -21.61 -9.76 12.42
N MET A 12 -21.24 -11.02 12.23
CA MET A 12 -21.70 -11.79 11.07
C MET A 12 -21.23 -11.16 9.77
N LEU A 13 -21.49 -11.85 8.66
CA LEU A 13 -21.09 -11.35 7.35
C LEU A 13 -22.26 -11.36 6.38
N THR A 14 -23.18 -10.40 6.54
CA THR A 14 -24.34 -10.31 5.68
C THR A 14 -24.52 -8.89 5.15
N VAL A 15 -24.47 -8.75 3.82
CA VAL A 15 -24.63 -7.44 3.20
C VAL A 15 -24.95 -7.58 1.71
N ARG A 16 -25.90 -6.79 1.24
CA ARG A 16 -26.31 -6.82 -0.16
C ARG A 16 -25.19 -6.31 -1.06
N ALA A 17 -24.88 -5.02 -0.93
CA ALA A 17 -23.83 -4.41 -1.73
C ALA A 17 -23.60 -2.96 -1.32
N LEU A 18 -22.89 -2.76 -0.22
CA LEU A 18 -22.60 -1.43 0.28
C LEU A 18 -21.27 -0.92 -0.25
N PRO A 19 -21.07 0.41 -0.21
CA PRO A 19 -19.84 1.05 -0.68
C PRO A 19 -18.65 0.75 0.22
N ILE A 20 -17.46 0.76 -0.36
CA ILE A 20 -16.24 0.49 0.39
C ILE A 20 -15.41 1.76 0.58
N LYS A 21 -15.00 2.00 1.81
CA LYS A 21 -14.20 3.19 2.13
C LYS A 21 -12.79 2.80 2.54
N PHE A 22 -11.98 3.79 2.88
CA PHE A 22 -10.59 3.54 3.28
C PHE A 22 -10.38 3.92 4.74
N THR A 23 -9.84 2.99 5.52
CA THR A 23 -9.59 3.22 6.94
C THR A 23 -8.17 3.73 7.17
N GLU A 24 -7.22 3.19 6.40
CA GLU A 24 -5.82 3.58 6.53
C GLU A 24 -5.17 3.73 5.15
N GLY A 25 -5.54 4.79 4.44
CA GLY A 25 -4.99 5.02 3.12
C GLY A 25 -3.48 5.16 3.14
N LEU A 26 -2.86 5.04 1.97
CA LEU A 26 -1.41 5.15 1.86
C LEU A 26 -0.92 6.47 2.43
N ARG A 27 0.30 6.48 2.95
CA ARG A 27 0.88 7.68 3.53
C ARG A 27 2.29 7.92 3.00
N ASN A 28 2.75 9.16 3.07
CA ASN A 28 4.07 9.52 2.59
C ASN A 28 5.14 8.63 3.22
N GLU A 29 5.72 7.75 2.41
CA GLU A 29 6.76 6.85 2.89
C GLU A 29 8.14 7.28 2.40
N GLU A 30 9.16 6.96 3.17
CA GLU A 30 10.53 7.32 2.81
C GLU A 30 11.47 6.12 2.97
N ALA A 31 12.30 5.89 1.97
CA ALA A 31 13.25 4.78 2.00
C ALA A 31 14.65 5.25 1.63
N THR A 32 15.63 4.37 1.83
CA THR A 32 17.01 4.70 1.52
C THR A 32 17.48 3.97 0.25
N GLU A 33 18.31 4.65 -0.54
CA GLU A 33 18.81 4.07 -1.78
C GLU A 33 19.46 2.71 -1.52
N GLY A 34 19.03 1.72 -2.29
CA GLY A 34 19.57 0.37 -2.13
C GLY A 34 18.85 -0.41 -1.05
N ALA A 35 17.63 0.01 -0.71
CA ALA A 35 16.85 -0.66 0.31
C ALA A 35 15.56 -1.22 -0.27
N THR A 36 14.67 -1.70 0.61
CA THR A 36 13.41 -2.27 0.18
C THR A 36 12.24 -1.48 0.78
N ALA A 37 11.44 -0.87 -0.09
CA ALA A 37 10.28 -0.10 0.35
C ALA A 37 8.98 -0.81 -0.01
N VAL A 38 7.98 -0.67 0.84
CA VAL A 38 6.67 -1.29 0.62
C VAL A 38 5.55 -0.46 1.21
N LEU A 39 4.58 -0.10 0.38
CA LEU A 39 3.44 0.71 0.83
C LEU A 39 2.24 -0.19 1.15
N ARG A 40 1.85 -0.18 2.41
CA ARG A 40 0.71 -0.99 2.86
C ARG A 40 -0.46 -0.11 3.24
N CYS A 41 -1.67 -0.63 3.08
CA CYS A 41 -2.88 0.11 3.40
C CYS A 41 -3.99 -0.83 3.87
N GLU A 42 -4.95 -0.28 4.62
CA GLU A 42 -6.06 -1.08 5.14
C GLU A 42 -7.37 -0.68 4.46
N LEU A 43 -8.24 -1.66 4.27
CA LEU A 43 -9.54 -1.41 3.64
C LEU A 43 -10.69 -1.81 4.57
N SER A 44 -11.85 -1.23 4.33
CA SER A 44 -13.03 -1.52 5.14
C SER A 44 -13.59 -2.90 4.81
N LYS A 45 -13.39 -3.33 3.57
CA LYS A 45 -13.88 -4.63 3.13
C LYS A 45 -12.98 -5.20 2.03
N MET A 46 -12.82 -6.51 2.03
CA MET A 46 -11.99 -7.19 1.03
C MET A 46 -12.46 -6.84 -0.38
N ALA A 47 -11.51 -6.57 -1.27
CA ALA A 47 -11.83 -6.23 -2.65
C ALA A 47 -10.56 -6.03 -3.47
N PRO A 48 -10.70 -6.11 -4.81
CA PRO A 48 -9.58 -5.95 -5.73
C PRO A 48 -9.08 -4.51 -5.78
N VAL A 49 -7.77 -4.34 -5.92
CA VAL A 49 -7.16 -3.02 -5.98
C VAL A 49 -6.24 -2.88 -7.19
N GLU A 50 -6.06 -1.65 -7.65
CA GLU A 50 -5.20 -1.39 -8.79
C GLU A 50 -4.13 -0.35 -8.46
N TRP A 51 -2.87 -0.71 -8.64
CA TRP A 51 -1.76 0.19 -8.35
C TRP A 51 -1.35 0.95 -9.61
N TRP A 52 -1.35 2.28 -9.51
CA TRP A 52 -0.97 3.13 -10.63
C TRP A 52 0.19 4.03 -10.27
N LYS A 53 1.07 4.28 -11.24
CA LYS A 53 2.23 5.13 -11.02
C LYS A 53 2.39 6.14 -12.15
N GLY A 54 1.88 7.34 -11.95
CA GLY A 54 1.98 8.37 -12.97
C GLY A 54 1.14 8.07 -14.19
N HIS A 55 -0.18 7.97 -13.99
CA HIS A 55 -1.09 7.68 -15.08
C HIS A 55 -0.66 6.42 -15.83
N GLU A 56 -0.20 5.42 -15.08
CA GLU A 56 0.25 4.16 -15.68
C GLU A 56 -0.07 2.99 -14.74
N THR A 57 -0.53 1.89 -15.34
CA THR A 57 -0.86 0.70 -14.56
C THR A 57 0.36 -0.19 -14.37
N LEU A 58 0.67 -0.49 -13.11
CA LEU A 58 1.81 -1.34 -12.79
C LEU A 58 1.46 -2.81 -12.95
N ARG A 59 2.43 -3.68 -12.69
CA ARG A 59 2.22 -5.12 -12.79
C ARG A 59 3.04 -5.86 -11.74
N ASP A 60 2.87 -7.18 -11.69
CA ASP A 60 3.59 -8.02 -10.73
C ASP A 60 4.80 -8.67 -11.39
N GLY A 61 5.98 -8.36 -10.87
CA GLY A 61 7.20 -8.92 -11.42
C GLY A 61 8.26 -9.18 -10.35
N ASP A 62 9.49 -9.38 -10.78
CA ASP A 62 10.60 -9.63 -9.86
C ASP A 62 10.92 -8.38 -9.05
N ARG A 63 10.97 -7.23 -9.72
CA ARG A 63 11.27 -5.97 -9.07
C ARG A 63 10.10 -5.52 -8.20
N HIS A 64 8.90 -5.56 -8.76
CA HIS A 64 7.70 -5.15 -8.05
C HIS A 64 6.91 -6.37 -7.57
N SER A 65 6.72 -6.49 -6.27
CA SER A 65 5.98 -7.61 -5.69
C SER A 65 4.64 -7.14 -5.13
N LEU A 66 3.56 -7.52 -5.80
CA LEU A 66 2.22 -7.14 -5.36
C LEU A 66 1.56 -8.27 -4.57
N ARG A 67 1.20 -7.97 -3.33
CA ARG A 67 0.57 -8.95 -2.46
C ARG A 67 -0.74 -8.41 -1.89
N GLN A 68 -1.74 -9.28 -1.79
CA GLN A 68 -3.04 -8.88 -1.25
C GLN A 68 -3.59 -9.95 -0.31
N ASP A 69 -4.01 -9.52 0.88
CA ASP A 69 -4.55 -10.44 1.86
C ASP A 69 -5.74 -9.82 2.59
N GLY A 70 -6.95 -10.17 2.13
CA GLY A 70 -8.16 -9.64 2.73
C GLY A 70 -8.28 -8.13 2.55
N ALA A 71 -8.32 -7.42 3.67
CA ALA A 71 -8.44 -5.96 3.63
C ALA A 71 -7.09 -5.29 3.90
N ARG A 72 -6.02 -6.00 3.57
CA ARG A 72 -4.67 -5.47 3.78
C ARG A 72 -3.82 -5.66 2.53
N CYS A 73 -3.67 -4.58 1.76
CA CYS A 73 -2.89 -4.62 0.53
C CYS A 73 -1.49 -4.03 0.76
N GLU A 74 -0.51 -4.56 0.03
CA GLU A 74 0.86 -4.10 0.16
C GLU A 74 1.64 -4.32 -1.13
N LEU A 75 2.45 -3.33 -1.51
CA LEU A 75 3.24 -3.43 -2.73
C LEU A 75 4.72 -3.20 -2.43
N GLN A 76 5.51 -4.27 -2.50
CA GLN A 76 6.94 -4.19 -2.24
C GLN A 76 7.70 -3.81 -3.51
N ILE A 77 8.71 -2.97 -3.35
CA ILE A 77 9.52 -2.52 -4.48
C ILE A 77 11.01 -2.67 -4.18
N ARG A 78 11.67 -3.55 -4.92
CA ARG A 78 13.10 -3.79 -4.74
C ARG A 78 13.90 -3.12 -5.85
N GLY A 79 14.96 -2.43 -5.46
CA GLY A 79 15.81 -1.74 -6.42
C GLY A 79 15.70 -0.23 -6.31
N LEU A 80 15.37 0.25 -5.13
CA LEU A 80 15.24 1.69 -4.91
C LEU A 80 16.53 2.42 -5.25
N VAL A 81 16.54 3.06 -6.41
CA VAL A 81 17.72 3.80 -6.86
C VAL A 81 17.36 5.23 -7.24
N ALA A 82 16.19 5.41 -7.85
CA ALA A 82 15.73 6.73 -8.25
C ALA A 82 14.44 6.64 -9.08
N GLU A 83 14.29 5.53 -9.80
CA GLU A 83 13.12 5.31 -10.64
C GLU A 83 11.94 4.80 -9.81
N ASP A 84 12.25 4.04 -8.77
CA ASP A 84 11.23 3.49 -7.89
C ASP A 84 10.45 4.60 -7.19
N ALA A 85 11.10 5.76 -7.03
CA ALA A 85 10.48 6.90 -6.37
C ALA A 85 9.39 7.50 -7.25
N GLY A 86 8.28 7.90 -6.63
CA GLY A 86 7.18 8.49 -7.37
C GLY A 86 5.88 8.46 -6.59
N GLU A 87 4.77 8.66 -7.30
CA GLU A 87 3.46 8.66 -6.66
C GLU A 87 2.69 7.39 -7.00
N TYR A 88 2.43 6.57 -6.00
CA TYR A 88 1.71 5.32 -6.19
C TYR A 88 0.21 5.52 -5.98
N LEU A 89 -0.58 4.57 -6.46
CA LEU A 89 -2.03 4.63 -6.32
C LEU A 89 -2.60 3.30 -5.85
N CYS A 90 -3.90 3.27 -5.60
CA CYS A 90 -4.57 2.06 -5.13
C CYS A 90 -6.08 2.19 -5.24
N MET A 91 -6.61 1.96 -6.44
CA MET A 91 -8.04 2.06 -6.68
C MET A 91 -8.74 0.76 -6.31
N CYS A 92 -9.52 0.79 -5.23
CA CYS A 92 -10.24 -0.38 -4.78
C CYS A 92 -11.72 -0.28 -5.12
N GLY A 93 -12.13 -0.98 -6.18
CA GLY A 93 -13.52 -0.95 -6.60
C GLY A 93 -13.97 0.43 -7.04
N LYS A 94 -14.52 1.20 -6.11
CA LYS A 94 -14.99 2.54 -6.41
C LYS A 94 -14.05 3.59 -5.82
N GLU A 95 -13.59 3.35 -4.59
CA GLU A 95 -12.69 4.27 -3.91
C GLU A 95 -11.27 4.12 -4.44
N ARG A 96 -10.37 4.98 -3.98
CA ARG A 96 -8.98 4.95 -4.40
C ARG A 96 -8.11 5.82 -3.49
N THR A 97 -6.85 5.44 -3.35
CA THR A 97 -5.92 6.18 -2.50
C THR A 97 -4.52 6.18 -3.11
N SER A 98 -3.87 7.34 -3.07
CA SER A 98 -2.52 7.49 -3.62
C SER A 98 -1.58 8.09 -2.59
N ALA A 99 -0.29 7.83 -2.75
CA ALA A 99 0.72 8.34 -1.83
C ALA A 99 2.00 8.70 -2.58
N MET A 100 2.95 9.27 -1.85
CA MET A 100 4.24 9.66 -2.44
C MET A 100 5.39 8.95 -1.75
N LEU A 101 6.26 8.34 -2.55
CA LEU A 101 7.42 7.62 -2.01
C LEU A 101 8.70 8.43 -2.20
N THR A 102 9.63 8.29 -1.26
CA THR A 102 10.88 9.01 -1.32
C THR A 102 12.07 8.04 -1.29
N VAL A 103 13.12 8.38 -2.03
CA VAL A 103 14.32 7.54 -2.09
C VAL A 103 15.57 8.35 -1.78
N ARG A 104 16.08 8.18 -0.56
CA ARG A 104 17.28 8.89 -0.13
C ARG A 104 18.51 8.40 -0.91
N ALA A 105 19.67 8.95 -0.57
CA ALA A 105 20.92 8.57 -1.22
C ALA A 105 21.80 7.75 -0.29
N MET A 106 22.41 6.70 -0.83
CA MET A 106 23.28 5.83 -0.05
C MET A 106 24.34 6.64 0.67
N PRO A 107 24.94 6.04 1.71
CA PRO A 107 25.99 6.70 2.51
C PRO A 107 27.29 6.87 1.74
N SER A 108 27.58 8.09 1.33
CA SER A 108 28.79 8.38 0.59
C SER A 108 30.03 7.92 1.35
N GLY A 109 31.02 7.40 0.62
CA GLY A 109 32.24 6.93 1.25
C GLY A 109 33.29 8.02 1.36
N PRO A 110 34.45 7.68 1.94
CA PRO A 110 35.55 8.62 2.11
C PRO A 110 36.22 8.98 0.78
N SER A 111 35.73 10.04 0.15
CA SER A 111 36.27 10.49 -1.13
C SER A 111 36.93 11.86 -0.99
N SER A 112 36.15 12.84 -0.57
CA SER A 112 36.65 14.21 -0.40
C SER A 112 35.61 15.08 0.30
N GLY A 113 36.02 15.74 1.38
CA GLY A 113 35.12 16.60 2.12
C GLY A 113 34.48 15.90 3.31
N GLY A 1 -4.43 -25.11 24.59
CA GLY A 1 -4.63 -26.43 25.15
C GLY A 1 -6.08 -26.71 25.49
N SER A 2 -6.70 -27.59 24.70
CA SER A 2 -8.10 -27.94 24.92
C SER A 2 -8.26 -29.44 25.14
N SER A 3 -9.29 -29.82 25.89
CA SER A 3 -9.55 -31.22 26.18
C SER A 3 -9.91 -31.99 24.90
N GLY A 4 -10.78 -31.40 24.09
CA GLY A 4 -11.19 -32.04 22.85
C GLY A 4 -12.68 -31.94 22.61
N SER A 5 -13.10 -30.93 21.87
CA SER A 5 -14.51 -30.72 21.56
C SER A 5 -14.70 -29.68 20.47
N SER A 6 -15.95 -29.43 20.11
CA SER A 6 -16.26 -28.45 19.06
C SER A 6 -15.60 -28.83 17.75
N GLY A 7 -15.77 -27.98 16.74
CA GLY A 7 -15.17 -28.25 15.44
C GLY A 7 -15.53 -27.18 14.42
N ARG A 8 -16.82 -26.87 14.31
CA ARG A 8 -17.28 -25.87 13.36
C ARG A 8 -17.51 -24.53 14.06
N THR A 9 -16.42 -23.81 14.35
CA THR A 9 -16.51 -22.52 15.00
C THR A 9 -15.98 -21.40 14.11
N SER A 10 -16.14 -21.58 12.80
CA SER A 10 -15.69 -20.59 11.84
C SER A 10 -16.07 -21.00 10.41
N ALA A 11 -16.78 -20.11 9.74
CA ALA A 11 -17.22 -20.37 8.36
C ALA A 11 -17.69 -19.09 7.68
N MET A 12 -16.78 -18.42 6.99
CA MET A 12 -17.11 -17.18 6.29
C MET A 12 -16.93 -17.35 4.78
N LEU A 13 -17.68 -16.56 4.02
CA LEU A 13 -17.61 -16.61 2.56
C LEU A 13 -17.68 -15.21 1.96
N THR A 14 -17.26 -15.09 0.70
CA THR A 14 -17.26 -13.81 0.01
C THR A 14 -18.69 -13.29 -0.14
N VAL A 15 -18.80 -11.99 -0.44
CA VAL A 15 -20.11 -11.36 -0.61
C VAL A 15 -19.96 -9.92 -1.09
N ARG A 16 -20.83 -9.51 -2.01
CA ARG A 16 -20.80 -8.16 -2.54
C ARG A 16 -21.98 -7.34 -2.04
N ALA A 17 -21.84 -6.81 -0.83
CA ALA A 17 -22.90 -6.00 -0.22
C ALA A 17 -22.40 -4.60 0.09
N LEU A 18 -23.11 -3.60 -0.42
CA LEU A 18 -22.74 -2.20 -0.18
C LEU A 18 -21.37 -1.90 -0.79
N PRO A 19 -21.10 -0.60 -1.00
CA PRO A 19 -19.83 -0.14 -1.56
C PRO A 19 -18.66 -0.34 -0.60
N ILE A 20 -17.47 0.07 -1.03
CA ILE A 20 -16.28 -0.06 -0.21
C ILE A 20 -15.44 1.22 -0.25
N LYS A 21 -14.83 1.55 0.87
CA LYS A 21 -14.00 2.74 0.97
C LYS A 21 -12.64 2.42 1.58
N PHE A 22 -11.82 3.45 1.80
CA PHE A 22 -10.50 3.27 2.37
C PHE A 22 -10.47 3.72 3.83
N THR A 23 -9.98 2.85 4.70
CA THR A 23 -9.89 3.15 6.13
C THR A 23 -8.51 3.66 6.50
N GLU A 24 -7.48 3.08 5.88
CA GLU A 24 -6.11 3.47 6.16
C GLU A 24 -5.33 3.64 4.86
N GLY A 25 -5.64 4.69 4.11
CA GLY A 25 -4.95 4.94 2.86
C GLY A 25 -3.44 4.98 3.02
N LEU A 26 -2.73 4.98 1.89
CA LEU A 26 -1.27 5.02 1.92
C LEU A 26 -0.76 6.23 2.70
N ARG A 27 0.55 6.33 2.82
CA ARG A 27 1.16 7.45 3.53
C ARG A 27 2.56 7.73 3.00
N ASN A 28 3.01 8.98 3.15
CA ASN A 28 4.34 9.38 2.69
C ASN A 28 5.42 8.54 3.35
N GLU A 29 6.04 7.66 2.57
CA GLU A 29 7.11 6.79 3.08
C GLU A 29 8.45 7.16 2.47
N GLU A 30 9.52 6.97 3.23
CA GLU A 30 10.87 7.28 2.77
C GLU A 30 11.81 6.10 2.98
N ALA A 31 12.55 5.76 1.94
CA ALA A 31 13.49 4.64 2.01
C ALA A 31 14.88 5.07 1.55
N THR A 32 15.86 4.19 1.74
CA THR A 32 17.24 4.48 1.34
C THR A 32 17.57 3.81 0.00
N GLU A 33 18.41 4.47 -0.78
CA GLU A 33 18.80 3.93 -2.09
C GLU A 33 19.47 2.57 -1.94
N GLY A 34 19.08 1.62 -2.78
CA GLY A 34 19.65 0.30 -2.73
C GLY A 34 19.01 -0.57 -1.65
N ALA A 35 17.80 -0.21 -1.24
CA ALA A 35 17.08 -0.96 -0.22
C ALA A 35 15.70 -1.38 -0.73
N THR A 36 14.90 -1.92 0.18
CA THR A 36 13.55 -2.37 -0.16
C THR A 36 12.49 -1.53 0.54
N ALA A 37 11.49 -1.10 -0.22
CA ALA A 37 10.40 -0.29 0.33
C ALA A 37 9.04 -0.85 -0.07
N VAL A 38 8.21 -1.13 0.93
CA VAL A 38 6.88 -1.68 0.69
C VAL A 38 5.80 -0.77 1.28
N LEU A 39 4.88 -0.33 0.44
CA LEU A 39 3.79 0.55 0.87
C LEU A 39 2.67 -0.27 1.51
N ARG A 40 2.04 0.30 2.54
CA ARG A 40 0.94 -0.36 3.22
C ARG A 40 -0.36 0.41 3.04
N CYS A 41 -1.45 -0.32 2.82
CA CYS A 41 -2.76 0.30 2.63
C CYS A 41 -3.88 -0.66 3.01
N GLU A 42 -4.83 -0.19 3.79
CA GLU A 42 -5.96 -1.00 4.22
C GLU A 42 -7.25 -0.54 3.57
N LEU A 43 -8.27 -1.41 3.60
CA LEU A 43 -9.56 -1.08 3.02
C LEU A 43 -10.68 -1.31 4.02
N SER A 44 -11.90 -0.96 3.62
CA SER A 44 -13.07 -1.12 4.49
C SER A 44 -13.59 -2.55 4.43
N LYS A 45 -13.39 -3.20 3.29
CA LYS A 45 -13.85 -4.58 3.10
C LYS A 45 -13.03 -5.28 2.02
N MET A 46 -12.92 -6.59 2.13
CA MET A 46 -12.17 -7.38 1.16
C MET A 46 -12.64 -7.07 -0.26
N ALA A 47 -11.68 -6.77 -1.14
CA ALA A 47 -12.00 -6.47 -2.53
C ALA A 47 -10.72 -6.26 -3.34
N PRO A 48 -10.85 -6.38 -4.68
CA PRO A 48 -9.72 -6.20 -5.60
C PRO A 48 -9.25 -4.76 -5.66
N VAL A 49 -7.93 -4.58 -5.77
CA VAL A 49 -7.35 -3.24 -5.85
C VAL A 49 -6.41 -3.13 -7.05
N GLU A 50 -6.21 -1.89 -7.52
CA GLU A 50 -5.34 -1.65 -8.66
C GLU A 50 -4.31 -0.56 -8.34
N TRP A 51 -3.04 -0.89 -8.52
CA TRP A 51 -1.96 0.06 -8.26
C TRP A 51 -1.66 0.91 -9.48
N TRP A 52 -1.58 2.22 -9.28
CA TRP A 52 -1.29 3.14 -10.38
C TRP A 52 -0.19 4.13 -9.98
N LYS A 53 0.75 4.34 -10.89
CA LYS A 53 1.85 5.26 -10.64
C LYS A 53 2.06 6.20 -11.83
N GLY A 54 1.44 7.38 -11.76
CA GLY A 54 1.58 8.35 -12.83
C GLY A 54 0.76 7.97 -14.06
N HIS A 55 -0.53 7.76 -13.85
CA HIS A 55 -1.43 7.39 -14.95
C HIS A 55 -0.94 6.12 -15.64
N GLU A 56 -0.27 5.25 -14.87
CA GLU A 56 0.24 4.00 -15.40
C GLU A 56 -0.04 2.84 -14.46
N THR A 57 -0.41 1.70 -15.01
CA THR A 57 -0.70 0.52 -14.22
C THR A 57 0.56 -0.29 -13.93
N LEU A 58 0.76 -0.65 -12.67
CA LEU A 58 1.93 -1.43 -12.27
C LEU A 58 1.66 -2.92 -12.41
N ARG A 59 2.72 -3.69 -12.64
CA ARG A 59 2.60 -5.14 -12.80
C ARG A 59 3.33 -5.86 -11.66
N ASP A 60 3.02 -7.15 -11.50
CA ASP A 60 3.64 -7.95 -10.46
C ASP A 60 4.73 -8.84 -11.04
N GLY A 61 5.87 -8.93 -10.33
CA GLY A 61 6.97 -9.75 -10.79
C GLY A 61 8.11 -9.79 -9.80
N ASP A 62 9.33 -9.63 -10.30
CA ASP A 62 10.51 -9.66 -9.45
C ASP A 62 10.79 -8.27 -8.87
N ARG A 63 11.09 -7.32 -9.76
CA ARG A 63 11.38 -5.96 -9.33
C ARG A 63 10.28 -5.42 -8.43
N HIS A 64 9.06 -5.88 -8.65
CA HIS A 64 7.92 -5.44 -7.85
C HIS A 64 7.13 -6.64 -7.34
N SER A 65 6.69 -6.56 -6.09
CA SER A 65 5.92 -7.64 -5.48
C SER A 65 4.57 -7.13 -4.98
N LEU A 66 3.52 -7.92 -5.23
CA LEU A 66 2.18 -7.55 -4.82
C LEU A 66 1.58 -8.61 -3.89
N ARG A 67 1.05 -8.16 -2.76
CA ARG A 67 0.45 -9.07 -1.78
C ARG A 67 -0.91 -8.55 -1.31
N GLN A 68 -1.88 -9.45 -1.22
CA GLN A 68 -3.22 -9.08 -0.78
C GLN A 68 -3.77 -10.10 0.21
N ASP A 69 -4.18 -9.62 1.37
CA ASP A 69 -4.74 -10.49 2.41
C ASP A 69 -6.05 -9.93 2.95
N GLY A 70 -7.14 -10.21 2.25
CA GLY A 70 -8.44 -9.72 2.68
C GLY A 70 -8.58 -8.23 2.51
N ALA A 71 -8.37 -7.48 3.59
CA ALA A 71 -8.48 -6.03 3.56
C ALA A 71 -7.10 -5.38 3.56
N ARG A 72 -6.14 -6.06 4.17
CA ARG A 72 -4.77 -5.55 4.26
C ARG A 72 -3.99 -5.88 2.99
N CYS A 73 -3.52 -4.84 2.31
CA CYS A 73 -2.75 -5.03 1.08
C CYS A 73 -1.31 -4.55 1.26
N GLU A 74 -0.41 -5.08 0.44
CA GLU A 74 1.00 -4.71 0.50
C GLU A 74 1.65 -4.77 -0.87
N LEU A 75 2.56 -3.84 -1.12
CA LEU A 75 3.25 -3.78 -2.41
C LEU A 75 4.74 -3.48 -2.21
N GLN A 76 5.58 -4.49 -2.40
CA GLN A 76 7.01 -4.33 -2.25
C GLN A 76 7.65 -3.82 -3.54
N ILE A 77 8.64 -2.96 -3.40
CA ILE A 77 9.34 -2.40 -4.56
C ILE A 77 10.85 -2.54 -4.42
N ARG A 78 11.40 -3.57 -5.05
CA ARG A 78 12.84 -3.81 -4.99
C ARG A 78 13.56 -3.10 -6.13
N GLY A 79 14.65 -2.42 -5.81
CA GLY A 79 15.41 -1.71 -6.82
C GLY A 79 15.33 -0.20 -6.65
N LEU A 80 15.17 0.25 -5.41
CA LEU A 80 15.08 1.67 -5.12
C LEU A 80 16.35 2.41 -5.54
N VAL A 81 16.29 3.10 -6.67
CA VAL A 81 17.44 3.84 -7.17
C VAL A 81 17.07 5.29 -7.46
N ALA A 82 15.87 5.49 -8.00
CA ALA A 82 15.40 6.83 -8.32
C ALA A 82 14.06 6.77 -9.08
N GLU A 83 13.86 5.68 -9.82
CA GLU A 83 12.64 5.51 -10.59
C GLU A 83 11.51 5.00 -9.70
N ASP A 84 11.86 4.23 -8.68
CA ASP A 84 10.87 3.68 -7.76
C ASP A 84 10.16 4.79 -7.00
N ALA A 85 10.83 5.93 -6.86
CA ALA A 85 10.25 7.07 -6.16
C ALA A 85 9.16 7.73 -6.98
N GLY A 86 8.25 8.43 -6.32
CA GLY A 86 7.17 9.10 -7.01
C GLY A 86 5.85 9.00 -6.26
N GLU A 87 4.76 9.31 -6.95
CA GLU A 87 3.44 9.27 -6.33
C GLU A 87 2.71 7.96 -6.69
N TYR A 88 2.37 7.19 -5.67
CA TYR A 88 1.68 5.92 -5.87
C TYR A 88 0.18 6.07 -5.69
N LEU A 89 -0.58 5.08 -6.13
CA LEU A 89 -2.03 5.11 -6.03
C LEU A 89 -2.59 3.70 -5.80
N CYS A 90 -3.86 3.64 -5.41
CA CYS A 90 -4.51 2.35 -5.17
C CYS A 90 -6.03 2.50 -5.19
N MET A 91 -6.61 2.29 -6.37
CA MET A 91 -8.05 2.41 -6.53
C MET A 91 -8.74 1.07 -6.22
N CYS A 92 -9.86 1.13 -5.52
CA CYS A 92 -10.61 -0.07 -5.16
C CYS A 92 -12.09 0.11 -5.44
N GLY A 93 -12.50 -0.27 -6.64
CA GLY A 93 -13.90 -0.14 -7.02
C GLY A 93 -14.29 1.29 -7.33
N LYS A 94 -14.44 2.10 -6.29
CA LYS A 94 -14.81 3.50 -6.45
C LYS A 94 -13.81 4.42 -5.77
N GLU A 95 -13.54 4.14 -4.49
CA GLU A 95 -12.60 4.94 -3.72
C GLU A 95 -11.16 4.64 -4.15
N ARG A 96 -10.21 5.38 -3.58
CA ARG A 96 -8.80 5.21 -3.89
C ARG A 96 -7.91 5.93 -2.88
N THR A 97 -6.61 5.70 -2.98
CA THR A 97 -5.66 6.32 -2.08
C THR A 97 -4.30 6.50 -2.74
N SER A 98 -3.68 7.66 -2.52
CA SER A 98 -2.38 7.96 -3.10
C SER A 98 -1.37 8.34 -2.02
N ALA A 99 -0.08 8.26 -2.35
CA ALA A 99 0.97 8.60 -1.41
C ALA A 99 2.23 9.04 -2.15
N MET A 100 3.15 9.68 -1.41
CA MET A 100 4.40 10.15 -1.99
C MET A 100 5.58 9.36 -1.44
N LEU A 101 6.27 8.65 -2.33
CA LEU A 101 7.44 7.86 -1.93
C LEU A 101 8.73 8.60 -2.24
N THR A 102 9.67 8.53 -1.32
CA THR A 102 10.97 9.19 -1.49
C THR A 102 12.11 8.19 -1.39
N VAL A 103 13.17 8.44 -2.16
CA VAL A 103 14.34 7.56 -2.16
C VAL A 103 15.61 8.34 -1.86
N ARG A 104 16.12 8.19 -0.65
CA ARG A 104 17.33 8.88 -0.24
C ARG A 104 18.54 8.37 -1.01
N ALA A 105 19.70 8.95 -0.75
CA ALA A 105 20.93 8.55 -1.42
C ALA A 105 21.89 7.85 -0.46
N MET A 106 22.51 6.78 -0.93
CA MET A 106 23.45 6.02 -0.11
C MET A 106 24.56 6.92 0.42
N PRO A 107 25.24 6.46 1.49
CA PRO A 107 26.33 7.21 2.12
C PRO A 107 27.58 7.27 1.22
N SER A 108 28.20 8.44 1.17
CA SER A 108 29.39 8.63 0.35
C SER A 108 30.65 8.61 1.21
N GLY A 109 30.76 7.59 2.07
CA GLY A 109 31.91 7.47 2.93
C GLY A 109 31.69 6.50 4.07
N PRO A 110 32.63 6.48 5.03
CA PRO A 110 32.54 5.58 6.19
C PRO A 110 31.43 5.99 7.16
N SER A 111 31.34 5.28 8.27
CA SER A 111 30.31 5.56 9.27
C SER A 111 30.76 5.08 10.65
N SER A 112 31.31 3.87 10.70
CA SER A 112 31.78 3.29 11.96
C SER A 112 32.91 4.13 12.56
N GLY A 113 32.88 4.30 13.87
CA GLY A 113 33.90 5.07 14.54
C GLY A 113 34.39 4.41 15.81
#